data_3GQS
# 
_entry.id   3GQS 
# 
_audit_conform.dict_name       mmcif_pdbx.dic 
_audit_conform.dict_version    5.378 
_audit_conform.dict_location   http://mmcif.pdb.org/dictionaries/ascii/mmcif_pdbx.dic 
# 
loop_
_database_2.database_id 
_database_2.database_code 
_database_2.pdbx_database_accession 
_database_2.pdbx_DOI 
PDB   3GQS         pdb_00003gqs 10.2210/pdb3gqs/pdb 
RCSB  RCSB052197   ?            ?                   
WWPDB D_1000052197 ?            ?                   
# 
_pdbx_database_related.db_name        TargetDB 
_pdbx_database_related.db_id          APC7925 
_pdbx_database_related.details        . 
_pdbx_database_related.content_type   unspecified 
# 
_pdbx_database_status.status_code                     REL 
_pdbx_database_status.entry_id                        3GQS 
_pdbx_database_status.recvd_initial_deposition_date   2009-03-24 
_pdbx_database_status.deposit_site                    RCSB 
_pdbx_database_status.process_site                    RCSB 
_pdbx_database_status.status_code_sf                  REL 
_pdbx_database_status.status_code_mr                  ? 
_pdbx_database_status.SG_entry                        Y 
_pdbx_database_status.pdb_format_compatible           Y 
_pdbx_database_status.status_code_cs                  ? 
_pdbx_database_status.status_code_nmr_data            ? 
_pdbx_database_status.methods_development_category    ? 
# 
loop_
_audit_author.name 
_audit_author.pdbx_ordinal 
_audit_author.identifier_ORCID 
'Majorek, K.A.'                                 1  ?                   
'Cymborowski, M.'                               2  ?                   
'Chruszcz, M.'                                  3  ?                   
'Evdokimova, E.'                                4  ?                   
'Egorova, O.'                                   5  ?                   
'Di Leo, R.'                                    6  ?                   
'Zimmerman, M.D.'                               7  ?                   
'Savchenko, A.'                                 8  ?                   
'Joachimiak, A.'                                9  ?                   
'Edwards, A.M.'                                 10 ?                   
'Minor, W.'                                     11 0000-0001-7075-7090 
'Midwest Center for Structural Genomics (MCSG)' 12 ?                   
# 
_citation.id                        primary 
_citation.title                     'Crystal structure of the FHA domain of CT664 protein from Chlamydia trachomatis' 
_citation.journal_abbrev            'To be Published' 
_citation.journal_volume            ? 
_citation.page_first                ? 
_citation.page_last                 ? 
_citation.year                      ? 
_citation.journal_id_ASTM           ? 
_citation.country                   ? 
_citation.journal_id_ISSN           ? 
_citation.journal_id_CSD            0353 
_citation.book_publisher            ? 
_citation.pdbx_database_id_PubMed   ? 
_citation.pdbx_database_id_DOI      ? 
# 
loop_
_citation_author.citation_id 
_citation_author.name 
_citation_author.ordinal 
_citation_author.identifier_ORCID 
primary 'Majorek, K.A.'   1  ?                   
primary 'Cymborowski, M.' 2  ?                   
primary 'Chruszcz, M.'    3  ?                   
primary 'Evdokimova, E.'  4  ?                   
primary 'Egorova, O.'     5  ?                   
primary 'Di Leo, R.'      6  ?                   
primary 'Zimmerman, M.D.' 7  ?                   
primary 'Savchenko, A.'   8  ?                   
primary 'Joachimiak, A.'  9  ?                   
primary 'Edwards, A.M.'   10 ?                   
primary 'Minor, W.'       11 0000-0001-7075-7090 
# 
_cell.entry_id           3GQS 
_cell.length_a           49.387 
_cell.length_b           86.475 
_cell.length_c           94.592 
_cell.angle_alpha        90.00 
_cell.angle_beta         90.00 
_cell.angle_gamma        90.00 
_cell.Z_PDB              16 
_cell.pdbx_unique_axis   ? 
_cell.length_a_esd       ? 
_cell.length_b_esd       ? 
_cell.length_c_esd       ? 
_cell.angle_alpha_esd    ? 
_cell.angle_beta_esd     ? 
_cell.angle_gamma_esd    ? 
# 
_symmetry.entry_id                         3GQS 
_symmetry.space_group_name_H-M             'C 2 2 21' 
_symmetry.pdbx_full_space_group_name_H-M   ? 
_symmetry.cell_setting                     ? 
_symmetry.Int_Tables_number                20 
_symmetry.space_group_name_Hall            ? 
# 
loop_
_entity.id 
_entity.type 
_entity.src_method 
_entity.pdbx_description 
_entity.formula_weight 
_entity.pdbx_number_of_molecules 
_entity.pdbx_ec 
_entity.pdbx_mutation 
_entity.pdbx_fragment 
_entity.details 
1 polymer     man 'Adenylate cyclase-like protein' 11269.789 2  ? ? 'UNP residues 380-485' ? 
2 non-polymer syn 'PHOSPHATE ION'                  94.971    1  ? ? ?                      ? 
3 water       nat water                            18.015    80 ? ? ?                      ? 
# 
_entity_poly.entity_id                      1 
_entity_poly.type                           'polypeptide(L)' 
_entity_poly.nstd_linkage                   no 
_entity_poly.nstd_monomer                   no 
_entity_poly.pdbx_seq_one_letter_code       
;QPSRFLLKVLAGANIGAEFHLDSGKTYIVGSDPQVADIVLSDMSISRQHAKIIIGNDNSVLIEDLGSKNGVIVEGRKIEH
QSTLSANQVVALGTTLFLLVDYAAPS
;
_entity_poly.pdbx_seq_one_letter_code_can   
;QPSRFLLKVLAGANIGAEFHLDSGKTYIVGSDPQVADIVLSDMSISRQHAKIIIGNDNSVLIEDLGSKNGVIVEGRKIEH
QSTLSANQVVALGTTLFLLVDYAAPS
;
_entity_poly.pdbx_strand_id                 A,B 
_entity_poly.pdbx_target_identifier         APC7925 
# 
loop_
_entity_poly_seq.entity_id 
_entity_poly_seq.num 
_entity_poly_seq.mon_id 
_entity_poly_seq.hetero 
1 1   GLN n 
1 2   PRO n 
1 3   SER n 
1 4   ARG n 
1 5   PHE n 
1 6   LEU n 
1 7   LEU n 
1 8   LYS n 
1 9   VAL n 
1 10  LEU n 
1 11  ALA n 
1 12  GLY n 
1 13  ALA n 
1 14  ASN n 
1 15  ILE n 
1 16  GLY n 
1 17  ALA n 
1 18  GLU n 
1 19  PHE n 
1 20  HIS n 
1 21  LEU n 
1 22  ASP n 
1 23  SER n 
1 24  GLY n 
1 25  LYS n 
1 26  THR n 
1 27  TYR n 
1 28  ILE n 
1 29  VAL n 
1 30  GLY n 
1 31  SER n 
1 32  ASP n 
1 33  PRO n 
1 34  GLN n 
1 35  VAL n 
1 36  ALA n 
1 37  ASP n 
1 38  ILE n 
1 39  VAL n 
1 40  LEU n 
1 41  SER n 
1 42  ASP n 
1 43  MET n 
1 44  SER n 
1 45  ILE n 
1 46  SER n 
1 47  ARG n 
1 48  GLN n 
1 49  HIS n 
1 50  ALA n 
1 51  LYS n 
1 52  ILE n 
1 53  ILE n 
1 54  ILE n 
1 55  GLY n 
1 56  ASN n 
1 57  ASP n 
1 58  ASN n 
1 59  SER n 
1 60  VAL n 
1 61  LEU n 
1 62  ILE n 
1 63  GLU n 
1 64  ASP n 
1 65  LEU n 
1 66  GLY n 
1 67  SER n 
1 68  LYS n 
1 69  ASN n 
1 70  GLY n 
1 71  VAL n 
1 72  ILE n 
1 73  VAL n 
1 74  GLU n 
1 75  GLY n 
1 76  ARG n 
1 77  LYS n 
1 78  ILE n 
1 79  GLU n 
1 80  HIS n 
1 81  GLN n 
1 82  SER n 
1 83  THR n 
1 84  LEU n 
1 85  SER n 
1 86  ALA n 
1 87  ASN n 
1 88  GLN n 
1 89  VAL n 
1 90  VAL n 
1 91  ALA n 
1 92  LEU n 
1 93  GLY n 
1 94  THR n 
1 95  THR n 
1 96  LEU n 
1 97  PHE n 
1 98  LEU n 
1 99  LEU n 
1 100 VAL n 
1 101 ASP n 
1 102 TYR n 
1 103 ALA n 
1 104 ALA n 
1 105 PRO n 
1 106 SER n 
# 
_entity_src_gen.entity_id                          1 
_entity_src_gen.pdbx_src_id                        1 
_entity_src_gen.pdbx_alt_source_flag               sample 
_entity_src_gen.pdbx_seq_type                      ? 
_entity_src_gen.pdbx_beg_seq_num                   ? 
_entity_src_gen.pdbx_end_seq_num                   ? 
_entity_src_gen.gene_src_common_name               ? 
_entity_src_gen.gene_src_genus                     ? 
_entity_src_gen.pdbx_gene_src_gene                 'CT664, CT_664' 
_entity_src_gen.gene_src_species                   ? 
_entity_src_gen.gene_src_strain                    D/UW-3/CX 
_entity_src_gen.gene_src_tissue                    ? 
_entity_src_gen.gene_src_tissue_fraction           ? 
_entity_src_gen.gene_src_details                   ? 
_entity_src_gen.pdbx_gene_src_fragment             ? 
_entity_src_gen.pdbx_gene_src_scientific_name      'Chlamydia trachomatis' 
_entity_src_gen.pdbx_gene_src_ncbi_taxonomy_id     272561 
_entity_src_gen.pdbx_gene_src_variant              ? 
_entity_src_gen.pdbx_gene_src_cell_line            ? 
_entity_src_gen.pdbx_gene_src_atcc                 ? 
_entity_src_gen.pdbx_gene_src_organ                ? 
_entity_src_gen.pdbx_gene_src_organelle            ? 
_entity_src_gen.pdbx_gene_src_cell                 ? 
_entity_src_gen.pdbx_gene_src_cellular_location    ? 
_entity_src_gen.host_org_common_name               ? 
_entity_src_gen.pdbx_host_org_scientific_name      'Escherichia coli' 
_entity_src_gen.pdbx_host_org_ncbi_taxonomy_id     562 
_entity_src_gen.host_org_genus                     ? 
_entity_src_gen.pdbx_host_org_gene                 ? 
_entity_src_gen.pdbx_host_org_organ                ? 
_entity_src_gen.host_org_species                   ? 
_entity_src_gen.pdbx_host_org_tissue               ? 
_entity_src_gen.pdbx_host_org_tissue_fraction      ? 
_entity_src_gen.pdbx_host_org_strain               'BL21-Gold(DE3)' 
_entity_src_gen.pdbx_host_org_variant              ? 
_entity_src_gen.pdbx_host_org_cell_line            ? 
_entity_src_gen.pdbx_host_org_atcc                 ? 
_entity_src_gen.pdbx_host_org_culture_collection   ? 
_entity_src_gen.pdbx_host_org_cell                 ? 
_entity_src_gen.pdbx_host_org_organelle            ? 
_entity_src_gen.pdbx_host_org_cellular_location    ? 
_entity_src_gen.pdbx_host_org_vector_type          plasmid 
_entity_src_gen.pdbx_host_org_vector               ? 
_entity_src_gen.host_org_details                   ? 
_entity_src_gen.expression_system_id               ? 
_entity_src_gen.plasmid_name                       'p15Tv lic' 
_entity_src_gen.plasmid_details                    ? 
_entity_src_gen.pdbx_description                   ? 
# 
_struct_ref.id                         1 
_struct_ref.db_name                    UNP 
_struct_ref.db_code                    O84671_CHLTR 
_struct_ref.pdbx_db_accession          O84671 
_struct_ref.entity_id                  1 
_struct_ref.pdbx_seq_one_letter_code   
;QPSRFLLKVLAGANIGAEFHLDSGKTYIVGSDPQVADIVLSDMSISRQHAKIIIGNDNSVLIEDLGSKNGVIVEGRKIEH
QSTLSANQVVALGTTLFLLVDYAAPS
;
_struct_ref.pdbx_align_begin           380 
_struct_ref.pdbx_db_isoform            ? 
# 
loop_
_struct_ref_seq.align_id 
_struct_ref_seq.ref_id 
_struct_ref_seq.pdbx_PDB_id_code 
_struct_ref_seq.pdbx_strand_id 
_struct_ref_seq.seq_align_beg 
_struct_ref_seq.pdbx_seq_align_beg_ins_code 
_struct_ref_seq.seq_align_end 
_struct_ref_seq.pdbx_seq_align_end_ins_code 
_struct_ref_seq.pdbx_db_accession 
_struct_ref_seq.db_align_beg 
_struct_ref_seq.pdbx_db_align_beg_ins_code 
_struct_ref_seq.db_align_end 
_struct_ref_seq.pdbx_db_align_end_ins_code 
_struct_ref_seq.pdbx_auth_seq_align_beg 
_struct_ref_seq.pdbx_auth_seq_align_end 
1 1 3GQS A 1 ? 106 ? O84671 380 ? 485 ? 1 106 
2 1 3GQS B 1 ? 106 ? O84671 380 ? 485 ? 1 106 
# 
loop_
_chem_comp.id 
_chem_comp.type 
_chem_comp.mon_nstd_flag 
_chem_comp.name 
_chem_comp.pdbx_synonyms 
_chem_comp.formula 
_chem_comp.formula_weight 
ALA 'L-peptide linking' y ALANINE         ? 'C3 H7 N O2'     89.093  
ARG 'L-peptide linking' y ARGININE        ? 'C6 H15 N4 O2 1' 175.209 
ASN 'L-peptide linking' y ASPARAGINE      ? 'C4 H8 N2 O3'    132.118 
ASP 'L-peptide linking' y 'ASPARTIC ACID' ? 'C4 H7 N O4'     133.103 
GLN 'L-peptide linking' y GLUTAMINE       ? 'C5 H10 N2 O3'   146.144 
GLU 'L-peptide linking' y 'GLUTAMIC ACID' ? 'C5 H9 N O4'     147.129 
GLY 'peptide linking'   y GLYCINE         ? 'C2 H5 N O2'     75.067  
HIS 'L-peptide linking' y HISTIDINE       ? 'C6 H10 N3 O2 1' 156.162 
HOH non-polymer         . WATER           ? 'H2 O'           18.015  
ILE 'L-peptide linking' y ISOLEUCINE      ? 'C6 H13 N O2'    131.173 
LEU 'L-peptide linking' y LEUCINE         ? 'C6 H13 N O2'    131.173 
LYS 'L-peptide linking' y LYSINE          ? 'C6 H15 N2 O2 1' 147.195 
MET 'L-peptide linking' y METHIONINE      ? 'C5 H11 N O2 S'  149.211 
PHE 'L-peptide linking' y PHENYLALANINE   ? 'C9 H11 N O2'    165.189 
PO4 non-polymer         . 'PHOSPHATE ION' ? 'O4 P -3'        94.971  
PRO 'L-peptide linking' y PROLINE         ? 'C5 H9 N O2'     115.130 
SER 'L-peptide linking' y SERINE          ? 'C3 H7 N O3'     105.093 
THR 'L-peptide linking' y THREONINE       ? 'C4 H9 N O3'     119.119 
TYR 'L-peptide linking' y TYROSINE        ? 'C9 H11 N O3'    181.189 
VAL 'L-peptide linking' y VALINE          ? 'C5 H11 N O2'    117.146 
# 
_exptl.entry_id          3GQS 
_exptl.method            'X-RAY DIFFRACTION' 
_exptl.crystals_number   1 
# 
_exptl_crystal.id                    1 
_exptl_crystal.density_meas          ? 
_exptl_crystal.density_Matthews      2.24 
_exptl_crystal.density_percent_sol   45.10 
_exptl_crystal.description           ? 
_exptl_crystal.F_000                 ? 
_exptl_crystal.preparation           ? 
# 
_exptl_crystal_grow.crystal_id      1 
_exptl_crystal_grow.method          'VAPOR DIFFUSION' 
_exptl_crystal_grow.temp            293 
_exptl_crystal_grow.temp_details    ? 
_exptl_crystal_grow.pH              ? 
_exptl_crystal_grow.pdbx_details    '0.2M Na di-Hydrogen phosphate, 20% PEG 3350, VAPOR DIFFUSION, temperature 293K' 
_exptl_crystal_grow.pdbx_pH_range   ? 
# 
_diffrn.id                     1 
_diffrn.ambient_temp           100 
_diffrn.ambient_temp_details   ? 
_diffrn.crystal_id             1 
# 
_diffrn_detector.diffrn_id              1 
_diffrn_detector.detector               CCD 
_diffrn_detector.type                   SBC-3 
_diffrn_detector.pdbx_collection_date   2008-11-19 
_diffrn_detector.details                mirrors 
# 
_diffrn_radiation.diffrn_id                        1 
_diffrn_radiation.wavelength_id                    1 
_diffrn_radiation.pdbx_monochromatic_or_laue_m_l   M 
_diffrn_radiation.monochromator                    'Si(111) CHANNEL' 
_diffrn_radiation.pdbx_diffrn_protocol             'SINGLE WAVELENGTH' 
_diffrn_radiation.pdbx_scattering_type             x-ray 
# 
_diffrn_radiation_wavelength.id           1 
_diffrn_radiation_wavelength.wavelength   0.9794 
_diffrn_radiation_wavelength.wt           1.0 
# 
_diffrn_source.diffrn_id                   1 
_diffrn_source.source                      SYNCHROTRON 
_diffrn_source.type                        'APS BEAMLINE 19-BM' 
_diffrn_source.pdbx_synchrotron_site       APS 
_diffrn_source.pdbx_synchrotron_beamline   19-BM 
_diffrn_source.pdbx_wavelength             ? 
_diffrn_source.pdbx_wavelength_list        0.9794 
# 
_reflns.entry_id                     3GQS 
_reflns.observed_criterion_sigma_I   -3 
_reflns.observed_criterion_sigma_F   ? 
_reflns.d_resolution_low             31.770 
_reflns.d_resolution_high            2.020 
_reflns.number_obs                   13892 
_reflns.number_all                   13892 
_reflns.percent_possible_obs         98.3 
_reflns.pdbx_Rmerge_I_obs            0.529 
_reflns.pdbx_Rsym_value              0.529 
_reflns.pdbx_netI_over_sigmaI        24.379 
_reflns.B_iso_Wilson_estimate        ? 
_reflns.pdbx_redundancy              6.9 
_reflns.R_free_details               ? 
_reflns.limit_h_max                  ? 
_reflns.limit_h_min                  ? 
_reflns.limit_k_max                  ? 
_reflns.limit_k_min                  ? 
_reflns.limit_l_max                  ? 
_reflns.limit_l_min                  ? 
_reflns.observed_criterion_F_max     ? 
_reflns.observed_criterion_F_min     ? 
_reflns.pdbx_chi_squared             ? 
_reflns.pdbx_scaling_rejects         ? 
_reflns.pdbx_ordinal                 1 
_reflns.pdbx_diffrn_id               1 
# 
_reflns_shell.d_res_high             2.02 
_reflns_shell.d_res_low              2.05 
_reflns_shell.percent_possible_all   89.0 
_reflns_shell.Rmerge_I_obs           ? 
_reflns_shell.pdbx_Rsym_value        ? 
_reflns_shell.meanI_over_sigI_obs    1.3 
_reflns_shell.pdbx_redundancy        4.1 
_reflns_shell.percent_possible_obs   ? 
_reflns_shell.number_unique_all      ? 
_reflns_shell.number_measured_all    ? 
_reflns_shell.number_measured_obs    ? 
_reflns_shell.number_unique_obs      ? 
_reflns_shell.pdbx_chi_squared       ? 
_reflns_shell.pdbx_ordinal           1 
_reflns_shell.pdbx_diffrn_id         1 
# 
_refine.entry_id                                 3GQS 
_refine.ls_number_reflns_obs                     9952 
_refine.ls_number_reflns_all                     9952 
_refine.pdbx_ls_sigma_I                          0 
_refine.pdbx_ls_sigma_F                          0 
_refine.pdbx_data_cutoff_high_absF               ? 
_refine.pdbx_data_cutoff_low_absF                ? 
_refine.pdbx_data_cutoff_high_rms_absF           ? 
_refine.ls_d_res_low                             31.77 
_refine.ls_d_res_high                            2.20 
_refine.ls_percent_reflns_obs                    98.39 
_refine.ls_R_factor_obs                          0.19675 
_refine.ls_R_factor_all                          0.19675 
_refine.ls_R_factor_R_work                       0.19442 
_refine.ls_R_factor_R_free                       0.24419 
_refine.ls_R_factor_R_free_error                 ? 
_refine.ls_R_factor_R_free_error_details         ? 
_refine.ls_percent_reflns_R_free                 4.8 
_refine.ls_number_reflns_R_free                  499 
_refine.ls_number_parameters                     ? 
_refine.ls_number_restraints                     ? 
_refine.occupancy_min                            ? 
_refine.occupancy_max                            ? 
_refine.correlation_coeff_Fo_to_Fc               0.956 
_refine.correlation_coeff_Fo_to_Fc_free          0.929 
_refine.B_iso_mean                               26.347 
_refine.aniso_B[1][1]                            2.37 
_refine.aniso_B[2][2]                            -0.85 
_refine.aniso_B[3][3]                            -1.52 
_refine.aniso_B[1][2]                            0.00 
_refine.aniso_B[1][3]                            0.00 
_refine.aniso_B[2][3]                            0.00 
_refine.solvent_model_details                    'BABINET MODEL WITH MASK' 
_refine.solvent_model_param_ksol                 ? 
_refine.solvent_model_param_bsol                 ? 
_refine.pdbx_solvent_vdw_probe_radii             1.40 
_refine.pdbx_solvent_ion_probe_radii             0.80 
_refine.pdbx_solvent_shrinkage_radii             0.80 
_refine.pdbx_ls_cross_valid_method               THROUGHOUT 
_refine.details                                  
'HYDROGENS HAVE BEEN ADDED IN THE RIDING POSITIONS. Program COOT has also been used in refinement.' 
_refine.pdbx_starting_model                      'PDB entry 2FF4' 
_refine.pdbx_method_to_determine_struct          'MOLECULAR REPLACEMENT' 
_refine.pdbx_isotropic_thermal_model             ? 
_refine.pdbx_stereochemistry_target_values       'MAXIMUM LIKELIHOOD' 
_refine.pdbx_stereochem_target_val_spec_case     ? 
_refine.pdbx_R_Free_selection_details            RANDOM 
_refine.pdbx_overall_ESU_R                       0.292 
_refine.pdbx_overall_ESU_R_Free                  0.220 
_refine.overall_SU_ML                            0.163 
_refine.overall_SU_B                             14.043 
_refine.ls_redundancy_reflns_obs                 ? 
_refine.B_iso_min                                ? 
_refine.B_iso_max                                ? 
_refine.overall_SU_R_Cruickshank_DPI             ? 
_refine.overall_SU_R_free                        ? 
_refine.ls_wR_factor_R_free                      ? 
_refine.ls_wR_factor_R_work                      ? 
_refine.overall_FOM_free_R_set                   ? 
_refine.overall_FOM_work_R_set                   ? 
_refine.pdbx_overall_phase_error                 ? 
_refine.pdbx_refine_id                           'X-RAY DIFFRACTION' 
_refine.pdbx_TLS_residual_ADP_flag               'LIKELY RESIDUAL' 
_refine.pdbx_diffrn_id                           1 
_refine.pdbx_overall_SU_R_free_Cruickshank_DPI   ? 
_refine.pdbx_overall_SU_R_Blow_DPI               ? 
_refine.pdbx_overall_SU_R_free_Blow_DPI          ? 
# 
_refine_hist.pdbx_refine_id                   'X-RAY DIFFRACTION' 
_refine_hist.cycle_id                         LAST 
_refine_hist.pdbx_number_atoms_protein        1475 
_refine_hist.pdbx_number_atoms_nucleic_acid   0 
_refine_hist.pdbx_number_atoms_ligand         5 
_refine_hist.number_atoms_solvent             80 
_refine_hist.number_atoms_total               1560 
_refine_hist.d_res_high                       2.20 
_refine_hist.d_res_low                        31.77 
# 
loop_
_refine_ls_restr.type 
_refine_ls_restr.dev_ideal 
_refine_ls_restr.dev_ideal_target 
_refine_ls_restr.weight 
_refine_ls_restr.number 
_refine_ls_restr.pdbx_refine_id 
_refine_ls_restr.pdbx_restraint_function 
r_bond_refined_d             0.020  0.022  ? 1533 'X-RAY DIFFRACTION' ? 
r_bond_other_d               0.006  0.020  ? 966  'X-RAY DIFFRACTION' ? 
r_angle_refined_deg          1.636  1.967  ? 2084 'X-RAY DIFFRACTION' ? 
r_angle_other_deg            0.994  3.000  ? 2393 'X-RAY DIFFRACTION' ? 
r_dihedral_angle_1_deg       6.670  5.000  ? 206  'X-RAY DIFFRACTION' ? 
r_dihedral_angle_2_deg       37.420 25.263 ? 57   'X-RAY DIFFRACTION' ? 
r_dihedral_angle_3_deg       15.900 15.000 ? 258  'X-RAY DIFFRACTION' ? 
r_dihedral_angle_4_deg       17.888 15.000 ? 5    'X-RAY DIFFRACTION' ? 
r_chiral_restr               0.103  0.200  ? 261  'X-RAY DIFFRACTION' ? 
r_gen_planes_refined         0.006  0.020  ? 1720 'X-RAY DIFFRACTION' ? 
r_gen_planes_other           0.002  0.020  ? 289  'X-RAY DIFFRACTION' ? 
r_nbd_refined                ?      ?      ? ?    'X-RAY DIFFRACTION' ? 
r_nbd_other                  ?      ?      ? ?    'X-RAY DIFFRACTION' ? 
r_nbtor_refined              ?      ?      ? ?    'X-RAY DIFFRACTION' ? 
r_nbtor_other                ?      ?      ? ?    'X-RAY DIFFRACTION' ? 
r_xyhbond_nbd_refined        ?      ?      ? ?    'X-RAY DIFFRACTION' ? 
r_xyhbond_nbd_other          ?      ?      ? ?    'X-RAY DIFFRACTION' ? 
r_metal_ion_refined          ?      ?      ? ?    'X-RAY DIFFRACTION' ? 
r_metal_ion_other            ?      ?      ? ?    'X-RAY DIFFRACTION' ? 
r_symmetry_vdw_refined       ?      ?      ? ?    'X-RAY DIFFRACTION' ? 
r_symmetry_vdw_other         ?      ?      ? ?    'X-RAY DIFFRACTION' ? 
r_symmetry_hbond_refined     ?      ?      ? ?    'X-RAY DIFFRACTION' ? 
r_symmetry_hbond_other       ?      ?      ? ?    'X-RAY DIFFRACTION' ? 
r_symmetry_metal_ion_refined ?      ?      ? ?    'X-RAY DIFFRACTION' ? 
r_symmetry_metal_ion_other   ?      ?      ? ?    'X-RAY DIFFRACTION' ? 
r_mcbond_it                  0.872  1.500  ? 1008 'X-RAY DIFFRACTION' ? 
r_mcbond_other               0.201  1.500  ? 422  'X-RAY DIFFRACTION' ? 
r_mcangle_it                 1.555  2.000  ? 1617 'X-RAY DIFFRACTION' ? 
r_scbond_it                  2.244  3.000  ? 525  'X-RAY DIFFRACTION' ? 
r_scangle_it                 3.432  4.500  ? 466  'X-RAY DIFFRACTION' ? 
r_rigid_bond_restr           ?      ?      ? ?    'X-RAY DIFFRACTION' ? 
r_sphericity_free            ?      ?      ? ?    'X-RAY DIFFRACTION' ? 
r_sphericity_bonded          ?      ?      ? ?    'X-RAY DIFFRACTION' ? 
# 
loop_
_refine_ls_restr_ncs.dom_id 
_refine_ls_restr_ncs.pdbx_auth_asym_id 
_refine_ls_restr_ncs.pdbx_number 
_refine_ls_restr_ncs.rms_dev_position 
_refine_ls_restr_ncs.weight_position 
_refine_ls_restr_ncs.pdbx_type 
_refine_ls_restr_ncs.pdbx_ens_id 
_refine_ls_restr_ncs.pdbx_ordinal 
_refine_ls_restr_ncs.pdbx_refine_id 
_refine_ls_restr_ncs.ncs_model_details 
_refine_ls_restr_ncs.rms_dev_B_iso 
_refine_ls_restr_ncs.weight_B_iso 
_refine_ls_restr_ncs.pdbx_asym_id 
_refine_ls_restr_ncs.pdbx_rms 
_refine_ls_restr_ncs.pdbx_weight 
1 A 1159 0.85 5.00  'loose positional' 1 1 'X-RAY DIFFRACTION' ? ? ? ? ? ? 
1 A 1159 3.39 10.00 'loose thermal'    1 2 'X-RAY DIFFRACTION' ? ? ? ? ? ? 
# 
_refine_ls_shell.pdbx_total_number_of_bins_used   20 
_refine_ls_shell.d_res_high                       2.200 
_refine_ls_shell.d_res_low                        2.257 
_refine_ls_shell.number_reflns_R_work             653 
_refine_ls_shell.R_factor_R_work                  0.238 
_refine_ls_shell.percent_reflns_obs               88.95 
_refine_ls_shell.R_factor_R_free                  0.258 
_refine_ls_shell.R_factor_R_free_error            ? 
_refine_ls_shell.percent_reflns_R_free            ? 
_refine_ls_shell.number_reflns_R_free             39 
_refine_ls_shell.number_reflns_all                ? 
_refine_ls_shell.R_factor_all                     ? 
_refine_ls_shell.number_reflns_obs                ? 
_refine_ls_shell.redundancy_reflns_obs            ? 
_refine_ls_shell.pdbx_refine_id                   'X-RAY DIFFRACTION' 
# 
loop_
_struct_ncs_dom.id 
_struct_ncs_dom.details 
_struct_ncs_dom.pdbx_ens_id 
1 A 1 
2 B 1 
# 
_struct_ncs_ens.id        1 
_struct_ncs_ens.details   ? 
# 
_struct.entry_id                  3GQS 
_struct.title                     'Crystal structure of the FHA domain of CT664 protein from Chlamydia trachomatis' 
_struct.pdbx_model_details        ? 
_struct.pdbx_CASP_flag            ? 
_struct.pdbx_model_type_details   ? 
# 
_struct_keywords.entry_id        3GQS 
_struct_keywords.pdbx_keywords   'STRUCTURAL GENOMICS, UNKNOWN FUNCTION' 
_struct_keywords.text            
;FHA domain, structural genomics, PSI-2, Protein Structure Initiative, Midwest Center for Structural Genomics, MCSG, UNKNOWN FUNCTION
;
# 
loop_
_struct_asym.id 
_struct_asym.pdbx_blank_PDB_chainid_flag 
_struct_asym.pdbx_modified 
_struct_asym.entity_id 
_struct_asym.details 
A N N 1 ? 
B N N 1 ? 
C N N 2 ? 
D N N 3 ? 
E N N 3 ? 
# 
_struct_biol.id        1 
_struct_biol.details   ? 
# 
loop_
_struct_sheet.id 
_struct_sheet.type 
_struct_sheet.number_strands 
_struct_sheet.details 
A ? 6 ? 
B ? 5 ? 
C ? 6 ? 
D ? 5 ? 
# 
loop_
_struct_sheet_order.sheet_id 
_struct_sheet_order.range_id_1 
_struct_sheet_order.range_id_2 
_struct_sheet_order.offset 
_struct_sheet_order.sense 
A 1 2 ? anti-parallel 
A 2 3 ? anti-parallel 
A 3 4 ? anti-parallel 
A 4 5 ? anti-parallel 
A 5 6 ? anti-parallel 
B 1 2 ? parallel      
B 2 3 ? anti-parallel 
B 3 4 ? anti-parallel 
B 4 5 ? anti-parallel 
C 1 2 ? anti-parallel 
C 2 3 ? anti-parallel 
C 3 4 ? anti-parallel 
C 4 5 ? anti-parallel 
C 5 6 ? anti-parallel 
D 1 2 ? parallel      
D 2 3 ? anti-parallel 
D 3 4 ? anti-parallel 
D 4 5 ? anti-parallel 
# 
loop_
_struct_sheet_range.sheet_id 
_struct_sheet_range.id 
_struct_sheet_range.beg_label_comp_id 
_struct_sheet_range.beg_label_asym_id 
_struct_sheet_range.beg_label_seq_id 
_struct_sheet_range.pdbx_beg_PDB_ins_code 
_struct_sheet_range.end_label_comp_id 
_struct_sheet_range.end_label_asym_id 
_struct_sheet_range.end_label_seq_id 
_struct_sheet_range.pdbx_end_PDB_ins_code 
_struct_sheet_range.beg_auth_comp_id 
_struct_sheet_range.beg_auth_asym_id 
_struct_sheet_range.beg_auth_seq_id 
_struct_sheet_range.end_auth_comp_id 
_struct_sheet_range.end_auth_asym_id 
_struct_sheet_range.end_auth_seq_id 
A 1 GLU A 18 ? LEU A 21  ? GLU A 18 LEU A 21  
A 2 ARG A 4  ? ALA A 11  ? ARG A 4  ALA A 11  
A 3 THR A 95 ? TYR A 102 ? THR A 95 TYR A 102 
A 4 VAL A 90 ? LEU A 92  ? VAL A 90 LEU A 92  
A 5 ILE A 72 ? VAL A 73  ? ILE A 72 VAL A 73  
A 6 ARG A 76 ? LYS A 77  ? ARG A 76 LYS A 77  
B 1 ILE A 38 ? VAL A 39  ? ILE A 38 VAL A 39  
B 2 THR A 26 ? GLY A 30  ? THR A 26 GLY A 30  
B 3 ALA A 50 ? ILE A 54  ? ALA A 50 ILE A 54  
B 4 VAL A 60 ? ASP A 64  ? VAL A 60 ASP A 64  
B 5 GLN A 81 ? THR A 83  ? GLN A 81 THR A 83  
C 1 GLU B 18 ? LEU B 21  ? GLU B 18 LEU B 21  
C 2 ARG B 4  ? VAL B 9   ? ARG B 4  VAL B 9   
C 3 THR B 95 ? TYR B 102 ? THR B 95 TYR B 102 
C 4 VAL B 89 ? LEU B 92  ? VAL B 89 LEU B 92  
C 5 ILE B 72 ? VAL B 73  ? ILE B 72 VAL B 73  
C 6 ARG B 76 ? LYS B 77  ? ARG B 76 LYS B 77  
D 1 ILE B 38 ? VAL B 39  ? ILE B 38 VAL B 39  
D 2 THR B 26 ? GLY B 30  ? THR B 26 GLY B 30  
D 3 ALA B 50 ? ILE B 54  ? ALA B 50 ILE B 54  
D 4 VAL B 60 ? ASP B 64  ? VAL B 60 ASP B 64  
D 5 GLN B 81 ? THR B 83  ? GLN B 81 THR B 83  
# 
loop_
_pdbx_struct_sheet_hbond.sheet_id 
_pdbx_struct_sheet_hbond.range_id_1 
_pdbx_struct_sheet_hbond.range_id_2 
_pdbx_struct_sheet_hbond.range_1_label_atom_id 
_pdbx_struct_sheet_hbond.range_1_label_comp_id 
_pdbx_struct_sheet_hbond.range_1_label_asym_id 
_pdbx_struct_sheet_hbond.range_1_label_seq_id 
_pdbx_struct_sheet_hbond.range_1_PDB_ins_code 
_pdbx_struct_sheet_hbond.range_1_auth_atom_id 
_pdbx_struct_sheet_hbond.range_1_auth_comp_id 
_pdbx_struct_sheet_hbond.range_1_auth_asym_id 
_pdbx_struct_sheet_hbond.range_1_auth_seq_id 
_pdbx_struct_sheet_hbond.range_2_label_atom_id 
_pdbx_struct_sheet_hbond.range_2_label_comp_id 
_pdbx_struct_sheet_hbond.range_2_label_asym_id 
_pdbx_struct_sheet_hbond.range_2_label_seq_id 
_pdbx_struct_sheet_hbond.range_2_PDB_ins_code 
_pdbx_struct_sheet_hbond.range_2_auth_atom_id 
_pdbx_struct_sheet_hbond.range_2_auth_comp_id 
_pdbx_struct_sheet_hbond.range_2_auth_asym_id 
_pdbx_struct_sheet_hbond.range_2_auth_seq_id 
A 1 2 O PHE A 19 ? O PHE A 19 N LEU A 7   ? N LEU A 7   
A 2 3 N LYS A 8  ? N LYS A 8  O LEU A 98  ? O LEU A 98  
A 3 4 O PHE A 97 ? O PHE A 97 N VAL A 90  ? N VAL A 90  
A 4 5 O ALA A 91 ? O ALA A 91 N ILE A 72  ? N ILE A 72  
A 5 6 N VAL A 73 ? N VAL A 73 O ARG A 76  ? O ARG A 76  
B 1 2 O ILE A 38 ? O ILE A 38 N ILE A 28  ? N ILE A 28  
B 2 3 N VAL A 29 ? N VAL A 29 O ALA A 50  ? O ALA A 50  
B 3 4 N ILE A 53 ? N ILE A 53 O LEU A 61  ? O LEU A 61  
B 4 5 N ILE A 62 ? N ILE A 62 O SER A 82  ? O SER A 82  
C 1 2 O LEU B 21 ? O LEU B 21 N PHE B 5   ? N PHE B 5   
C 2 3 N LEU B 6  ? N LEU B 6  O VAL B 100 ? O VAL B 100 
C 3 4 O PHE B 97 ? O PHE B 97 N VAL B 90  ? N VAL B 90  
C 4 5 O ALA B 91 ? O ALA B 91 N ILE B 72  ? N ILE B 72  
C 5 6 N VAL B 73 ? N VAL B 73 O ARG B 76  ? O ARG B 76  
D 1 2 O ILE B 38 ? O ILE B 38 N GLY B 30  ? N GLY B 30  
D 2 3 N TYR B 27 ? N TYR B 27 O ILE B 52  ? O ILE B 52  
D 3 4 N LYS B 51 ? N LYS B 51 O GLU B 63  ? O GLU B 63  
D 4 5 N ILE B 62 ? N ILE B 62 O SER B 82  ? O SER B 82  
# 
_struct_site.id                   AC1 
_struct_site.pdbx_evidence_code   Software 
_struct_site.pdbx_auth_asym_id    A 
_struct_site.pdbx_auth_comp_id    PO4 
_struct_site.pdbx_auth_seq_id     107 
_struct_site.pdbx_auth_ins_code   ? 
_struct_site.pdbx_num_residues    8 
_struct_site.details              'BINDING SITE FOR RESIDUE PO4 A 107' 
# 
loop_
_struct_site_gen.id 
_struct_site_gen.site_id 
_struct_site_gen.pdbx_num_res 
_struct_site_gen.label_comp_id 
_struct_site_gen.label_asym_id 
_struct_site_gen.label_seq_id 
_struct_site_gen.pdbx_auth_ins_code 
_struct_site_gen.auth_comp_id 
_struct_site_gen.auth_asym_id 
_struct_site_gen.auth_seq_id 
_struct_site_gen.label_atom_id 
_struct_site_gen.label_alt_id 
_struct_site_gen.symmetry 
_struct_site_gen.details 
1 AC1 8 SER A 46 ? SER A 46  . ? 1_555 ? 
2 AC1 8 ARG A 47 ? ARG A 47  . ? 1_555 ? 
3 AC1 8 HOH D .  ? HOH A 145 . ? 1_555 ? 
4 AC1 8 HOH D .  ? HOH A 146 . ? 1_555 ? 
5 AC1 8 HOH D .  ? HOH A 161 . ? 1_555 ? 
6 AC1 8 LYS B 51 ? LYS B 51  . ? 5_545 ? 
7 AC1 8 LEU B 65 ? LEU B 65  . ? 5_545 ? 
8 AC1 8 HOH E .  ? HOH B 169 . ? 5_545 ? 
# 
_atom_sites.entry_id                    3GQS 
_atom_sites.fract_transf_matrix[1][1]   0.01883289 
_atom_sites.fract_transf_matrix[1][2]   -0.00698429 
_atom_sites.fract_transf_matrix[1][3]   0.00255408 
_atom_sites.fract_transf_matrix[2][1]   0.00371315 
_atom_sites.fract_transf_matrix[2][2]   0.00690331 
_atom_sites.fract_transf_matrix[2][3]   -0.00850194 
_atom_sites.fract_transf_matrix[3][1]   0.00188498 
_atom_sites.fract_transf_matrix[3][2]   0.00765759 
_atom_sites.fract_transf_matrix[3][3]   0.00704097 
_atom_sites.fract_transf_vector[1]      0.621283 
_atom_sites.fract_transf_vector[2]      0.589808 
_atom_sites.fract_transf_vector[3]      0.373398 
# 
loop_
_atom_type.symbol 
C 
N 
O 
P 
S 
# 
loop_
_atom_site.group_PDB 
_atom_site.id 
_atom_site.type_symbol 
_atom_site.label_atom_id 
_atom_site.label_alt_id 
_atom_site.label_comp_id 
_atom_site.label_asym_id 
_atom_site.label_entity_id 
_atom_site.label_seq_id 
_atom_site.pdbx_PDB_ins_code 
_atom_site.Cartn_x 
_atom_site.Cartn_y 
_atom_site.Cartn_z 
_atom_site.occupancy 
_atom_site.B_iso_or_equiv 
_atom_site.pdbx_formal_charge 
_atom_site.auth_seq_id 
_atom_site.auth_comp_id 
_atom_site.auth_asym_id 
_atom_site.auth_atom_id 
_atom_site.pdbx_PDB_model_num 
ATOM   1    N N   . SER A 1 3   ? 19.545  -0.575  0.736   1.00 35.55 ? 3   SER A N   1 
ATOM   2    C CA  . SER A 1 3   ? 18.138  -0.045  0.556   1.00 35.52 ? 3   SER A CA  1 
ATOM   3    C C   . SER A 1 3   ? 17.300  -0.073  1.863   1.00 34.22 ? 3   SER A C   1 
ATOM   4    O O   . SER A 1 3   ? 17.556  -0.850  2.762   1.00 34.68 ? 3   SER A O   1 
ATOM   5    C CB  . SER A 1 3   ? 17.424  -0.784  -0.579  1.00 35.66 ? 3   SER A CB  1 
ATOM   6    O OG  . SER A 1 3   ? 16.853  -2.012  -0.149  1.00 38.52 ? 3   SER A OG  1 
ATOM   7    N N   . ARG A 1 4   ? 16.276  0.768   1.903   1.00 33.12 ? 4   ARG A N   1 
ATOM   8    C CA  . ARG A 1 4   ? 15.538  1.131   3.134   1.00 31.39 ? 4   ARG A CA  1 
ATOM   9    C C   . ARG A 1 4   ? 14.074  0.661   3.131   1.00 30.72 ? 4   ARG A C   1 
ATOM   10   O O   . ARG A 1 4   ? 13.262  1.164   2.364   1.00 29.25 ? 4   ARG A O   1 
ATOM   11   C CB  . ARG A 1 4   ? 15.593  2.654   3.246   1.00 30.90 ? 4   ARG A CB  1 
ATOM   12   C CG  . ARG A 1 4   ? 15.112  3.233   4.506   1.00 29.66 ? 4   ARG A CG  1 
ATOM   13   C CD  . ARG A 1 4   ? 14.982  4.741   4.404   1.00 29.16 ? 4   ARG A CD  1 
ATOM   14   N NE  . ARG A 1 4   ? 14.450  5.294   5.646   1.00 29.25 ? 4   ARG A NE  1 
ATOM   15   C CZ  . ARG A 1 4   ? 15.149  5.469   6.766   1.00 29.33 ? 4   ARG A CZ  1 
ATOM   16   N NH1 . ARG A 1 4   ? 14.547  5.987   7.818   1.00 26.69 ? 4   ARG A NH1 1 
ATOM   17   N NH2 . ARG A 1 4   ? 16.460  5.168   6.829   1.00 26.39 ? 4   ARG A NH2 1 
ATOM   18   N N   . PHE A 1 5   ? 13.744  -0.298  3.989   1.00 30.01 ? 5   PHE A N   1 
ATOM   19   C CA  . PHE A 1 5   ? 12.369  -0.837  4.068   1.00 29.85 ? 5   PHE A CA  1 
ATOM   20   C C   . PHE A 1 5   ? 11.575  -0.184  5.186   1.00 29.60 ? 5   PHE A C   1 
ATOM   21   O O   . PHE A 1 5   ? 12.098  0.051   6.256   1.00 28.52 ? 5   PHE A O   1 
ATOM   22   C CB  . PHE A 1 5   ? 12.332  -2.340  4.358   1.00 29.32 ? 5   PHE A CB  1 
ATOM   23   C CG  . PHE A 1 5   ? 12.888  -3.206  3.254   1.00 31.93 ? 5   PHE A CG  1 
ATOM   24   C CD1 . PHE A 1 5   ? 12.069  -3.633  2.203   1.00 32.93 ? 5   PHE A CD1 1 
ATOM   25   C CD2 . PHE A 1 5   ? 14.230  -3.641  3.291   1.00 30.35 ? 5   PHE A CD2 1 
ATOM   26   C CE1 . PHE A 1 5   ? 12.585  -4.460  1.167   1.00 31.27 ? 5   PHE A CE1 1 
ATOM   27   C CE2 . PHE A 1 5   ? 14.737  -4.457  2.295   1.00 30.77 ? 5   PHE A CE2 1 
ATOM   28   C CZ  . PHE A 1 5   ? 13.915  -4.872  1.222   1.00 31.68 ? 5   PHE A CZ  1 
ATOM   29   N N   . LEU A 1 6   ? 10.288  0.004   4.937   1.00 29.64 ? 6   LEU A N   1 
ATOM   30   C CA  . LEU A 1 6   ? 9.367   0.515   5.956   1.00 29.37 ? 6   LEU A CA  1 
ATOM   31   C C   . LEU A 1 6   ? 8.097   -0.308  5.930   1.00 29.23 ? 6   LEU A C   1 
ATOM   32   O O   . LEU A 1 6   ? 7.643   -0.715  4.883   1.00 30.10 ? 6   LEU A O   1 
ATOM   33   C CB  . LEU A 1 6   ? 9.068   2.026   5.759   1.00 28.91 ? 6   LEU A CB  1 
ATOM   34   C CG  . LEU A 1 6   ? 10.232  2.982   6.057   1.00 28.36 ? 6   LEU A CG  1 
ATOM   35   C CD1 . LEU A 1 6   ? 10.881  3.522   4.735   1.00 27.22 ? 6   LEU A CD1 1 
ATOM   36   C CD2 . LEU A 1 6   ? 9.778   4.116   6.989   1.00 26.23 ? 6   LEU A CD2 1 
ATOM   37   N N   . LEU A 1 7   ? 7.522   -0.552  7.090   1.00 28.85 ? 7   LEU A N   1 
ATOM   38   C CA  . LEU A 1 7   ? 6.293   -1.263  7.149   1.00 29.02 ? 7   LEU A CA  1 
ATOM   39   C C   . LEU A 1 7   ? 5.211   -0.175  7.268   1.00 28.45 ? 7   LEU A C   1 
ATOM   40   O O   . LEU A 1 7   ? 5.252   0.634   8.182   1.00 26.19 ? 7   LEU A O   1 
ATOM   41   C CB  . LEU A 1 7   ? 6.261   -2.238  8.347   1.00 29.17 ? 7   LEU A CB  1 
ATOM   42   C CG  . LEU A 1 7   ? 4.972   -3.086  8.475   1.00 29.89 ? 7   LEU A CG  1 
ATOM   43   C CD1 . LEU A 1 7   ? 5.167   -4.386  9.170   1.00 31.90 ? 7   LEU A CD1 1 
ATOM   44   C CD2 . LEU A 1 7   ? 3.922   -2.346  9.202   1.00 35.33 ? 7   LEU A CD2 1 
ATOM   45   N N   . LYS A 1 8   ? 4.296   -0.106  6.328   1.00 28.43 ? 8   LYS A N   1 
ATOM   46   C CA  . LYS A 1 8   ? 3.174   0.849   6.545   1.00 29.79 ? 8   LYS A CA  1 
ATOM   47   C C   . LYS A 1 8   ? 1.846   0.113   6.752   1.00 28.95 ? 8   LYS A C   1 
ATOM   48   O O   . LYS A 1 8   ? 1.481   -0.752  5.980   1.00 29.75 ? 8   LYS A O   1 
ATOM   49   C CB  . LYS A 1 8   ? 3.097   1.975   5.508   1.00 29.23 ? 8   LYS A CB  1 
ATOM   50   C CG  . LYS A 1 8   ? 3.060   1.600   4.115   1.00 33.64 ? 8   LYS A CG  1 
ATOM   51   C CD  . LYS A 1 8   ? 2.765   2.823   3.181   1.00 37.17 ? 8   LYS A CD  1 
ATOM   52   C CE  . LYS A 1 8   ? 3.864   3.919   3.215   1.00 38.90 ? 8   LYS A CE  1 
ATOM   53   N NZ  . LYS A 1 8   ? 3.636   5.054   2.248   1.00 38.24 ? 8   LYS A NZ  1 
ATOM   54   N N   . VAL A 1 9   ? 1.159   0.453   7.808   1.00 29.04 ? 9   VAL A N   1 
ATOM   55   C CA  . VAL A 1 9   ? -0.219  -0.042  8.043   1.00 30.40 ? 9   VAL A CA  1 
ATOM   56   C C   . VAL A 1 9   ? -1.257  0.749   7.201   1.00 31.28 ? 9   VAL A C   1 
ATOM   57   O O   . VAL A 1 9   ? -1.307  1.967   7.282   1.00 31.17 ? 9   VAL A O   1 
ATOM   58   C CB  . VAL A 1 9   ? -0.589  0.106   9.480   1.00 31.09 ? 9   VAL A CB  1 
ATOM   59   C CG1 . VAL A 1 9   ? -2.111  -0.347  9.732   1.00 32.58 ? 9   VAL A CG1 1 
ATOM   60   C CG2 . VAL A 1 9   ? 0.389   -0.651  10.371  1.00 27.35 ? 9   VAL A CG2 1 
ATOM   61   N N   . LEU A 1 10  ? -2.054  0.015   6.424   1.00 32.12 ? 10  LEU A N   1 
ATOM   62   C CA  . LEU A 1 10  ? -3.002  0.549   5.441   1.00 33.49 ? 10  LEU A CA  1 
ATOM   63   C C   . LEU A 1 10  ? -4.413  0.749   5.990   1.00 35.68 ? 10  LEU A C   1 
ATOM   64   O O   . LEU A 1 10  ? -5.131  1.638   5.513   1.00 35.50 ? 10  LEU A O   1 
ATOM   65   C CB  . LEU A 1 10  ? -3.093  -0.363  4.212   1.00 33.05 ? 10  LEU A CB  1 
ATOM   66   C CG  . LEU A 1 10  ? -1.739  -0.603  3.505   1.00 32.88 ? 10  LEU A CG  1 
ATOM   67   C CD1 . LEU A 1 10  ? -1.758  -1.706  2.427   1.00 29.99 ? 10  LEU A CD1 1 
ATOM   68   C CD2 . LEU A 1 10  ? -1.195  0.730   2.973   1.00 29.00 ? 10  LEU A CD2 1 
ATOM   69   N N   . ALA A 1 11  ? -4.794  -0.073  6.976   1.00 37.05 ? 11  ALA A N   1 
ATOM   70   C CA  . ALA A 1 11  ? -6.201  -0.148  7.455   1.00 38.59 ? 11  ALA A CA  1 
ATOM   71   C C   . ALA A 1 11  ? -6.361  -1.316  8.400   1.00 38.60 ? 11  ALA A C   1 
ATOM   72   O O   . ALA A 1 11  ? -5.382  -2.025  8.608   1.00 39.79 ? 11  ALA A O   1 
ATOM   73   C CB  . ALA A 1 11  ? -7.230  -0.278  6.256   1.00 38.97 ? 11  ALA A CB  1 
ATOM   74   N N   . ALA A 1 13  ? -8.576  0.137   11.667  1.00 55.46 ? 13  ALA A N   1 
ATOM   75   C CA  . ALA A 1 13  ? -7.514  -0.485  12.444  1.00 55.57 ? 13  ALA A CA  1 
ATOM   76   C C   . ALA A 1 13  ? -6.547  0.577   13.055  1.00 55.94 ? 13  ALA A C   1 
ATOM   77   O O   . ALA A 1 13  ? -6.970  1.412   13.866  1.00 56.30 ? 13  ALA A O   1 
ATOM   78   C CB  . ALA A 1 13  ? -6.777  -1.513  11.569  1.00 55.15 ? 13  ALA A CB  1 
ATOM   79   N N   . ASN A 1 14  ? -5.268  0.528   12.662  1.00 55.79 ? 14  ASN A N   1 
ATOM   80   C CA  . ASN A 1 14  ? -4.232  1.489   13.090  1.00 54.95 ? 14  ASN A CA  1 
ATOM   81   C C   . ASN A 1 14  ? -3.645  2.244   11.875  1.00 54.03 ? 14  ASN A C   1 
ATOM   82   O O   . ASN A 1 14  ? -2.441  2.517   11.831  1.00 54.32 ? 14  ASN A O   1 
ATOM   83   C CB  . ASN A 1 14  ? -3.091  0.746   13.817  1.00 55.31 ? 14  ASN A CB  1 
ATOM   84   N N   . ILE A 1 15  ? -4.511  2.572   10.912  1.00 52.79 ? 15  ILE A N   1 
ATOM   85   C CA  . ILE A 1 15  ? -4.130  3.223   9.622   1.00 51.30 ? 15  ILE A CA  1 
ATOM   86   C C   . ILE A 1 15  ? -3.125  4.396   9.737   1.00 50.09 ? 15  ILE A C   1 
ATOM   87   O O   . ILE A 1 15  ? -3.257  5.262   10.592  1.00 50.40 ? 15  ILE A O   1 
ATOM   88   C CB  . ILE A 1 15  ? -5.380  3.710   8.856   1.00 51.09 ? 15  ILE A CB  1 
ATOM   89   N N   . GLY A 1 16  ? -2.134  4.424   8.855   1.00 48.47 ? 16  GLY A N   1 
ATOM   90   C CA  . GLY A 1 16  ? -1.141  5.505   8.848   1.00 47.38 ? 16  GLY A CA  1 
ATOM   91   C C   . GLY A 1 16  ? 0.234   5.052   9.361   1.00 46.80 ? 16  GLY A C   1 
ATOM   92   O O   . GLY A 1 16  ? 1.280   5.407   8.761   1.00 47.53 ? 16  GLY A O   1 
ATOM   93   N N   . ALA A 1 17  ? 0.240   4.249   10.438  1.00 44.00 ? 17  ALA A N   1 
ATOM   94   C CA  . ALA A 1 17  ? 1.493   3.871   11.129  1.00 41.80 ? 17  ALA A CA  1 
ATOM   95   C C   . ALA A 1 17  ? 2.604   3.491   10.112  1.00 38.99 ? 17  ALA A C   1 
ATOM   96   O O   . ALA A 1 17  ? 2.330   2.759   9.162   1.00 38.80 ? 17  ALA A O   1 
ATOM   97   C CB  . ALA A 1 17  ? 1.235   2.726   12.123  1.00 41.22 ? 17  ALA A CB  1 
ATOM   98   N N   . GLU A 1 18  ? 3.820   4.002   10.309  1.00 34.99 ? 18  GLU A N   1 
ATOM   99   C CA  . GLU A 1 18  ? 4.981   3.600   9.465   1.00 32.22 ? 18  GLU A CA  1 
ATOM   100  C C   . GLU A 1 18  ? 6.304   3.465   10.251  1.00 28.71 ? 18  GLU A C   1 
ATOM   101  O O   . GLU A 1 18  ? 6.693   4.352   10.972  1.00 25.84 ? 18  GLU A O   1 
ATOM   102  C CB  . GLU A 1 18  ? 5.113   4.555   8.304   1.00 32.51 ? 18  GLU A CB  1 
ATOM   103  C CG  . GLU A 1 18  ? 6.094   4.159   7.189   1.00 33.97 ? 18  GLU A CG  1 
ATOM   104  C CD  . GLU A 1 18  ? 5.893   5.031   5.937   1.00 37.39 ? 18  GLU A CD  1 
ATOM   105  O OE1 . GLU A 1 18  ? 5.039   5.962   6.017   1.00 37.98 ? 18  GLU A OE1 1 
ATOM   106  O OE2 . GLU A 1 18  ? 6.572   4.802   4.898   1.00 35.97 ? 18  GLU A OE2 1 
ATOM   107  N N   . PHE A 1 19  ? 6.961   2.322   10.064  1.00 26.82 ? 19  PHE A N   1 
ATOM   108  C CA  A PHE A 1 19  ? 8.130   1.916   10.881  0.50 25.43 ? 19  PHE A CA  1 
ATOM   109  C CA  B PHE A 1 19  ? 8.121   1.910   10.869  0.50 25.64 ? 19  PHE A CA  1 
ATOM   110  C C   . PHE A 1 19  ? 9.280   1.386   10.011  1.00 24.46 ? 19  PHE A C   1 
ATOM   111  O O   . PHE A 1 19  ? 9.108   0.485   9.214   1.00 23.99 ? 19  PHE A O   1 
ATOM   112  C CB  A PHE A 1 19  ? 7.722   0.854   11.906  0.50 25.11 ? 19  PHE A CB  1 
ATOM   113  C CB  B PHE A 1 19  ? 7.701   0.820   11.840  0.50 25.42 ? 19  PHE A CB  1 
ATOM   114  C CG  A PHE A 1 19  ? 8.652   0.758   13.123  0.50 24.25 ? 19  PHE A CG  1 
ATOM   115  C CG  B PHE A 1 19  ? 6.604   1.231   12.779  0.50 25.58 ? 19  PHE A CG  1 
ATOM   116  C CD1 A PHE A 1 19  ? 9.002   1.886   13.844  0.50 22.96 ? 19  PHE A CD1 1 
ATOM   117  C CD1 B PHE A 1 19  ? 6.816   2.202   13.728  0.50 24.98 ? 19  PHE A CD1 1 
ATOM   118  C CD2 A PHE A 1 19  ? 9.130   -0.474  13.546  0.50 23.32 ? 19  PHE A CD2 1 
ATOM   119  C CD2 B PHE A 1 19  ? 5.343   0.630   12.706  0.50 26.33 ? 19  PHE A CD2 1 
ATOM   120  C CE1 A PHE A 1 19  ? 9.820   1.804   14.955  0.50 23.90 ? 19  PHE A CE1 1 
ATOM   121  C CE1 B PHE A 1 19  ? 5.811   2.575   14.589  0.50 24.97 ? 19  PHE A CE1 1 
ATOM   122  C CE2 A PHE A 1 19  ? 9.949   -0.574  14.653  0.50 25.98 ? 19  PHE A CE2 1 
ATOM   123  C CE2 B PHE A 1 19  ? 4.338   1.000   13.567  0.50 25.72 ? 19  PHE A CE2 1 
ATOM   124  C CZ  A PHE A 1 19  ? 10.301  0.569   15.361  0.50 25.69 ? 19  PHE A CZ  1 
ATOM   125  C CZ  B PHE A 1 19  ? 4.576   1.976   14.508  0.50 24.99 ? 19  PHE A CZ  1 
ATOM   126  N N   . HIS A 1 20  ? 10.457  1.977   10.175  1.00 23.56 ? 20  HIS A N   1 
ATOM   127  C CA  . HIS A 1 20  ? 11.676  1.544   9.470   1.00 22.12 ? 20  HIS A CA  1 
ATOM   128  C C   . HIS A 1 20  ? 12.082  0.203   10.025  1.00 20.93 ? 20  HIS A C   1 
ATOM   129  O O   . HIS A 1 20  ? 12.213  0.045   11.206  1.00 20.96 ? 20  HIS A O   1 
ATOM   130  C CB  . HIS A 1 20  ? 12.778  2.557   9.685   1.00 22.15 ? 20  HIS A CB  1 
ATOM   131  C CG  . HIS A 1 20  ? 14.099  2.179   9.113   1.00 20.52 ? 20  HIS A CG  1 
ATOM   132  N ND1 . HIS A 1 20  ? 15.285  2.599   9.681   1.00 22.93 ? 20  HIS A ND1 1 
ATOM   133  C CD2 . HIS A 1 20  ? 14.441  1.485   8.002   1.00 22.26 ? 20  HIS A CD2 1 
ATOM   134  C CE1 . HIS A 1 20  ? 16.302  2.160   8.957   1.00 20.50 ? 20  HIS A CE1 1 
ATOM   135  N NE2 . HIS A 1 20  ? 15.821  1.488   7.927   1.00 21.53 ? 20  HIS A NE2 1 
ATOM   136  N N   . LEU A 1 21  ? 12.170  -0.769  9.149   1.00 20.77 ? 21  LEU A N   1 
ATOM   137  C CA  . LEU A 1 21  ? 12.537  -2.126  9.517   1.00 22.44 ? 21  LEU A CA  1 
ATOM   138  C C   . LEU A 1 21  ? 14.013  -2.298  9.077   1.00 22.08 ? 21  LEU A C   1 
ATOM   139  O O   . LEU A 1 21  ? 14.350  -2.238  7.890   1.00 21.89 ? 21  LEU A O   1 
ATOM   140  C CB  . LEU A 1 21  ? 11.620  -3.152  8.831   1.00 21.99 ? 21  LEU A CB  1 
ATOM   141  C CG  . LEU A 1 21  ? 10.114  -3.099  9.169   1.00 22.87 ? 21  LEU A CG  1 
ATOM   142  C CD1 . LEU A 1 21  ? 9.374   -4.224  8.454   1.00 23.88 ? 21  LEU A CD1 1 
ATOM   143  C CD2 . LEU A 1 21  ? 9.854   -3.147  10.630  1.00 20.39 ? 21  LEU A CD2 1 
ATOM   144  N N   . ASP A 1 22  ? 14.862  -2.486  10.056  1.00 22.92 ? 22  ASP A N   1 
ATOM   145  C CA  . ASP A 1 22  ? 16.370  -2.419  9.862   1.00 23.31 ? 22  ASP A CA  1 
ATOM   146  C C   . ASP A 1 22  ? 16.868  -3.665  9.189   1.00 23.80 ? 22  ASP A C   1 
ATOM   147  O O   . ASP A 1 22  ? 16.326  -4.759  9.408   1.00 23.90 ? 22  ASP A O   1 
ATOM   148  C CB  . ASP A 1 22  ? 17.078  -2.251  11.205  1.00 22.51 ? 22  ASP A CB  1 
ATOM   149  C CG  . ASP A 1 22  ? 16.945  -0.842  11.790  1.00 25.41 ? 22  ASP A CG  1 
ATOM   150  O OD1 . ASP A 1 22  ? 16.818  0.113   11.012  1.00 31.91 ? 22  ASP A OD1 1 
ATOM   151  O OD2 . ASP A 1 22  ? 17.007  -0.648  13.035  1.00 27.94 ? 22  ASP A OD2 1 
ATOM   152  N N   . SER A 1 23  ? 17.924  -3.539  8.392   1.00 24.51 ? 23  SER A N   1 
ATOM   153  C CA  . SER A 1 23  ? 18.485  -4.710  7.724   1.00 24.34 ? 23  SER A CA  1 
ATOM   154  C C   . SER A 1 23  ? 19.184  -5.590  8.776   1.00 25.26 ? 23  SER A C   1 
ATOM   155  O O   . SER A 1 23  ? 19.875  -5.099  9.697   1.00 25.17 ? 23  SER A O   1 
ATOM   156  C CB  . SER A 1 23  ? 19.421  -4.314  6.567   1.00 24.98 ? 23  SER A CB  1 
ATOM   157  O OG  . SER A 1 23  ? 20.701  -4.067  7.057   1.00 22.61 ? 23  SER A OG  1 
ATOM   158  N N   . GLY A 1 24  ? 18.993  -6.899  8.659   1.00 26.06 ? 24  GLY A N   1 
ATOM   159  C CA  . GLY A 1 24  ? 19.526  -7.840  9.683   1.00 26.86 ? 24  GLY A CA  1 
ATOM   160  C C   . GLY A 1 24  ? 18.676  -7.933  10.957  1.00 27.43 ? 24  GLY A C   1 
ATOM   161  O O   . GLY A 1 24  ? 19.086  -8.515  11.958  1.00 26.85 ? 24  GLY A O   1 
ATOM   162  N N   . LYS A 1 25  ? 17.474  -7.359  10.949  1.00 28.28 ? 25  LYS A N   1 
ATOM   163  C CA  . LYS A 1 25  ? 16.638  -7.445  12.163  1.00 28.41 ? 25  LYS A CA  1 
ATOM   164  C C   . LYS A 1 25  ? 15.360  -8.169  11.906  1.00 27.68 ? 25  LYS A C   1 
ATOM   165  O O   . LYS A 1 25  ? 14.916  -8.292  10.776  1.00 28.70 ? 25  LYS A O   1 
ATOM   166  C CB  . LYS A 1 25  ? 16.411  -6.067  12.782  1.00 28.96 ? 25  LYS A CB  1 
ATOM   167  C CG  . LYS A 1 25  ? 17.764  -5.385  13.109  1.00 31.75 ? 25  LYS A CG  1 
ATOM   168  C CD  . LYS A 1 25  ? 17.803  -4.717  14.463  1.00 35.67 ? 25  LYS A CD  1 
ATOM   169  C CE  . LYS A 1 25  ? 19.225  -4.239  14.814  1.00 38.28 ? 25  LYS A CE  1 
ATOM   170  N NZ  . LYS A 1 25  ? 19.493  -2.855  14.232  1.00 40.23 ? 25  LYS A NZ  1 
ATOM   171  N N   . THR A 1 26  ? 14.779  -8.633  12.997  1.00 27.67 ? 26  THR A N   1 
ATOM   172  C CA  . THR A 1 26  ? 13.542  -9.407  13.024  1.00 26.45 ? 26  THR A CA  1 
ATOM   173  C C   . THR A 1 26  ? 12.519  -8.632  13.849  1.00 26.46 ? 26  THR A C   1 
ATOM   174  O O   . THR A 1 26  ? 12.847  -8.133  14.907  1.00 25.26 ? 26  THR A O   1 
ATOM   175  C CB  . THR A 1 26  ? 13.773  -10.744 13.725  1.00 26.83 ? 26  THR A CB  1 
ATOM   176  O OG1 . THR A 1 26  ? 14.837  -11.466 13.052  1.00 29.56 ? 26  THR A OG1 1 
ATOM   177  C CG2 . THR A 1 26  ? 12.496  -11.589 13.796  1.00 24.95 ? 26  THR A CG2 1 
ATOM   178  N N   . TYR A 1 27  ? 11.270  -8.574  13.377  1.00 25.62 ? 27  TYR A N   1 
ATOM   179  C CA  . TYR A 1 27  ? 10.230  -7.810  14.067  1.00 25.45 ? 27  TYR A CA  1 
ATOM   180  C C   . TYR A 1 27  ? 8.962   -8.651  14.200  1.00 23.50 ? 27  TYR A C   1 
ATOM   181  O O   . TYR A 1 27  ? 8.496   -9.243  13.284  1.00 23.34 ? 27  TYR A O   1 
ATOM   182  C CB  . TYR A 1 27  ? 9.883   -6.527  13.287  1.00 25.78 ? 27  TYR A CB  1 
ATOM   183  C CG  . TYR A 1 27  ? 11.016  -5.525  13.170  1.00 25.49 ? 27  TYR A CG  1 
ATOM   184  C CD1 . TYR A 1 27  ? 11.052  -4.384  13.940  1.00 22.24 ? 27  TYR A CD1 1 
ATOM   185  C CD2 . TYR A 1 27  ? 11.999  -5.697  12.223  1.00 23.66 ? 27  TYR A CD2 1 
ATOM   186  C CE1 . TYR A 1 27  ? 12.076  -3.470  13.797  1.00 21.35 ? 27  TYR A CE1 1 
ATOM   187  C CE2 . TYR A 1 27  ? 13.035  -4.798  12.106  1.00 23.42 ? 27  TYR A CE2 1 
ATOM   188  C CZ  . TYR A 1 27  ? 13.085  -3.711  12.893  1.00 21.45 ? 27  TYR A CZ  1 
ATOM   189  O OH  . TYR A 1 27  ? 14.156  -2.826  12.730  1.00 20.37 ? 27  TYR A OH  1 
ATOM   190  N N   . ILE A 1 28  ? 8.410   -8.677  15.367  1.00 23.59 ? 28  ILE A N   1 
ATOM   191  C CA  . ILE A 1 28  ? 7.204   -9.443  15.610  1.00 23.40 ? 28  ILE A CA  1 
ATOM   192  C C   . ILE A 1 28  ? 6.023   -8.488  15.541  1.00 23.41 ? 28  ILE A C   1 
ATOM   193  O O   . ILE A 1 28  ? 6.052   -7.457  16.154  1.00 23.71 ? 28  ILE A O   1 
ATOM   194  C CB  . ILE A 1 28  ? 7.264   -10.068 16.985  1.00 23.09 ? 28  ILE A CB  1 
ATOM   195  C CG1 . ILE A 1 28  ? 8.464   -11.077 17.040  1.00 23.50 ? 28  ILE A CG1 1 
ATOM   196  C CG2 . ILE A 1 28  ? 5.964   -10.750 17.337  1.00 20.66 ? 28  ILE A CG2 1 
ATOM   197  C CD1 . ILE A 1 28  ? 8.772   -11.605 18.485  1.00 17.79 ? 28  ILE A CD1 1 
ATOM   198  N N   . VAL A 1 29  ? 5.018   -8.856  14.784  1.00 24.23 ? 29  VAL A N   1 
ATOM   199  C CA  . VAL A 1 29  ? 3.807   -8.025  14.651  1.00 25.88 ? 29  VAL A CA  1 
ATOM   200  C C   . VAL A 1 29  ? 2.696   -8.739  15.463  1.00 25.00 ? 29  VAL A C   1 
ATOM   201  O O   . VAL A 1 29  ? 2.443   -9.879  15.258  1.00 26.86 ? 29  VAL A O   1 
ATOM   202  C CB  . VAL A 1 29  ? 3.389   -7.824  13.169  1.00 25.66 ? 29  VAL A CB  1 
ATOM   203  C CG1 . VAL A 1 29  ? 2.035   -6.918  13.037  1.00 27.39 ? 29  VAL A CG1 1 
ATOM   204  C CG2 . VAL A 1 29  ? 4.534   -7.224  12.368  1.00 25.67 ? 29  VAL A CG2 1 
ATOM   205  N N   . GLY A 1 30  ? 2.090   -8.058  16.402  1.00 24.90 ? 30  GLY A N   1 
ATOM   206  C CA  . GLY A 1 30  ? 0.994   -8.656  17.147  1.00 25.89 ? 30  GLY A CA  1 
ATOM   207  C C   . GLY A 1 30  ? 0.199   -7.625  17.916  1.00 26.18 ? 30  GLY A C   1 
ATOM   208  O O   . GLY A 1 30  ? 0.464   -6.439  17.803  1.00 26.52 ? 30  GLY A O   1 
ATOM   209  N N   . SER A 1 31  ? -0.747  -8.109  18.719  1.00 26.27 ? 31  SER A N   1 
ATOM   210  C CA  . SER A 1 31  ? -1.620  -7.258  19.533  1.00 25.43 ? 31  SER A CA  1 
ATOM   211  C C   . SER A 1 31  ? -1.157  -7.062  20.977  1.00 25.81 ? 31  SER A C   1 
ATOM   212  O O   . SER A 1 31  ? -1.644  -6.137  21.632  1.00 25.62 ? 31  SER A O   1 
ATOM   213  C CB  . SER A 1 31  ? -3.054  -7.817  19.539  1.00 25.40 ? 31  SER A CB  1 
ATOM   214  O OG  . SER A 1 31  ? -3.116  -9.201  19.909  1.00 26.61 ? 31  SER A OG  1 
ATOM   215  N N   . ASP A 1 32  ? -0.239  -7.914  21.464  1.00 24.84 ? 32  ASP A N   1 
ATOM   216  C CA  . ASP A 1 32  ? 0.295   -7.821  22.851  1.00 25.06 ? 32  ASP A CA  1 
ATOM   217  C C   . ASP A 1 32  ? 1.678   -7.091  22.902  1.00 24.88 ? 32  ASP A C   1 
ATOM   218  O O   . ASP A 1 32  ? 2.666   -7.609  22.391  1.00 25.44 ? 32  ASP A O   1 
ATOM   219  C CB  . ASP A 1 32  ? 0.420   -9.227  23.424  1.00 25.88 ? 32  ASP A CB  1 
ATOM   220  C CG  . ASP A 1 32  ? 0.905   -9.258  24.876  1.00 25.77 ? 32  ASP A CG  1 
ATOM   221  O OD1 . ASP A 1 32  ? 1.296   -8.227  25.469  1.00 23.11 ? 32  ASP A OD1 1 
ATOM   222  O OD2 . ASP A 1 32  ? 0.869   -10.377 25.437  1.00 30.79 ? 32  ASP A OD2 1 
ATOM   223  N N   . PRO A 1 33  ? 1.730   -5.909  23.527  1.00 24.33 ? 33  PRO A N   1 
ATOM   224  C CA  . PRO A 1 33  ? 2.899   -5.130  23.559  1.00 25.29 ? 33  PRO A CA  1 
ATOM   225  C C   . PRO A 1 33  ? 4.047   -5.732  24.365  1.00 25.99 ? 33  PRO A C   1 
ATOM   226  O O   . PRO A 1 33  ? 5.165   -5.272  24.215  1.00 26.08 ? 33  PRO A O   1 
ATOM   227  C CB  . PRO A 1 33  ? 2.432   -3.838  24.254  1.00 25.23 ? 33  PRO A CB  1 
ATOM   228  C CG  . PRO A 1 33  ? 1.261   -4.183  24.978  1.00 24.41 ? 33  PRO A CG  1 
ATOM   229  C CD  . PRO A 1 33  ? 0.610   -5.208  24.190  1.00 24.58 ? 33  PRO A CD  1 
ATOM   230  N N   . GLN A 1 34  ? 3.756   -6.705  25.215  1.00 26.66 ? 34  GLN A N   1 
ATOM   231  C CA  . GLN A 1 34  ? 4.805   -7.450  25.951  1.00 27.38 ? 34  GLN A CA  1 
ATOM   232  C C   . GLN A 1 34  ? 5.497   -8.534  25.131  1.00 26.93 ? 34  GLN A C   1 
ATOM   233  O O   . GLN A 1 34  ? 6.470   -9.111  25.613  1.00 27.84 ? 34  GLN A O   1 
ATOM   234  C CB  . GLN A 1 34  ? 4.255   -8.070  27.240  1.00 27.20 ? 34  GLN A CB  1 
ATOM   235  C CG  . GLN A 1 34  ? 3.814   -7.019  28.213  1.00 29.53 ? 34  GLN A CG  1 
ATOM   236  C CD  . GLN A 1 34  ? 3.243   -7.548  29.509  1.00 32.92 ? 34  GLN A CD  1 
ATOM   237  O OE1 . GLN A 1 34  ? 2.054   -7.349  29.793  1.00 36.42 ? 34  GLN A OE1 1 
ATOM   238  N NE2 . GLN A 1 34  ? 4.083   -8.182  30.327  1.00 32.65 ? 34  GLN A NE2 1 
ATOM   239  N N   . VAL A 1 35  ? 4.987   -8.840  23.937  1.00 26.20 ? 35  VAL A N   1 
ATOM   240  C CA  . VAL A 1 35  ? 5.624   -9.837  23.057  1.00 25.92 ? 35  VAL A CA  1 
ATOM   241  C C   . VAL A 1 35  ? 5.879   -9.347  21.615  1.00 26.60 ? 35  VAL A C   1 
ATOM   242  O O   . VAL A 1 35  ? 6.729   -9.911  20.914  1.00 27.93 ? 35  VAL A O   1 
ATOM   243  C CB  . VAL A 1 35  ? 4.840   -11.195 23.021  1.00 26.61 ? 35  VAL A CB  1 
ATOM   244  C CG1 . VAL A 1 35  ? 4.997   -11.953 24.359  1.00 27.20 ? 35  VAL A CG1 1 
ATOM   245  C CG2 . VAL A 1 35  ? 3.317   -11.010 22.716  1.00 25.35 ? 35  VAL A CG2 1 
ATOM   246  N N   . ALA A 1 36  ? 5.150   -8.305  21.178  1.00 25.09 ? 36  ALA A N   1 
ATOM   247  C CA  . ALA A 1 36  ? 5.266   -7.787  19.833  1.00 23.86 ? 36  ALA A CA  1 
ATOM   248  C C   . ALA A 1 36  ? 6.132   -6.537  19.803  1.00 22.81 ? 36  ALA A C   1 
ATOM   249  O O   . ALA A 1 36  ? 6.168   -5.771  20.756  1.00 20.88 ? 36  ALA A O   1 
ATOM   250  C CB  . ALA A 1 36  ? 3.844   -7.514  19.179  1.00 24.06 ? 36  ALA A CB  1 
ATOM   251  N N   . ASP A 1 37  ? 6.838   -6.362  18.681  1.00 22.58 ? 37  ASP A N   1 
ATOM   252  C CA  . ASP A 1 37  ? 7.585   -5.105  18.383  1.00 23.58 ? 37  ASP A CA  1 
ATOM   253  C C   . ASP A 1 37  ? 6.741   -4.040  17.623  1.00 24.06 ? 37  ASP A C   1 
ATOM   254  O O   . ASP A 1 37  ? 6.928   -2.852  17.826  1.00 22.97 ? 37  ASP A O   1 
ATOM   255  C CB  . ASP A 1 37  ? 8.812   -5.431  17.554  1.00 23.71 ? 37  ASP A CB  1 
ATOM   256  C CG  . ASP A 1 37  ? 9.654   -6.547  18.198  1.00 21.04 ? 37  ASP A CG  1 
ATOM   257  O OD1 . ASP A 1 37  ? 9.993   -6.443  19.358  1.00 23.97 ? 37  ASP A OD1 1 
ATOM   258  O OD2 . ASP A 1 37  ? 9.886   -7.537  17.555  1.00 22.33 ? 37  ASP A OD2 1 
ATOM   259  N N   . ILE A 1 38  ? 5.850   -4.500  16.752  1.00 25.27 ? 38  ILE A N   1 
ATOM   260  C CA  . ILE A 1 38  ? 4.866   -3.599  16.051  1.00 26.29 ? 38  ILE A CA  1 
ATOM   261  C C   . ILE A 1 38  ? 3.497   -4.019  16.620  1.00 27.51 ? 38  ILE A C   1 
ATOM   262  O O   . ILE A 1 38  ? 3.000   -5.119  16.373  1.00 26.06 ? 38  ILE A O   1 
ATOM   263  C CB  . ILE A 1 38  ? 4.953   -3.713  14.508  1.00 26.76 ? 38  ILE A CB  1 
ATOM   264  C CG1 . ILE A 1 38  ? 6.392   -3.326  14.038  1.00 24.94 ? 38  ILE A CG1 1 
ATOM   265  C CG2 . ILE A 1 38  ? 3.849   -2.837  13.855  1.00 24.57 ? 38  ILE A CG2 1 
ATOM   266  C CD1 . ILE A 1 38  ? 6.783   -3.742  12.611  1.00 24.46 ? 38  ILE A CD1 1 
ATOM   267  N N   . VAL A 1 39  ? 2.963   -3.184  17.496  1.00 29.55 ? 39  VAL A N   1 
ATOM   268  C CA  . VAL A 1 39  ? 1.773   -3.563  18.229  1.00 31.12 ? 39  VAL A CA  1 
ATOM   269  C C   . VAL A 1 39  ? 0.542   -2.947  17.539  1.00 32.92 ? 39  VAL A C   1 
ATOM   270  O O   . VAL A 1 39  ? 0.402   -1.717  17.442  1.00 33.89 ? 39  VAL A O   1 
ATOM   271  C CB  . VAL A 1 39  ? 1.857   -3.175  19.704  1.00 30.50 ? 39  VAL A CB  1 
ATOM   272  C CG1 . VAL A 1 39  ? 0.639   -3.790  20.517  1.00 29.70 ? 39  VAL A CG1 1 
ATOM   273  C CG2 . VAL A 1 39  ? 3.189   -3.592  20.264  1.00 29.74 ? 39  VAL A CG2 1 
ATOM   274  N N   . LEU A 1 40  ? -0.349  -3.825  17.103  1.00 34.40 ? 40  LEU A N   1 
ATOM   275  C CA  . LEU A 1 40  ? -1.636  -3.443  16.467  1.00 36.50 ? 40  LEU A CA  1 
ATOM   276  C C   . LEU A 1 40  ? -2.814  -3.877  17.355  1.00 37.07 ? 40  LEU A C   1 
ATOM   277  O O   . LEU A 1 40  ? -2.970  -5.059  17.679  1.00 37.56 ? 40  LEU A O   1 
ATOM   278  C CB  . LEU A 1 40  ? -1.782  -4.107  15.095  1.00 37.15 ? 40  LEU A CB  1 
ATOM   279  C CG  . LEU A 1 40  ? -0.551  -4.078  14.168  1.00 38.52 ? 40  LEU A CG  1 
ATOM   280  C CD1 . LEU A 1 40  ? -0.614  -5.177  13.079  1.00 40.02 ? 40  LEU A CD1 1 
ATOM   281  C CD2 . LEU A 1 40  ? -0.419  -2.661  13.585  1.00 40.32 ? 40  LEU A CD2 1 
ATOM   282  N N   . SER A 1 41  ? -3.643  -2.926  17.732  1.00 37.93 ? 41  SER A N   1 
ATOM   283  C CA  . SER A 1 41  ? -4.684  -3.164  18.766  1.00 38.73 ? 41  SER A CA  1 
ATOM   284  C C   . SER A 1 41  ? -5.948  -3.949  18.320  1.00 38.69 ? 41  SER A C   1 
ATOM   285  O O   . SER A 1 41  ? -6.833  -4.156  19.105  1.00 39.87 ? 41  SER A O   1 
ATOM   286  C CB  . SER A 1 41  ? -5.092  -1.835  19.411  1.00 38.45 ? 41  SER A CB  1 
ATOM   287  O OG  . SER A 1 41  ? -5.529  -0.910  18.430  1.00 40.14 ? 41  SER A OG  1 
ATOM   288  N N   . ASP A 1 42  ? -5.982  -4.428  17.092  1.00 39.16 ? 42  ASP A N   1 
ATOM   289  C CA  . ASP A 1 42  ? -7.134  -5.141  16.534  1.00 39.27 ? 42  ASP A CA  1 
ATOM   290  C C   . ASP A 1 42  ? -7.313  -6.548  17.122  1.00 38.38 ? 42  ASP A C   1 
ATOM   291  O O   . ASP A 1 42  ? -6.418  -7.387  17.084  1.00 38.50 ? 42  ASP A O   1 
ATOM   292  C CB  . ASP A 1 42  ? -6.972  -5.170  15.013  1.00 40.10 ? 42  ASP A CB  1 
ATOM   293  C CG  . ASP A 1 42  ? -8.025  -5.996  14.299  1.00 42.65 ? 42  ASP A CG  1 
ATOM   294  O OD1 . ASP A 1 42  ? -9.152  -6.207  14.829  1.00 46.02 ? 42  ASP A OD1 1 
ATOM   295  O OD2 . ASP A 1 42  ? -7.690  -6.436  13.170  1.00 46.31 ? 42  ASP A OD2 1 
ATOM   296  N N   . MET A 1 43  ? -8.507  -6.781  17.647  1.00 37.90 ? 43  MET A N   1 
ATOM   297  C CA  . MET A 1 43  ? -8.932  -8.056  18.251  1.00 37.32 ? 43  MET A CA  1 
ATOM   298  C C   . MET A 1 43  ? -8.623  -9.315  17.423  1.00 35.89 ? 43  MET A C   1 
ATOM   299  O O   . MET A 1 43  ? -8.501  -10.394 17.980  1.00 35.62 ? 43  MET A O   1 
ATOM   300  C CB  . MET A 1 43  ? -10.447 -8.017  18.524  1.00 38.63 ? 43  MET A CB  1 
ATOM   301  C CG  . MET A 1 43  ? -10.883 -7.182  19.733  1.00 42.15 ? 43  MET A CG  1 
ATOM   302  S SD  . MET A 1 43  ? -10.663 -7.966  21.369  1.00 50.45 ? 43  MET A SD  1 
ATOM   303  C CE  . MET A 1 43  ? -8.997  -7.373  21.804  1.00 45.37 ? 43  MET A CE  1 
ATOM   304  N N   . SER A 1 44  ? -8.518  -9.174  16.104  1.00 34.34 ? 44  SER A N   1 
ATOM   305  C CA  . SER A 1 44  ? -8.337  -10.319 15.179  1.00 33.13 ? 44  SER A CA  1 
ATOM   306  C C   . SER A 1 44  ? -6.848  -10.627 14.907  1.00 31.31 ? 44  SER A C   1 
ATOM   307  O O   . SER A 1 44  ? -6.503  -11.474 14.068  1.00 29.24 ? 44  SER A O   1 
ATOM   308  C CB  . SER A 1 44  ? -9.066  -10.048 13.859  1.00 32.65 ? 44  SER A CB  1 
ATOM   309  O OG  . SER A 1 44  ? -8.422  -8.975  13.181  1.00 34.89 ? 44  SER A OG  1 
ATOM   310  N N   . ILE A 1 45  ? -5.994  -9.881  15.603  1.00 30.24 ? 45  ILE A N   1 
ATOM   311  C CA  . ILE A 1 45  ? -4.536  -10.072 15.575  1.00 28.56 ? 45  ILE A CA  1 
ATOM   312  C C   . ILE A 1 45  ? -4.053  -10.844 16.858  1.00 26.88 ? 45  ILE A C   1 
ATOM   313  O O   . ILE A 1 45  ? -4.253  -10.449 18.019  1.00 25.08 ? 45  ILE A O   1 
ATOM   314  C CB  . ILE A 1 45  ? -3.797  -8.715  15.351  1.00 28.55 ? 45  ILE A CB  1 
ATOM   315  C CG1 . ILE A 1 45  ? -4.240  -8.091  14.000  1.00 29.66 ? 45  ILE A CG1 1 
ATOM   316  C CG2 . ILE A 1 45  ? -2.271  -8.879  15.280  1.00 28.59 ? 45  ILE A CG2 1 
ATOM   317  C CD1 . ILE A 1 45  ? -3.746  -6.630  13.754  1.00 29.09 ? 45  ILE A CD1 1 
ATOM   318  N N   . SER A 1 46  ? -3.396  -11.958 16.617  1.00 26.34 ? 46  SER A N   1 
ATOM   319  C CA  . SER A 1 46  ? -2.790  -12.740 17.686  1.00 25.90 ? 46  SER A CA  1 
ATOM   320  C C   . SER A 1 46  ? -1.801  -11.906 18.526  1.00 25.47 ? 46  SER A C   1 
ATOM   321  O O   . SER A 1 46  ? -1.257  -10.897 18.065  1.00 25.88 ? 46  SER A O   1 
ATOM   322  C CB  . SER A 1 46  ? -2.154  -13.991 17.103  1.00 26.07 ? 46  SER A CB  1 
ATOM   323  O OG  . SER A 1 46  ? -3.191  -14.892 16.752  1.00 24.39 ? 46  SER A OG  1 
ATOM   324  N N   . ARG A 1 47  ? -1.622  -12.313 19.772  1.00 26.19 ? 47  ARG A N   1 
ATOM   325  C CA  . ARG A 1 47  ? -0.731  -11.617 20.700  1.00 26.78 ? 47  ARG A CA  1 
ATOM   326  C C   . ARG A 1 47  ? 0.640   -11.427 20.023  1.00 26.57 ? 47  ARG A C   1 
ATOM   327  O O   . ARG A 1 47  ? 1.220   -10.351 20.009  1.00 26.07 ? 47  ARG A O   1 
ATOM   328  C CB  . ARG A 1 47  ? -0.579  -12.398 21.979  1.00 27.29 ? 47  ARG A CB  1 
ATOM   329  C CG  . ARG A 1 47  ? -1.820  -12.405 22.831  1.00 28.36 ? 47  ARG A CG  1 
ATOM   330  C CD  . ARG A 1 47  ? -1.770  -13.420 23.972  1.00 27.39 ? 47  ARG A CD  1 
ATOM   331  N NE  . ARG A 1 47  ? -3.046  -13.490 24.680  1.00 28.19 ? 47  ARG A NE  1 
ATOM   332  C CZ  . ARG A 1 47  ? -4.119  -14.201 24.302  1.00 25.80 ? 47  ARG A CZ  1 
ATOM   333  N NH1 . ARG A 1 47  ? -4.120  -14.956 23.220  1.00 28.27 ? 47  ARG A NH1 1 
ATOM   334  N NH2 . ARG A 1 47  ? -5.193  -14.216 25.061  1.00 26.02 ? 47  ARG A NH2 1 
ATOM   335  N N   . GLN A 1 48  ? 1.080   -12.494 19.405  1.00 27.21 ? 48  GLN A N   1 
ATOM   336  C CA  . GLN A 1 48  ? 2.170   -12.442 18.427  1.00 27.93 ? 48  GLN A CA  1 
ATOM   337  C C   . GLN A 1 48  ? 1.784   -13.257 17.218  1.00 27.45 ? 48  GLN A C   1 
ATOM   338  O O   . GLN A 1 48  ? 1.486   -14.417 17.283  1.00 27.67 ? 48  GLN A O   1 
ATOM   339  C CB  . GLN A 1 48  ? 3.516   -12.905 19.048  1.00 28.05 ? 48  GLN A CB  1 
ATOM   340  C CG  . GLN A 1 48  ? 3.570   -14.389 19.479  1.00 27.36 ? 48  GLN A CG  1 
ATOM   341  C CD  . GLN A 1 48  ? 4.874   -14.698 20.218  1.00 28.83 ? 48  GLN A CD  1 
ATOM   342  O OE1 . GLN A 1 48  ? 5.976   -14.342 19.747  1.00 31.00 ? 48  GLN A OE1 1 
ATOM   343  N NE2 . GLN A 1 48  ? 4.763   -15.332 21.378  1.00 24.83 ? 48  GLN A NE2 1 
ATOM   344  N N   . HIS A 1 49  ? 1.790   -12.602 16.081  1.00 28.66 ? 49  HIS A N   1 
ATOM   345  C CA  . HIS A 1 49  ? 1.083   -13.104 14.951  1.00 28.55 ? 49  HIS A CA  1 
ATOM   346  C C   . HIS A 1 49  ? 1.999   -13.543 13.798  1.00 29.61 ? 49  HIS A C   1 
ATOM   347  O O   . HIS A 1 49  ? 1.822   -14.603 13.199  1.00 30.21 ? 49  HIS A O   1 
ATOM   348  C CB  . HIS A 1 49  ? 0.156   -11.984 14.476  1.00 27.92 ? 49  HIS A CB  1 
ATOM   349  C CG  . HIS A 1 49  ? -0.859  -12.439 13.470  1.00 24.74 ? 49  HIS A CG  1 
ATOM   350  N ND1 . HIS A 1 49  ? -2.215  -12.387 13.710  1.00 21.33 ? 49  HIS A ND1 1 
ATOM   351  C CD2 . HIS A 1 49  ? -0.707  -12.949 12.226  1.00 21.31 ? 49  HIS A CD2 1 
ATOM   352  C CE1 . HIS A 1 49  ? -2.848  -12.892 12.662  1.00 21.33 ? 49  HIS A CE1 1 
ATOM   353  N NE2 . HIS A 1 49  ? -1.955  -13.231 11.741  1.00 20.91 ? 49  HIS A NE2 1 
ATOM   354  N N   . ALA A 1 50  ? 2.927   -12.659 13.471  1.00 29.78 ? 50  ALA A N   1 
ATOM   355  C CA  . ALA A 1 50  ? 3.765   -12.763 12.285  1.00 28.90 ? 50  ALA A CA  1 
ATOM   356  C C   . ALA A 1 50  ? 5.122   -12.220 12.669  1.00 28.39 ? 50  ALA A C   1 
ATOM   357  O O   . ALA A 1 50  ? 5.228   -11.354 13.505  1.00 26.33 ? 50  ALA A O   1 
ATOM   358  C CB  . ALA A 1 50  ? 3.200   -11.936 11.097  1.00 29.46 ? 50  ALA A CB  1 
ATOM   359  N N   . LYS A 1 51  ? 6.144   -12.727 11.995  1.00 28.59 ? 51  LYS A N   1 
ATOM   360  C CA  . LYS A 1 51  ? 7.492   -12.268 12.203  1.00 29.34 ? 51  LYS A CA  1 
ATOM   361  C C   . LYS A 1 51  ? 8.082   -11.863 10.889  1.00 28.10 ? 51  LYS A C   1 
ATOM   362  O O   . LYS A 1 51  ? 7.896   -12.542 9.918   1.00 28.53 ? 51  LYS A O   1 
ATOM   363  C CB  . LYS A 1 51  ? 8.340   -13.367 12.824  1.00 29.63 ? 51  LYS A CB  1 
ATOM   364  C CG  . LYS A 1 51  ? 9.553   -12.785 13.450  1.00 34.72 ? 51  LYS A CG  1 
ATOM   365  C CD  . LYS A 1 51  ? 9.903   -13.382 14.845  1.00 38.06 ? 51  LYS A CD  1 
ATOM   366  C CE  . LYS A 1 51  ? 10.311  -14.762 14.798  1.00 40.04 ? 51  LYS A CE  1 
ATOM   367  N NZ  . LYS A 1 51  ? 10.417  -15.305 16.230  1.00 43.50 ? 51  LYS A NZ  1 
ATOM   368  N N   . ILE A 1 52  ? 8.751   -10.727 10.866  1.00 27.46 ? 52  ILE A N   1 
ATOM   369  C CA  . ILE A 1 52  ? 9.321   -10.190 9.634   1.00 27.62 ? 52  ILE A CA  1 
ATOM   370  C C   . ILE A 1 52  ? 10.821  -10.109 9.817   1.00 27.17 ? 52  ILE A C   1 
ATOM   371  O O   . ILE A 1 52  ? 11.314  -9.459  10.705  1.00 27.62 ? 52  ILE A O   1 
ATOM   372  C CB  . ILE A 1 52  ? 8.721   -8.779  9.267   1.00 28.27 ? 52  ILE A CB  1 
ATOM   373  C CG1 . ILE A 1 52  ? 7.202   -8.882  9.161   1.00 28.34 ? 52  ILE A CG1 1 
ATOM   374  C CG2 . ILE A 1 52  ? 9.376   -8.171  7.967   1.00 25.20 ? 52  ILE A CG2 1 
ATOM   375  C CD1 . ILE A 1 52  ? 6.490   -7.501  8.897   1.00 28.50 ? 52  ILE A CD1 1 
ATOM   376  N N   . ILE A 1 53  ? 11.528  -10.836 8.983   1.00 27.47 ? 53  ILE A N   1 
ATOM   377  C CA  . ILE A 1 53  ? 12.971  -10.957 9.083   1.00 26.79 ? 53  ILE A CA  1 
ATOM   378  C C   . ILE A 1 53  ? 13.592  -10.255 7.913   1.00 26.68 ? 53  ILE A C   1 
ATOM   379  O O   . ILE A 1 53  ? 13.391  -10.627 6.766   1.00 25.99 ? 53  ILE A O   1 
ATOM   380  C CB  . ILE A 1 53  ? 13.391  -12.435 9.094   1.00 27.54 ? 53  ILE A CB  1 
ATOM   381  C CG1 . ILE A 1 53  ? 12.924  -13.091 10.401  1.00 28.73 ? 53  ILE A CG1 1 
ATOM   382  C CG2 . ILE A 1 53  ? 14.941  -12.597 8.932   1.00 25.19 ? 53  ILE A CG2 1 
ATOM   383  C CD1 . ILE A 1 53  ? 12.410  -14.497 10.217  1.00 30.36 ? 53  ILE A CD1 1 
ATOM   384  N N   . ILE A 1 54  ? 14.344  -9.217  8.193   1.00 27.88 ? 54  ILE A N   1 
ATOM   385  C CA  . ILE A 1 54  ? 15.024  -8.504  7.112   1.00 29.09 ? 54  ILE A CA  1 
ATOM   386  C C   . ILE A 1 54  ? 16.435  -9.025  7.093   1.00 30.54 ? 54  ILE A C   1 
ATOM   387  O O   . ILE A 1 54  ? 17.185  -8.856  8.044   1.00 30.60 ? 54  ILE A O   1 
ATOM   388  C CB  . ILE A 1 54  ? 14.974  -6.984  7.248   1.00 29.73 ? 54  ILE A CB  1 
ATOM   389  C CG1 . ILE A 1 54  ? 13.505  -6.507  7.051   1.00 30.88 ? 54  ILE A CG1 1 
ATOM   390  C CG2 . ILE A 1 54  ? 15.840  -6.320  6.175   1.00 26.99 ? 54  ILE A CG2 1 
ATOM   391  C CD1 . ILE A 1 54  ? 12.871  -6.205  8.269   1.00 32.53 ? 54  ILE A CD1 1 
ATOM   392  N N   . GLY A 1 55  ? 16.759  -9.717  6.011   1.00 32.15 ? 55  GLY A N   1 
ATOM   393  C CA  . GLY A 1 55  ? 18.086  -10.259 5.821   1.00 33.32 ? 55  GLY A CA  1 
ATOM   394  C C   . GLY A 1 55  ? 19.026  -9.117  5.526   1.00 34.85 ? 55  GLY A C   1 
ATOM   395  O O   . GLY A 1 55  ? 18.613  -7.995  5.277   1.00 35.61 ? 55  GLY A O   1 
ATOM   396  N N   . ASN A 1 56  ? 20.311  -9.400  5.552   1.00 36.58 ? 56  ASN A N   1 
ATOM   397  C CA  . ASN A 1 56  ? 21.278  -8.357  5.331   1.00 37.63 ? 56  ASN A CA  1 
ATOM   398  C C   . ASN A 1 56  ? 21.444  -7.962  3.868   1.00 38.12 ? 56  ASN A C   1 
ATOM   399  O O   . ASN A 1 56  ? 22.162  -7.009  3.579   1.00 38.38 ? 56  ASN A O   1 
ATOM   400  C CB  . ASN A 1 56  ? 22.618  -8.733  5.969   1.00 38.14 ? 56  ASN A CB  1 
ATOM   401  C CG  . ASN A 1 56  ? 22.597  -8.492  7.461   1.00 40.13 ? 56  ASN A CG  1 
ATOM   402  O OD1 . ASN A 1 56  ? 22.229  -7.364  7.929   1.00 39.78 ? 56  ASN A OD1 1 
ATOM   403  N ND2 . ASN A 1 56  ? 22.924  -9.542  8.236   1.00 39.95 ? 56  ASN A ND2 1 
ATOM   404  N N   . ASP A 1 57  ? 20.748  -8.644  2.963   1.00 38.34 ? 57  ASP A N   1 
ATOM   405  C CA  . ASP A 1 57  ? 20.940  -8.393  1.528   1.00 38.39 ? 57  ASP A CA  1 
ATOM   406  C C   . ASP A 1 57  ? 19.691  -7.989  0.728   1.00 38.44 ? 57  ASP A C   1 
ATOM   407  O O   . ASP A 1 57  ? 19.486  -8.455  -0.387  1.00 38.30 ? 57  ASP A O   1 
ATOM   408  C CB  . ASP A 1 57  ? 21.617  -9.615  0.868   1.00 38.34 ? 57  ASP A CB  1 
ATOM   409  N N   . ASN A 1 58  ? 18.863  -7.120  1.279   1.00 39.15 ? 58  ASN A N   1 
ATOM   410  C CA  . ASN A 1 58  ? 17.667  -6.637  0.536   1.00 39.19 ? 58  ASN A CA  1 
ATOM   411  C C   . ASN A 1 58  ? 16.578  -7.692  0.335   1.00 38.99 ? 58  ASN A C   1 
ATOM   412  O O   . ASN A 1 58  ? 15.707  -7.522  -0.534  1.00 39.50 ? 58  ASN A O   1 
ATOM   413  C CB  . ASN A 1 58  ? 18.073  -6.100  -0.846  1.00 39.06 ? 58  ASN A CB  1 
ATOM   414  N N   . SER A 1 59  ? 16.629  -8.764  1.125   1.00 38.21 ? 59  SER A N   1 
ATOM   415  C CA  . SER A 1 59  ? 15.610  -9.808  1.072   1.00 37.53 ? 59  SER A CA  1 
ATOM   416  C C   . SER A 1 59  ? 14.783  -9.816  2.357   1.00 36.39 ? 59  SER A C   1 
ATOM   417  O O   . SER A 1 59  ? 15.288  -9.569  3.450   1.00 35.94 ? 59  SER A O   1 
ATOM   418  C CB  . SER A 1 59  ? 16.256  -11.154 0.888   1.00 37.20 ? 59  SER A CB  1 
ATOM   419  O OG  . SER A 1 59  ? 17.414  -11.220 1.702   1.00 40.15 ? 59  SER A OG  1 
ATOM   420  N N   . VAL A 1 60  ? 13.506  -10.124 2.217   1.00 35.23 ? 60  VAL A N   1 
ATOM   421  C CA  . VAL A 1 60  ? 12.620  -10.179 3.359   1.00 34.05 ? 60  VAL A CA  1 
ATOM   422  C C   . VAL A 1 60  ? 11.878  -11.498 3.440   1.00 33.01 ? 60  VAL A C   1 
ATOM   423  O O   . VAL A 1 60  ? 11.442  -12.037 2.444   1.00 32.00 ? 60  VAL A O   1 
ATOM   424  C CB  . VAL A 1 60  ? 11.592  -9.019  3.357   1.00 34.35 ? 60  VAL A CB  1 
ATOM   425  C CG1 . VAL A 1 60  ? 10.847  -8.983  4.670   1.00 33.17 ? 60  VAL A CG1 1 
ATOM   426  C CG2 . VAL A 1 60  ? 12.270  -7.694  3.151   1.00 33.26 ? 60  VAL A CG2 1 
ATOM   427  N N   . LEU A 1 61  ? 11.719  -11.991 4.662   1.00 32.05 ? 61  LEU A N   1 
ATOM   428  C CA  . LEU A 1 61  ? 10.915  -13.185 4.892   1.00 30.89 ? 61  LEU A CA  1 
ATOM   429  C C   . LEU A 1 61  ? 9.813   -12.861 5.857   1.00 29.98 ? 61  LEU A C   1 
ATOM   430  O O   . LEU A 1 61  ? 9.954   -12.050 6.765   1.00 29.28 ? 61  LEU A O   1 
ATOM   431  C CB  . LEU A 1 61  ? 11.765  -14.333 5.452   1.00 30.99 ? 61  LEU A CB  1 
ATOM   432  C CG  . LEU A 1 61  ? 12.771  -14.984 4.483   1.00 33.05 ? 61  LEU A CG  1 
ATOM   433  C CD1 . LEU A 1 61  ? 13.948  -15.680 5.253   1.00 34.26 ? 61  LEU A CD1 1 
ATOM   434  C CD2 . LEU A 1 61  ? 12.091  -15.993 3.532   1.00 32.72 ? 61  LEU A CD2 1 
ATOM   435  N N   . ILE A 1 62  ? 8.687   -13.497 5.666   1.00 29.50 ? 62  ILE A N   1 
ATOM   436  C CA  . ILE A 1 62  ? 7.617   -13.358 6.622   1.00 29.04 ? 62  ILE A CA  1 
ATOM   437  C C   . ILE A 1 62  ? 7.235   -14.751 7.042   1.00 29.07 ? 62  ILE A C   1 
ATOM   438  O O   . ILE A 1 62  ? 7.363   -15.711 6.301   1.00 28.16 ? 62  ILE A O   1 
ATOM   439  C CB  . ILE A 1 62  ? 6.399   -12.615 6.066   1.00 29.55 ? 62  ILE A CB  1 
ATOM   440  C CG1 . ILE A 1 62  ? 5.321   -12.501 7.151   1.00 28.54 ? 62  ILE A CG1 1 
ATOM   441  C CG2 . ILE A 1 62  ? 5.876   -13.316 4.805   1.00 27.42 ? 62  ILE A CG2 1 
ATOM   442  C CD1 . ILE A 1 62  ? 4.475   -11.198 7.079   1.00 28.47 ? 62  ILE A CD1 1 
ATOM   443  N N   . GLU A 1 63  ? 6.737   -14.819 8.260   1.00 29.16 ? 63  GLU A N   1 
ATOM   444  C CA  . GLU A 1 63  ? 6.557   -16.066 8.953   1.00 29.77 ? 63  GLU A CA  1 
ATOM   445  C C   . GLU A 1 63  ? 5.321   -15.972 9.813   1.00 27.23 ? 63  GLU A C   1 
ATOM   446  O O   . GLU A 1 63  ? 5.118   -14.978 10.477  1.00 26.80 ? 63  GLU A O   1 
ATOM   447  C CB  . GLU A 1 63  ? 7.781   -16.203 9.848   1.00 29.73 ? 63  GLU A CB  1 
ATOM   448  C CG  . GLU A 1 63  ? 7.974   -17.463 10.455  1.00 33.63 ? 63  GLU A CG  1 
ATOM   449  C CD  . GLU A 1 63  ? 9.399   -17.563 10.994  1.00 35.00 ? 63  GLU A CD  1 
ATOM   450  O OE1 . GLU A 1 63  ? 9.742   -16.804 11.931  1.00 35.38 ? 63  GLU A OE1 1 
ATOM   451  O OE2 . GLU A 1 63  ? 10.160  -18.358 10.433  1.00 36.60 ? 63  GLU A OE2 1 
ATOM   452  N N   . ASP A 1 64  ? 4.535   -17.017 9.819   1.00 26.67 ? 64  ASP A N   1 
ATOM   453  C CA  . ASP A 1 64  ? 3.372   -17.104 10.692  1.00 27.29 ? 64  ASP A CA  1 
ATOM   454  C C   . ASP A 1 64  ? 3.727   -17.711 12.059  1.00 26.58 ? 64  ASP A C   1 
ATOM   455  O O   . ASP A 1 64  ? 4.320   -18.757 12.120  1.00 28.03 ? 64  ASP A O   1 
ATOM   456  C CB  . ASP A 1 64  ? 2.301   -17.947 10.007  1.00 27.75 ? 64  ASP A CB  1 
ATOM   457  C CG  . ASP A 1 64  ? 0.990   -17.958 10.768  1.00 29.33 ? 64  ASP A CG  1 
ATOM   458  O OD1 . ASP A 1 64  ? 0.852   -17.226 11.783  1.00 30.71 ? 64  ASP A OD1 1 
ATOM   459  O OD2 . ASP A 1 64  ? 0.088   -18.692 10.347  1.00 33.57 ? 64  ASP A OD2 1 
ATOM   460  N N   . LEU A 1 65  ? 3.355   -17.037 13.145  1.00 26.45 ? 65  LEU A N   1 
ATOM   461  C CA  . LEU A 1 65  ? 3.711   -17.490 14.509  1.00 26.36 ? 65  LEU A CA  1 
ATOM   462  C C   . LEU A 1 65  ? 2.575   -18.219 15.216  1.00 25.90 ? 65  LEU A C   1 
ATOM   463  O O   . LEU A 1 65  ? 2.216   -17.878 16.330  1.00 25.38 ? 65  LEU A O   1 
ATOM   464  C CB  . LEU A 1 65  ? 4.152   -16.313 15.377  1.00 25.96 ? 65  LEU A CB  1 
ATOM   465  C CG  . LEU A 1 65  ? 5.290   -15.434 14.852  1.00 26.23 ? 65  LEU A CG  1 
ATOM   466  C CD1 . LEU A 1 65  ? 5.426   -14.257 15.805  1.00 22.79 ? 65  LEU A CD1 1 
ATOM   467  C CD2 . LEU A 1 65  ? 6.608   -16.221 14.713  1.00 20.43 ? 65  LEU A CD2 1 
ATOM   468  N N   . GLY A 1 66  ? 2.022   -19.208 14.556  1.00 26.69 ? 66  GLY A N   1 
ATOM   469  C CA  . GLY A 1 66  ? 0.863   -19.930 15.080  1.00 27.38 ? 66  GLY A CA  1 
ATOM   470  C C   . GLY A 1 66  ? -0.334  -19.012 15.309  1.00 27.74 ? 66  GLY A C   1 
ATOM   471  O O   . GLY A 1 66  ? -1.074  -19.208 16.260  1.00 27.29 ? 66  GLY A O   1 
ATOM   472  N N   . SER A 1 67  ? -0.514  -18.024 14.414  1.00 27.79 ? 67  SER A N   1 
ATOM   473  C CA  . SER A 1 67  ? -1.607  -17.075 14.531  1.00 27.82 ? 67  SER A CA  1 
ATOM   474  C C   . SER A 1 67  ? -2.968  -17.772 14.402  1.00 29.13 ? 67  SER A C   1 
ATOM   475  O O   . SER A 1 67  ? -3.122  -18.813 13.744  1.00 27.41 ? 67  SER A O   1 
ATOM   476  C CB  . SER A 1 67  ? -1.509  -15.971 13.504  1.00 26.85 ? 67  SER A CB  1 
ATOM   477  O OG  . SER A 1 67  ? -1.821  -16.490 12.221  1.00 25.74 ? 67  SER A OG  1 
ATOM   478  N N   . LYS A 1 68  ? -3.958  -17.167 15.045  1.00 30.32 ? 68  LYS A N   1 
ATOM   479  C CA  . LYS A 1 68  ? -5.354  -17.667 14.998  1.00 31.62 ? 68  LYS A CA  1 
ATOM   480  C C   . LYS A 1 68  ? -5.920  -17.655 13.554  1.00 32.03 ? 68  LYS A C   1 
ATOM   481  O O   . LYS A 1 68  ? -6.440  -18.655 13.078  1.00 32.02 ? 68  LYS A O   1 
ATOM   482  C CB  . LYS A 1 68  ? -6.226  -16.824 15.941  1.00 31.92 ? 68  LYS A CB  1 
ATOM   483  C CG  . LYS A 1 68  ? -7.434  -17.532 16.513  1.00 36.68 ? 68  LYS A CG  1 
ATOM   484  C CD  . LYS A 1 68  ? -8.636  -16.573 16.604  1.00 39.92 ? 68  LYS A CD  1 
ATOM   485  C CE  . LYS A 1 68  ? -9.801  -17.229 17.295  1.00 42.25 ? 68  LYS A CE  1 
ATOM   486  N NZ  . LYS A 1 68  ? -9.491  -17.503 18.735  1.00 44.68 ? 68  LYS A NZ  1 
ATOM   487  N N   . ASN A 1 69  ? -5.723  -16.535 12.865  1.00 32.61 ? 69  ASN A N   1 
ATOM   488  C CA  . ASN A 1 69  ? -6.325  -16.202 11.553  1.00 33.34 ? 69  ASN A CA  1 
ATOM   489  C C   . ASN A 1 69  ? -5.385  -16.335 10.336  1.00 33.44 ? 69  ASN A C   1 
ATOM   490  O O   . ASN A 1 69  ? -5.798  -16.131 9.187   1.00 33.48 ? 69  ASN A O   1 
ATOM   491  C CB  . ASN A 1 69  ? -6.805  -14.737 11.598  1.00 33.41 ? 69  ASN A CB  1 
ATOM   492  C CG  . ASN A 1 69  ? -8.015  -14.547 12.526  1.00 36.21 ? 69  ASN A CG  1 
ATOM   493  O OD1 . ASN A 1 69  ? -8.881  -15.416 12.627  1.00 39.42 ? 69  ASN A OD1 1 
ATOM   494  N ND2 . ASN A 1 69  ? -8.064  -13.417 13.214  1.00 38.42 ? 69  ASN A ND2 1 
ATOM   495  N N   . GLY A 1 70  ? -4.116  -16.596 10.595  1.00 32.64 ? 70  GLY A N   1 
ATOM   496  C CA  . GLY A 1 70  ? -3.168  -16.859 9.516   1.00 32.31 ? 70  GLY A CA  1 
ATOM   497  C C   . GLY A 1 70  ? -2.544  -15.588 8.999   1.00 31.71 ? 70  GLY A C   1 
ATOM   498  O O   . GLY A 1 70  ? -2.860  -14.487 9.433   1.00 31.59 ? 70  GLY A O   1 
ATOM   499  N N   . VAL A 1 71  ? -1.630  -15.755 8.064   1.00 31.67 ? 71  VAL A N   1 
ATOM   500  C CA  . VAL A 1 71  ? -0.935  -14.638 7.428   1.00 30.62 ? 71  VAL A CA  1 
ATOM   501  C C   . VAL A 1 71  ? -1.188  -14.757 5.934   1.00 30.90 ? 71  VAL A C   1 
ATOM   502  O O   . VAL A 1 71  ? -0.833  -15.768 5.326   1.00 30.82 ? 71  VAL A O   1 
ATOM   503  C CB  . VAL A 1 71  ? 0.567   -14.654 7.729   1.00 30.24 ? 71  VAL A CB  1 
ATOM   504  C CG1 . VAL A 1 71  ? 1.277   -13.612 6.855   1.00 29.17 ? 71  VAL A CG1 1 
ATOM   505  C CG2 . VAL A 1 71  ? 0.829   -14.387 9.210   1.00 24.92 ? 71  VAL A CG2 1 
ATOM   506  N N   . ILE A 1 72  ? -1.863  -13.752 5.379   1.00 31.29 ? 72  ILE A N   1 
ATOM   507  C CA  . ILE A 1 72  ? -2.292  -13.743 3.970   1.00 31.31 ? 72  ILE A CA  1 
ATOM   508  C C   . ILE A 1 72  ? -1.447  -12.744 3.219   1.00 31.75 ? 72  ILE A C   1 
ATOM   509  O O   . ILE A 1 72  ? -1.385  -11.573 3.599   1.00 30.40 ? 72  ILE A O   1 
ATOM   510  C CB  . ILE A 1 72  ? -3.774  -13.301 3.768   1.00 31.95 ? 72  ILE A CB  1 
ATOM   511  C CG1 . ILE A 1 72  ? -4.739  -14.298 4.404   1.00 32.79 ? 72  ILE A CG1 1 
ATOM   512  C CG2 . ILE A 1 72  ? -4.116  -13.151 2.258   1.00 32.57 ? 72  ILE A CG2 1 
ATOM   513  C CD1 . ILE A 1 72  ? -6.098  -14.316 3.724   1.00 34.17 ? 72  ILE A CD1 1 
ATOM   514  N N   . VAL A 1 73  ? -0.771  -13.216 2.168   1.00 33.05 ? 73  VAL A N   1 
ATOM   515  C CA  . VAL A 1 73  ? -0.025  -12.315 1.280   1.00 34.55 ? 73  VAL A CA  1 
ATOM   516  C C   . VAL A 1 73  ? -0.724  -12.346 -0.092  1.00 36.05 ? 73  VAL A C   1 
ATOM   517  O O   . VAL A 1 73  ? -0.954  -13.411 -0.689  1.00 36.20 ? 73  VAL A O   1 
ATOM   518  C CB  . VAL A 1 73  ? 1.519   -12.641 1.195   1.00 34.26 ? 73  VAL A CB  1 
ATOM   519  C CG1 . VAL A 1 73  ? 2.260   -11.555 0.384   1.00 33.23 ? 73  VAL A CG1 1 
ATOM   520  C CG2 . VAL A 1 73  ? 2.131   -12.730 2.584   1.00 33.56 ? 73  VAL A CG2 1 
ATOM   521  N N   . GLU A 1 74  ? -1.104  -11.166 -0.557  1.00 38.54 ? 74  GLU A N   1 
ATOM   522  C CA  . GLU A 1 74  ? -1.721  -10.999 -1.887  1.00 39.30 ? 74  GLU A CA  1 
ATOM   523  C C   . GLU A 1 74  ? -2.698  -12.123 -2.157  1.00 40.30 ? 74  GLU A C   1 
ATOM   524  O O   . GLU A 1 74  ? -2.577  -12.864 -3.156  1.00 40.95 ? 74  GLU A O   1 
ATOM   525  C CB  . GLU A 1 74  ? -0.634  -11.011 -2.957  1.00 39.75 ? 74  GLU A CB  1 
ATOM   526  C CG  . GLU A 1 74  ? 0.396   -9.904  -2.841  1.00 40.71 ? 74  GLU A CG  1 
ATOM   527  C CD  . GLU A 1 74  ? 0.137   -8.752  -3.786  1.00 40.41 ? 74  GLU A CD  1 
ATOM   528  O OE1 . GLU A 1 74  ? -0.031  -9.028  -4.972  1.00 42.84 ? 74  GLU A OE1 1 
ATOM   529  O OE2 . GLU A 1 74  ? 0.104   -7.582  -3.347  1.00 40.30 ? 74  GLU A OE2 1 
ATOM   530  N N   . GLY A 1 75  ? -3.629  -12.304 -1.234  1.00 41.05 ? 75  GLY A N   1 
ATOM   531  C CA  . GLY A 1 75  ? -4.667  -13.333 -1.409  1.00 41.78 ? 75  GLY A CA  1 
ATOM   532  C C   . GLY A 1 75  ? -4.337  -14.781 -1.093  1.00 42.49 ? 75  GLY A C   1 
ATOM   533  O O   . GLY A 1 75  ? -5.200  -15.633 -1.260  1.00 43.74 ? 75  GLY A O   1 
ATOM   534  N N   . ARG A 1 76  ? -3.124  -15.094 -0.646  1.00 42.53 ? 76  ARG A N   1 
ATOM   535  C CA  . ARG A 1 76  ? -2.794  -16.502 -0.318  1.00 42.36 ? 76  ARG A CA  1 
ATOM   536  C C   . ARG A 1 76  ? -2.277  -16.680 1.114   1.00 40.49 ? 76  ARG A C   1 
ATOM   537  O O   . ARG A 1 76  ? -1.422  -15.940 1.564   1.00 38.98 ? 76  ARG A O   1 
ATOM   538  C CB  . ARG A 1 76  ? -1.829  -17.112 -1.346  1.00 43.26 ? 76  ARG A CB  1 
ATOM   539  C CG  . ARG A 1 76  ? -0.361  -16.978 -1.029  1.00 47.16 ? 76  ARG A CG  1 
ATOM   540  C CD  . ARG A 1 76  ? 0.545   -17.078 -2.265  1.00 52.10 ? 76  ARG A CD  1 
ATOM   541  N NE  . ARG A 1 76  ? 1.732   -16.239 -2.018  1.00 56.56 ? 76  ARG A NE  1 
ATOM   542  C CZ  . ARG A 1 76  ? 1.894   -14.973 -2.425  1.00 58.63 ? 76  ARG A CZ  1 
ATOM   543  N NH1 . ARG A 1 76  ? 3.005   -14.324 -2.099  1.00 59.29 ? 76  ARG A NH1 1 
ATOM   544  N NH2 . ARG A 1 76  ? 0.976   -14.350 -3.171  1.00 60.70 ? 76  ARG A NH2 1 
ATOM   545  N N   . LYS A 1 77  ? -2.852  -17.660 1.804   1.00 38.45 ? 77  LYS A N   1 
ATOM   546  C CA  . LYS A 1 77  ? -2.491  -17.984 3.180   1.00 36.33 ? 77  LYS A CA  1 
ATOM   547  C C   . LYS A 1 77  ? -1.171  -18.738 3.208   1.00 38.30 ? 77  LYS A C   1 
ATOM   548  O O   . LYS A 1 77  ? -1.089  -19.828 2.698   1.00 39.75 ? 77  LYS A O   1 
ATOM   549  C CB  . LYS A 1 77  ? -3.573  -18.852 3.813   1.00 33.58 ? 77  LYS A CB  1 
ATOM   550  C CG  . LYS A 1 77  ? -3.549  -18.790 5.287   1.00 28.41 ? 77  LYS A CG  1 
ATOM   551  C CD  . LYS A 1 77  ? -4.651  -19.682 5.803   1.00 28.91 ? 77  LYS A CD  1 
ATOM   552  C CE  . LYS A 1 77  ? -5.522  -18.879 6.791   1.00 27.24 ? 77  LYS A CE  1 
ATOM   553  N NZ  . LYS A 1 77  ? -5.871  -19.813 7.950   1.00 27.86 ? 77  LYS A NZ  1 
ATOM   554  N N   . ILE A 1 78  ? -0.134  -18.151 3.776   1.00 39.61 ? 78  ILE A N   1 
ATOM   555  C CA  . ILE A 1 78  ? 1.187   -18.798 3.719   1.00 40.17 ? 78  ILE A CA  1 
ATOM   556  C C   . ILE A 1 78  ? 1.197   -20.016 4.675   1.00 41.07 ? 78  ILE A C   1 
ATOM   557  O O   . ILE A 1 78  ? 0.634   -19.962 5.786   1.00 40.93 ? 78  ILE A O   1 
ATOM   558  C CB  . ILE A 1 78  ? 2.394   -17.820 3.958   1.00 39.78 ? 78  ILE A CB  1 
ATOM   559  C CG1 . ILE A 1 78  ? 2.522   -17.420 5.425   1.00 38.75 ? 78  ILE A CG1 1 
ATOM   560  C CG2 . ILE A 1 78  ? 2.268   -16.588 3.047   1.00 39.93 ? 78  ILE A CG2 1 
ATOM   561  C CD1 . ILE A 1 78  ? 3.756   -16.589 5.737   1.00 35.88 ? 78  ILE A CD1 1 
ATOM   562  N N   . GLU A 1 79  ? 1.829   -21.094 4.204   1.00 41.51 ? 79  GLU A N   1 
ATOM   563  C CA  . GLU A 1 79  ? 1.797   -22.419 4.844   1.00 41.80 ? 79  GLU A CA  1 
ATOM   564  C C   . GLU A 1 79  ? 2.872   -22.591 5.920   1.00 42.25 ? 79  GLU A C   1 
ATOM   565  O O   . GLU A 1 79  ? 2.780   -23.505 6.748   1.00 43.38 ? 79  GLU A O   1 
ATOM   566  C CB  . GLU A 1 79  ? 1.894   -23.537 3.803   1.00 41.24 ? 79  GLU A CB  1 
ATOM   567  N N   . HIS A 1 80  ? 3.895   -21.750 5.922   1.00 41.86 ? 80  HIS A N   1 
ATOM   568  C CA  . HIS A 1 80  ? 4.652   -21.538 7.172   1.00 41.93 ? 80  HIS A CA  1 
ATOM   569  C C   . HIS A 1 80  ? 5.440   -20.236 7.138   1.00 41.55 ? 80  HIS A C   1 
ATOM   570  O O   . HIS A 1 80  ? 5.274   -19.374 7.997   1.00 39.79 ? 80  HIS A O   1 
ATOM   571  C CB  . HIS A 1 80  ? 5.601   -22.718 7.488   1.00 41.91 ? 80  HIS A CB  1 
ATOM   572  N N   . GLN A 1 81  ? 6.296   -20.139 6.121   1.00 41.22 ? 81  GLN A N   1 
ATOM   573  C CA  . GLN A 1 81  ? 7.226   -19.031 5.983   1.00 40.86 ? 81  GLN A CA  1 
ATOM   574  C C   . GLN A 1 81  ? 7.464   -18.724 4.527   1.00 39.79 ? 81  GLN A C   1 
ATOM   575  O O   . GLN A 1 81  ? 7.850   -19.608 3.801   1.00 39.38 ? 81  GLN A O   1 
ATOM   576  C CB  . GLN A 1 81  ? 8.596   -19.401 6.605   1.00 40.37 ? 81  GLN A CB  1 
ATOM   577  C CG  . GLN A 1 81  ? 9.563   -18.203 6.607   1.00 41.43 ? 81  GLN A CG  1 
ATOM   578  C CD  . GLN A 1 81  ? 11.028  -18.559 6.768   1.00 40.50 ? 81  GLN A CD  1 
ATOM   579  O OE1 . GLN A 1 81  ? 11.738  -17.920 7.530   1.00 39.69 ? 81  GLN A OE1 1 
ATOM   580  N NE2 . GLN A 1 81  ? 11.487  -19.550 6.025   1.00 42.71 ? 81  GLN A NE2 1 
ATOM   581  N N   . SER A 1 82  ? 7.334   -17.467 4.112   1.00 39.15 ? 82  SER A N   1 
ATOM   582  C CA  . SER A 1 82  ? 7.656   -17.135 2.697   1.00 38.04 ? 82  SER A CA  1 
ATOM   583  C C   . SER A 1 82  ? 8.388   -15.809 2.494   1.00 36.27 ? 82  SER A C   1 
ATOM   584  O O   . SER A 1 82  ? 8.510   -15.018 3.410   1.00 35.89 ? 82  SER A O   1 
ATOM   585  C CB  . SER A 1 82  ? 6.399   -17.234 1.814   1.00 38.43 ? 82  SER A CB  1 
ATOM   586  O OG  . SER A 1 82  ? 5.643   -16.024 1.798   1.00 39.80 ? 82  SER A OG  1 
ATOM   587  N N   . THR A 1 83  ? 8.888   -15.631 1.278   1.00 34.98 ? 83  THR A N   1 
ATOM   588  C CA  . THR A 1 83  ? 9.451   -14.391 0.785   1.00 34.55 ? 83  THR A CA  1 
ATOM   589  C C   . THR A 1 83  ? 8.364   -13.338 0.742   1.00 35.07 ? 83  THR A C   1 
ATOM   590  O O   . THR A 1 83  ? 7.211   -13.609 0.391   1.00 35.11 ? 83  THR A O   1 
ATOM   591  C CB  . THR A 1 83  ? 10.020  -14.574 -0.632  1.00 34.41 ? 83  THR A CB  1 
ATOM   592  O OG1 . THR A 1 83  ? 11.106  -15.474 -0.538  1.00 35.45 ? 83  THR A OG1 1 
ATOM   593  C CG2 . THR A 1 83  ? 10.543  -13.290 -1.246  1.00 33.49 ? 83  THR A CG2 1 
ATOM   594  N N   . LEU A 1 84  ? 8.736   -12.136 1.133   1.00 34.92 ? 84  LEU A N   1 
ATOM   595  C CA  . LEU A 1 84  ? 7.832   -11.001 1.087   1.00 34.58 ? 84  LEU A CA  1 
ATOM   596  C C   . LEU A 1 84  ? 8.575   -9.963  0.285   1.00 34.68 ? 84  LEU A C   1 
ATOM   597  O O   . LEU A 1 84  ? 9.719   -9.659  0.581   1.00 34.62 ? 84  LEU A O   1 
ATOM   598  C CB  . LEU A 1 84  ? 7.517   -10.483 2.480   1.00 33.95 ? 84  LEU A CB  1 
ATOM   599  C CG  . LEU A 1 84  ? 6.530   -9.324  2.544   1.00 34.68 ? 84  LEU A CG  1 
ATOM   600  C CD1 . LEU A 1 84  ? 5.095   -9.712  2.044   1.00 33.93 ? 84  LEU A CD1 1 
ATOM   601  C CD2 . LEU A 1 84  ? 6.516   -8.809  3.967   1.00 33.57 ? 84  LEU A CD2 1 
ATOM   602  N N   . SER A 1 85  ? 7.919   -9.445  -0.740  1.00 35.14 ? 85  SER A N   1 
ATOM   603  C CA  . SER A 1 85  ? 8.515   -8.451  -1.630  1.00 35.50 ? 85  SER A CA  1 
ATOM   604  C C   . SER A 1 85  ? 7.953   -7.050  -1.333  1.00 34.72 ? 85  SER A C   1 
ATOM   605  O O   . SER A 1 85  ? 6.855   -6.905  -0.781  1.00 35.19 ? 85  SER A O   1 
ATOM   606  C CB  . SER A 1 85  ? 8.280   -8.850  -3.103  1.00 35.75 ? 85  SER A CB  1 
ATOM   607  O OG  . SER A 1 85  ? 9.003   -10.041 -3.419  1.00 37.94 ? 85  SER A OG  1 
ATOM   608  N N   . ALA A 1 86  ? 8.725   -6.032  -1.655  1.00 34.04 ? 86  ALA A N   1 
ATOM   609  C CA  . ALA A 1 86  ? 8.221   -4.661  -1.618  1.00 34.77 ? 86  ALA A CA  1 
ATOM   610  C C   . ALA A 1 86  ? 6.848   -4.608  -2.356  1.00 34.24 ? 86  ALA A C   1 
ATOM   611  O O   . ALA A 1 86  ? 6.611   -5.338  -3.300  1.00 34.09 ? 86  ALA A O   1 
ATOM   612  C CB  . ALA A 1 86  ? 9.248   -3.671  -2.243  1.00 34.01 ? 86  ALA A CB  1 
ATOM   613  N N   . ASN A 1 87  ? 5.950   -3.790  -1.832  1.00 34.21 ? 87  ASN A N   1 
ATOM   614  C CA  . ASN A 1 87  ? 4.657   -3.442  -2.461  1.00 34.05 ? 87  ASN A CA  1 
ATOM   615  C C   . ASN A 1 87  ? 3.597   -4.550  -2.424  1.00 34.10 ? 87  ASN A C   1 
ATOM   616  O O   . ASN A 1 87  ? 2.587   -4.444  -3.091  1.00 33.45 ? 87  ASN A O   1 
ATOM   617  C CB  . ASN A 1 87  ? 4.840   -2.950  -3.923  1.00 33.38 ? 87  ASN A CB  1 
ATOM   618  C CG  . ASN A 1 87  ? 5.928   -1.893  -4.080  1.00 32.23 ? 87  ASN A CG  1 
ATOM   619  O OD1 . ASN A 1 87  ? 6.489   -1.746  -5.165  1.00 33.62 ? 87  ASN A OD1 1 
ATOM   620  N ND2 . ASN A 1 87  ? 6.228   -1.167  -3.029  1.00 25.82 ? 87  ASN A ND2 1 
ATOM   621  N N   . GLN A 1 88  ? 3.827   -5.596  -1.635  1.00 34.59 ? 88  GLN A N   1 
ATOM   622  C CA  . GLN A 1 88  ? 2.882   -6.721  -1.517  1.00 34.63 ? 88  GLN A CA  1 
ATOM   623  C C   . GLN A 1 88  ? 1.968   -6.576  -0.276  1.00 33.87 ? 88  GLN A C   1 
ATOM   624  O O   . GLN A 1 88  ? 2.448   -6.584  0.825   1.00 34.84 ? 88  GLN A O   1 
ATOM   625  C CB  . GLN A 1 88  ? 3.654   -8.052  -1.390  1.00 35.62 ? 88  GLN A CB  1 
ATOM   626  C CG  . GLN A 1 88  ? 4.210   -8.651  -2.679  1.00 35.83 ? 88  GLN A CG  1 
ATOM   627  C CD  . GLN A 1 88  ? 4.761   -10.067 -2.460  1.00 36.93 ? 88  GLN A CD  1 
ATOM   628  O OE1 . GLN A 1 88  ? 5.609   -10.297 -1.591  1.00 37.65 ? 88  GLN A OE1 1 
ATOM   629  N NE2 . GLN A 1 88  ? 4.272   -11.025 -3.241  1.00 38.98 ? 88  GLN A NE2 1 
ATOM   630  N N   . VAL A 1 89  ? 0.653   -6.458  -0.462  1.00 33.28 ? 89  VAL A N   1 
ATOM   631  C CA  . VAL A 1 89  ? -0.286  -6.394  0.677   1.00 31.20 ? 89  VAL A CA  1 
ATOM   632  C C   . VAL A 1 89  ? -0.275  -7.702  1.522   1.00 30.48 ? 89  VAL A C   1 
ATOM   633  O O   . VAL A 1 89  ? -0.445  -8.795  1.010   1.00 29.96 ? 89  VAL A O   1 
ATOM   634  C CB  . VAL A 1 89  ? -1.744  -6.066  0.260   1.00 31.89 ? 89  VAL A CB  1 
ATOM   635  C CG1 . VAL A 1 89  ? -2.637  -5.937  1.494   1.00 30.16 ? 89  VAL A CG1 1 
ATOM   636  C CG2 . VAL A 1 89  ? -1.807  -4.760  -0.598  1.00 29.39 ? 89  VAL A CG2 1 
ATOM   637  N N   . VAL A 1 90  ? -0.020  -7.538  2.811   1.00 29.46 ? 90  VAL A N   1 
ATOM   638  C CA  . VAL A 1 90  ? -0.174  -8.574  3.829   1.00 28.20 ? 90  VAL A CA  1 
ATOM   639  C C   . VAL A 1 90  ? -1.410  -8.288  4.708   1.00 27.47 ? 90  VAL A C   1 
ATOM   640  O O   . VAL A 1 90  ? -1.540  -7.203  5.265   1.00 26.41 ? 90  VAL A O   1 
ATOM   641  C CB  . VAL A 1 90  ? 1.053   -8.669  4.778   1.00 27.38 ? 90  VAL A CB  1 
ATOM   642  C CG1 . VAL A 1 90  ? 0.839   -9.807  5.760   1.00 28.22 ? 90  VAL A CG1 1 
ATOM   643  C CG2 . VAL A 1 90  ? 2.377   -8.885  3.973   1.00 27.93 ? 90  VAL A CG2 1 
ATOM   644  N N   . ALA A 1 91  ? -2.277  -9.287  4.828   1.00 26.43 ? 91  ALA A N   1 
ATOM   645  C CA  . ALA A 1 91  ? -3.456  -9.252  5.700   1.00 27.06 ? 91  ALA A CA  1 
ATOM   646  C C   . ALA A 1 91  ? -3.218  -10.098 6.995   1.00 28.10 ? 91  ALA A C   1 
ATOM   647  O O   . ALA A 1 91  ? -2.912  -11.286 6.928   1.00 25.58 ? 91  ALA A O   1 
ATOM   648  C CB  . ALA A 1 91  ? -4.669  -9.793  4.946   1.00 26.07 ? 91  ALA A CB  1 
ATOM   649  N N   . LEU A 1 92  ? -3.388  -9.436  8.135   1.00 29.18 ? 92  LEU A N   1 
ATOM   650  C CA  . LEU A 1 92  ? -3.390  -10.070 9.469   1.00 29.68 ? 92  LEU A CA  1 
ATOM   651  C C   . LEU A 1 92  ? -4.709  -9.724  10.131  1.00 29.89 ? 92  LEU A C   1 
ATOM   652  O O   . LEU A 1 92  ? -4.885  -8.610  10.563  1.00 30.52 ? 92  LEU A O   1 
ATOM   653  C CB  . LEU A 1 92  ? -2.253  -9.545  10.351  1.00 29.30 ? 92  LEU A CB  1 
ATOM   654  C CG  . LEU A 1 92  ? -0.819  -9.653  9.808   1.00 28.97 ? 92  LEU A CG  1 
ATOM   655  C CD1 . LEU A 1 92  ? 0.170   -9.257  10.924  1.00 28.26 ? 92  LEU A CD1 1 
ATOM   656  C CD2 . LEU A 1 92  ? -0.591  -11.042 9.259   1.00 25.36 ? 92  LEU A CD2 1 
ATOM   657  N N   . GLY A 1 93  ? -5.608  -10.685 10.229  1.00 30.16 ? 93  GLY A N   1 
ATOM   658  C CA  . GLY A 1 93  ? -6.926  -10.421 10.744  1.00 29.87 ? 93  GLY A CA  1 
ATOM   659  C C   . GLY A 1 93  ? -7.564  -9.477  9.737   1.00 30.49 ? 93  GLY A C   1 
ATOM   660  O O   . GLY A 1 93  ? -7.555  -9.738  8.542   1.00 30.22 ? 93  GLY A O   1 
ATOM   661  N N   . THR A 1 94  ? -8.073  -8.366  10.233  1.00 30.53 ? 94  THR A N   1 
ATOM   662  C CA  . THR A 1 94  ? -8.717  -7.360  9.390   1.00 31.62 ? 94  THR A CA  1 
ATOM   663  C C   . THR A 1 94  ? -7.738  -6.222  9.093   1.00 31.89 ? 94  THR A C   1 
ATOM   664  O O   . THR A 1 94  ? -8.077  -5.257  8.420   1.00 32.04 ? 94  THR A O   1 
ATOM   665  C CB  . THR A 1 94  ? -9.957  -6.799  10.076  1.00 31.35 ? 94  THR A CB  1 
ATOM   666  O OG1 . THR A 1 94  ? -9.547  -6.144  11.275  1.00 31.85 ? 94  THR A OG1 1 
ATOM   667  C CG2 . THR A 1 94  ? -10.928 -7.904  10.426  1.00 31.09 ? 94  THR A CG2 1 
ATOM   668  N N   . THR A 1 95  ? -6.507  -6.361  9.578   1.00 31.88 ? 95  THR A N   1 
ATOM   669  C CA  . THR A 1 95  ? -5.496  -5.351  9.368   1.00 32.19 ? 95  THR A CA  1 
ATOM   670  C C   . THR A 1 95  ? -4.676  -5.630  8.076   1.00 32.42 ? 95  THR A C   1 
ATOM   671  O O   . THR A 1 95  ? -4.383  -6.749  7.728   1.00 33.67 ? 95  THR A O   1 
ATOM   672  C CB  . THR A 1 95  ? -4.612  -5.192  10.631  1.00 32.76 ? 95  THR A CB  1 
ATOM   673  O OG1 . THR A 1 95  ? -5.422  -4.658  11.693  1.00 31.04 ? 95  THR A OG1 1 
ATOM   674  C CG2 . THR A 1 95  ? -3.428  -4.266  10.378  1.00 31.34 ? 95  THR A CG2 1 
ATOM   675  N N   . LEU A 1 96  ? -4.355  -4.569  7.360   1.00 32.90 ? 96  LEU A N   1 
ATOM   676  C CA  . LEU A 1 96  ? -3.654  -4.646  6.084   1.00 32.30 ? 96  LEU A CA  1 
ATOM   677  C C   . LEU A 1 96  ? -2.354  -3.884  6.241   1.00 31.59 ? 96  LEU A C   1 
ATOM   678  O O   . LEU A 1 96  ? -2.312  -2.859  6.876   1.00 31.42 ? 96  LEU A O   1 
ATOM   679  C CB  . LEU A 1 96  ? -4.506  -4.051  4.955   1.00 31.10 ? 96  LEU A CB  1 
ATOM   680  C CG  . LEU A 1 96  ? -5.782  -4.786  4.514   1.00 32.46 ? 96  LEU A CG  1 
ATOM   681  C CD1 . LEU A 1 96  ? -6.563  -3.961  3.385   1.00 28.75 ? 96  LEU A CD1 1 
ATOM   682  C CD2 . LEU A 1 96  ? -5.534  -6.238  4.067   1.00 32.28 ? 96  LEU A CD2 1 
ATOM   683  N N   . PHE A 1 97  ? -1.282  -4.422  5.708   1.00 32.00 ? 97  PHE A N   1 
ATOM   684  C CA  . PHE A 1 97  ? -0.020  -3.680  5.642   1.00 31.94 ? 97  PHE A CA  1 
ATOM   685  C C   . PHE A 1 97  ? 0.839   -4.068  4.481   1.00 30.65 ? 97  PHE A C   1 
ATOM   686  O O   . PHE A 1 97  ? 0.605   -5.070  3.794   1.00 29.94 ? 97  PHE A O   1 
ATOM   687  C CB  . PHE A 1 97  ? 0.752   -3.778  6.940   1.00 32.92 ? 97  PHE A CB  1 
ATOM   688  C CG  . PHE A 1 97  ? 1.430   -5.101  7.175   1.00 36.94 ? 97  PHE A CG  1 
ATOM   689  C CD1 . PHE A 1 97  ? 2.679   -5.375  6.600   1.00 39.29 ? 97  PHE A CD1 1 
ATOM   690  C CD2 . PHE A 1 97  ? 0.860   -6.034  8.010   1.00 39.10 ? 97  PHE A CD2 1 
ATOM   691  C CE1 . PHE A 1 97  ? 3.357   -6.561  6.856   1.00 41.80 ? 97  PHE A CE1 1 
ATOM   692  C CE2 . PHE A 1 97  ? 1.521   -7.240  8.253   1.00 44.23 ? 97  PHE A CE2 1 
ATOM   693  C CZ  . PHE A 1 97  ? 2.794   -7.496  7.669   1.00 42.54 ? 97  PHE A CZ  1 
ATOM   694  N N   . LEU A 1 98  ? 1.823   -3.240  4.219   1.00 30.98 ? 98  LEU A N   1 
ATOM   695  C CA  . LEU A 1 98  ? 2.814   -3.579  3.192   1.00 31.70 ? 98  LEU A CA  1 
ATOM   696  C C   . LEU A 1 98  ? 4.152   -2.948  3.459   1.00 31.74 ? 98  LEU A C   1 
ATOM   697  O O   . LEU A 1 98  ? 4.276   -2.060  4.317   1.00 31.80 ? 98  LEU A O   1 
ATOM   698  C CB  . LEU A 1 98  ? 2.334   -3.244  1.773   1.00 31.95 ? 98  LEU A CB  1 
ATOM   699  C CG  . LEU A 1 98  ? 2.106   -1.821  1.304   1.00 32.95 ? 98  LEU A CG  1 
ATOM   700  C CD1 . LEU A 1 98  ? 3.184   -0.839  1.672   1.00 31.79 ? 98  LEU A CD1 1 
ATOM   701  C CD2 . LEU A 1 98  ? 1.997   -1.954  -0.187  1.00 30.17 ? 98  LEU A CD2 1 
ATOM   702  N N   . LEU A 1 99  ? 5.140   -3.480  2.761   1.00 31.83 ? 99  LEU A N   1 
ATOM   703  C CA  . LEU A 1 99  ? 6.483   -2.966  2.812   1.00 33.46 ? 99  LEU A CA  1 
ATOM   704  C C   . LEU A 1 99  ? 6.671   -2.112  1.609   1.00 32.52 ? 99  LEU A C   1 
ATOM   705  O O   . LEU A 1 99  ? 6.309   -2.477  0.500   1.00 31.34 ? 99  LEU A O   1 
ATOM   706  C CB  . LEU A 1 99  ? 7.596   -4.047  2.776   1.00 33.70 ? 99  LEU A CB  1 
ATOM   707  C CG  . LEU A 1 99  ? 7.809   -4.911  4.023   1.00 37.47 ? 99  LEU A CG  1 
ATOM   708  C CD1 . LEU A 1 99  ? 9.305   -5.202  4.171   1.00 38.66 ? 99  LEU A CD1 1 
ATOM   709  C CD2 . LEU A 1 99  ? 7.229   -4.260  5.335   1.00 37.98 ? 99  LEU A CD2 1 
ATOM   710  N N   . VAL A 1 100 ? 7.273   -0.972  1.880   1.00 32.07 ? 100 VAL A N   1 
ATOM   711  C CA  . VAL A 1 100 ? 7.860   -0.158  0.858   1.00 31.90 ? 100 VAL A CA  1 
ATOM   712  C C   . VAL A 1 100 ? 9.375   -0.202  0.990   1.00 32.23 ? 100 VAL A C   1 
ATOM   713  O O   . VAL A 1 100 ? 9.934   -0.413  2.084   1.00 32.60 ? 100 VAL A O   1 
ATOM   714  C CB  . VAL A 1 100 ? 7.322   1.265   0.914   1.00 32.16 ? 100 VAL A CB  1 
ATOM   715  C CG1 . VAL A 1 100 ? 5.887   1.243   0.419   1.00 30.66 ? 100 VAL A CG1 1 
ATOM   716  C CG2 . VAL A 1 100 ? 7.475   1.845   2.336   1.00 30.14 ? 100 VAL A CG2 1 
ATOM   717  N N   . ASP A 1 101 ? 10.017  -0.018  -0.145  1.00 32.36 ? 101 ASP A N   1 
ATOM   718  C CA  . ASP A 1 101 ? 11.477  -0.024  -0.252  1.00 32.79 ? 101 ASP A CA  1 
ATOM   719  C C   . ASP A 1 101 ? 11.900  1.249   -0.992  1.00 32.65 ? 101 ASP A C   1 
ATOM   720  O O   . ASP A 1 101 ? 11.384  1.568   -2.056  1.00 31.69 ? 101 ASP A O   1 
ATOM   721  C CB  . ASP A 1 101 ? 11.957  -1.266  -1.001  1.00 32.61 ? 101 ASP A CB  1 
ATOM   722  C CG  . ASP A 1 101 ? 13.475  -1.395  -1.052  1.00 34.13 ? 101 ASP A CG  1 
ATOM   723  O OD1 . ASP A 1 101 ? 14.210  -0.916  -0.172  1.00 36.25 ? 101 ASP A OD1 1 
ATOM   724  O OD2 . ASP A 1 101 ? 13.953  -2.024  -1.997  1.00 39.93 ? 101 ASP A OD2 1 
ATOM   725  N N   . TYR A 1 102 ? 12.785  1.998   -0.364  1.00 33.36 ? 102 TYR A N   1 
ATOM   726  C CA  . TYR A 1 102 ? 13.408  3.160   -0.966  1.00 34.72 ? 102 TYR A CA  1 
ATOM   727  C C   . TYR A 1 102 ? 14.799  2.698   -1.380  1.00 36.12 ? 102 TYR A C   1 
ATOM   728  O O   . TYR A 1 102 ? 15.676  2.526   -0.541  1.00 36.78 ? 102 TYR A O   1 
ATOM   729  C CB  . TYR A 1 102 ? 13.467  4.337   0.016   1.00 34.17 ? 102 TYR A CB  1 
ATOM   730  C CG  . TYR A 1 102 ? 12.102  4.947   0.319   1.00 33.34 ? 102 TYR A CG  1 
ATOM   731  C CD1 . TYR A 1 102 ? 11.324  4.495   1.391   1.00 33.33 ? 102 TYR A CD1 1 
ATOM   732  C CD2 . TYR A 1 102 ? 11.588  5.972   -0.478  1.00 31.68 ? 102 TYR A CD2 1 
ATOM   733  C CE1 . TYR A 1 102 ? 10.066  5.058   1.655   1.00 34.22 ? 102 TYR A CE1 1 
ATOM   734  C CE2 . TYR A 1 102 ? 10.367  6.549   -0.217  1.00 31.76 ? 102 TYR A CE2 1 
ATOM   735  C CZ  . TYR A 1 102 ? 9.602   6.082   0.835   1.00 34.49 ? 102 TYR A CZ  1 
ATOM   736  O OH  . TYR A 1 102 ? 8.380   6.650   1.062   1.00 36.79 ? 102 TYR A OH  1 
ATOM   737  N N   . ALA A 1 103 ? 14.959  2.455   -2.675  1.00 37.69 ? 103 ALA A N   1 
ATOM   738  C CA  . ALA A 1 103 ? 16.197  1.898   -3.249  1.00 38.49 ? 103 ALA A CA  1 
ATOM   739  C C   . ALA A 1 103 ? 17.152  3.015   -3.679  1.00 39.01 ? 103 ALA A C   1 
ATOM   740  O O   . ALA A 1 103 ? 17.854  3.586   -2.835  1.00 40.19 ? 103 ALA A O   1 
ATOM   741  C CB  . ALA A 1 103 ? 15.865  0.975   -4.434  1.00 38.31 ? 103 ALA A CB  1 
ATOM   742  N N   . SER B 1 3   ? 12.541  7.572   -16.383 1.00 32.79 ? 3   SER B N   1 
ATOM   743  C CA  . SER B 1 3   ? 11.963  7.094   -15.066 1.00 33.96 ? 3   SER B CA  1 
ATOM   744  C C   . SER B 1 3   ? 10.532  6.448   -15.176 1.00 33.07 ? 3   SER B C   1 
ATOM   745  O O   . SER B 1 3   ? 9.643   7.018   -15.790 1.00 32.98 ? 3   SER B O   1 
ATOM   746  C CB  . SER B 1 3   ? 11.982  8.239   -14.064 1.00 34.42 ? 3   SER B CB  1 
ATOM   747  O OG  . SER B 1 3   ? 11.910  7.750   -12.721 1.00 36.58 ? 3   SER B OG  1 
ATOM   748  N N   . ARG B 1 4   ? 10.325  5.278   -14.570 1.00 32.36 ? 4   ARG B N   1 
ATOM   749  C CA  . ARG B 1 4   ? 9.117   4.445   -14.836 1.00 32.47 ? 4   ARG B CA  1 
ATOM   750  C C   . ARG B 1 4   ? 8.056   4.313   -13.724 1.00 31.66 ? 4   ARG B C   1 
ATOM   751  O O   . ARG B 1 4   ? 8.250   3.642   -12.727 1.00 31.23 ? 4   ARG B O   1 
ATOM   752  C CB  . ARG B 1 4   ? 9.535   3.054   -15.275 1.00 32.70 ? 4   ARG B CB  1 
ATOM   753  C CG  . ARG B 1 4   ? 8.364   2.167   -15.737 1.00 34.26 ? 4   ARG B CG  1 
ATOM   754  C CD  . ARG B 1 4   ? 8.872   0.759   -16.012 1.00 35.69 ? 4   ARG B CD  1 
ATOM   755  N NE  . ARG B 1 4   ? 7.840   -0.130  -16.556 1.00 37.41 ? 4   ARG B NE  1 
ATOM   756  C CZ  . ARG B 1 4   ? 7.588   -0.308  -17.852 1.00 37.04 ? 4   ARG B CZ  1 
ATOM   757  N NH1 . ARG B 1 4   ? 6.624   -1.136  -18.223 1.00 36.69 ? 4   ARG B NH1 1 
ATOM   758  N NH2 . ARG B 1 4   ? 8.272   0.354   -18.773 1.00 36.81 ? 4   ARG B NH2 1 
ATOM   759  N N   . PHE B 1 5   ? 6.901   4.908   -13.956 1.00 31.33 ? 5   PHE B N   1 
ATOM   760  C CA  . PHE B 1 5   ? 5.826   4.960   -12.935 1.00 31.23 ? 5   PHE B CA  1 
ATOM   761  C C   . PHE B 1 5   ? 4.708   3.976   -13.223 1.00 31.48 ? 5   PHE B C   1 
ATOM   762  O O   . PHE B 1 5   ? 4.203   3.896   -14.356 1.00 33.15 ? 5   PHE B O   1 
ATOM   763  C CB  . PHE B 1 5   ? 5.231   6.361   -12.833 1.00 30.90 ? 5   PHE B CB  1 
ATOM   764  C CG  . PHE B 1 5   ? 6.144   7.379   -12.198 1.00 30.60 ? 5   PHE B CG  1 
ATOM   765  C CD1 . PHE B 1 5   ? 6.334   7.393   -10.831 1.00 30.72 ? 5   PHE B CD1 1 
ATOM   766  C CD2 . PHE B 1 5   ? 6.752   8.365   -12.962 1.00 31.64 ? 5   PHE B CD2 1 
ATOM   767  C CE1 . PHE B 1 5   ? 7.160   8.328   -10.215 1.00 30.60 ? 5   PHE B CE1 1 
ATOM   768  C CE2 . PHE B 1 5   ? 7.577   9.330   -12.370 1.00 32.70 ? 5   PHE B CE2 1 
ATOM   769  C CZ  . PHE B 1 5   ? 7.798   9.294   -10.980 1.00 32.44 ? 5   PHE B CZ  1 
ATOM   770  N N   . LEU B 1 6   ? 4.341   3.213   -12.194 1.00 31.62 ? 6   LEU B N   1 
ATOM   771  C CA  . LEU B 1 6   ? 3.134   2.391   -12.191 1.00 30.79 ? 6   LEU B CA  1 
ATOM   772  C C   . LEU B 1 6   ? 2.217   2.750   -10.998 1.00 31.33 ? 6   LEU B C   1 
ATOM   773  O O   . LEU B 1 6   ? 2.672   3.211   -9.956  1.00 30.92 ? 6   LEU B O   1 
ATOM   774  C CB  . LEU B 1 6   ? 3.478   0.895   -12.152 1.00 29.96 ? 6   LEU B CB  1 
ATOM   775  C CG  . LEU B 1 6   ? 4.453   0.426   -13.253 1.00 31.55 ? 6   LEU B CG  1 
ATOM   776  C CD1 . LEU B 1 6   ? 5.921   0.430   -12.669 1.00 27.41 ? 6   LEU B CD1 1 
ATOM   777  C CD2 . LEU B 1 6   ? 4.029   -0.954  -13.880 1.00 26.15 ? 6   LEU B CD2 1 
ATOM   778  N N   . LEU B 1 7   ? 0.918   2.528   -11.163 1.00 31.58 ? 7   LEU B N   1 
ATOM   779  C CA  . LEU B 1 7   ? -0.043  2.612   -10.044 1.00 31.76 ? 7   LEU B CA  1 
ATOM   780  C C   . LEU B 1 7   ? -0.504  1.221   -9.719  1.00 30.97 ? 7   LEU B C   1 
ATOM   781  O O   . LEU B 1 7   ? -0.983  0.536   -10.567 1.00 30.38 ? 7   LEU B O   1 
ATOM   782  C CB  . LEU B 1 7   ? -1.286  3.489   -10.387 1.00 31.71 ? 7   LEU B CB  1 
ATOM   783  C CG  . LEU B 1 7   ? -2.088  4.042   -9.221  1.00 31.43 ? 7   LEU B CG  1 
ATOM   784  C CD1 . LEU B 1 7   ? -1.362  5.072   -8.336  1.00 30.99 ? 7   LEU B CD1 1 
ATOM   785  C CD2 . LEU B 1 7   ? -3.458  4.658   -9.721  1.00 32.15 ? 7   LEU B CD2 1 
ATOM   786  N N   . LYS B 1 8   ? -0.364  0.827   -8.472  1.00 32.44 ? 8   LYS B N   1 
ATOM   787  C CA  . LYS B 1 8   ? -0.808  -0.474  -8.036  1.00 34.43 ? 8   LYS B CA  1 
ATOM   788  C C   . LYS B 1 8   ? -2.115  -0.272  -7.283  1.00 36.06 ? 8   LYS B C   1 
ATOM   789  O O   . LYS B 1 8   ? -2.182  0.544   -6.376  1.00 37.22 ? 8   LYS B O   1 
ATOM   790  C CB  . LYS B 1 8   ? 0.212   -1.182  -7.124  1.00 33.93 ? 8   LYS B CB  1 
ATOM   791  C CG  . LYS B 1 8   ? -0.193  -2.601  -6.740  1.00 35.16 ? 8   LYS B CG  1 
ATOM   792  C CD  . LYS B 1 8   ? 0.900   -3.290  -5.879  1.00 39.50 ? 8   LYS B CD  1 
ATOM   793  C CE  . LYS B 1 8   ? 0.693   -4.794  -5.760  1.00 42.08 ? 8   LYS B CE  1 
ATOM   794  N NZ  . LYS B 1 8   ? -0.709  -5.112  -5.493  1.00 47.01 ? 8   LYS B NZ  1 
ATOM   795  N N   . VAL B 1 9   ? -3.131  -1.032  -7.668  1.00 38.00 ? 9   VAL B N   1 
ATOM   796  C CA  . VAL B 1 9   ? -4.431  -1.010  -7.007  1.00 39.86 ? 9   VAL B CA  1 
ATOM   797  C C   . VAL B 1 9   ? -4.312  -2.049  -5.918  1.00 40.94 ? 9   VAL B C   1 
ATOM   798  O O   . VAL B 1 9   ? -4.195  -3.213  -6.207  1.00 41.58 ? 9   VAL B O   1 
ATOM   799  C CB  . VAL B 1 9   ? -5.576  -1.344  -7.989  1.00 40.26 ? 9   VAL B CB  1 
ATOM   800  C CG1 . VAL B 1 9   ? -6.932  -1.249  -7.302  1.00 41.99 ? 9   VAL B CG1 1 
ATOM   801  C CG2 . VAL B 1 9   ? -5.521  -0.402  -9.198  1.00 40.41 ? 9   VAL B CG2 1 
ATOM   802  N N   . LEU B 1 10  ? -4.285  -1.608  -4.671  1.00 41.97 ? 10  LEU B N   1 
ATOM   803  C CA  . LEU B 1 10  ? -4.110  -2.513  -3.552  1.00 42.91 ? 10  LEU B CA  1 
ATOM   804  C C   . LEU B 1 10  ? -5.449  -3.266  -3.289  1.00 45.26 ? 10  LEU B C   1 
ATOM   805  O O   . LEU B 1 10  ? -6.554  -2.688  -3.337  1.00 45.68 ? 10  LEU B O   1 
ATOM   806  C CB  . LEU B 1 10  ? -3.637  -1.770  -2.299  1.00 42.34 ? 10  LEU B CB  1 
ATOM   807  C CG  . LEU B 1 10  ? -2.424  -0.848  -2.454  1.00 39.39 ? 10  LEU B CG  1 
ATOM   808  C CD1 . LEU B 1 10  ? -2.114  -0.070  -1.175  1.00 35.35 ? 10  LEU B CD1 1 
ATOM   809  C CD2 . LEU B 1 10  ? -1.201  -1.620  -2.919  1.00 37.20 ? 10  LEU B CD2 1 
ATOM   810  N N   . ALA B 1 11  ? -5.320  -4.571  -3.083  1.00 46.68 ? 11  ALA B N   1 
ATOM   811  C CA  . ALA B 1 11  ? -6.439  -5.440  -2.733  1.00 47.87 ? 11  ALA B CA  1 
ATOM   812  C C   . ALA B 1 11  ? -5.822  -6.369  -1.684  1.00 48.49 ? 11  ALA B C   1 
ATOM   813  O O   . ALA B 1 11  ? -4.678  -6.819  -1.870  1.00 49.77 ? 11  ALA B O   1 
ATOM   814  C CB  . ALA B 1 11  ? -6.941  -6.204  -3.999  1.00 47.27 ? 11  ALA B CB  1 
ATOM   815  N N   . GLY B 1 12  ? -6.500  -6.589  -0.562  1.00 49.07 ? 12  GLY B N   1 
ATOM   816  C CA  . GLY B 1 12  ? -5.984  -7.527  0.476   1.00 48.90 ? 12  GLY B CA  1 
ATOM   817  C C   . GLY B 1 12  ? -6.253  -9.005  0.174   1.00 49.60 ? 12  GLY B C   1 
ATOM   818  O O   . GLY B 1 12  ? -5.523  -9.910  0.641   1.00 50.60 ? 12  GLY B O   1 
ATOM   819  N N   . ALA B 1 13  ? -7.292  -9.249  -0.624  1.00 49.51 ? 13  ALA B N   1 
ATOM   820  C CA  . ALA B 1 13  ? -7.849  -10.605 -0.860  1.00 49.63 ? 13  ALA B CA  1 
ATOM   821  C C   . ALA B 1 13  ? -7.340  -11.257 -2.141  1.00 49.44 ? 13  ALA B C   1 
ATOM   822  O O   . ALA B 1 13  ? -7.892  -12.288 -2.562  1.00 49.54 ? 13  ALA B O   1 
ATOM   823  C CB  . ALA B 1 13  ? -9.396  -10.551 -0.915  1.00 49.37 ? 13  ALA B CB  1 
ATOM   824  N N   . ASN B 1 14  ? -6.301  -10.668 -2.739  1.00 48.87 ? 14  ASN B N   1 
ATOM   825  C CA  . ASN B 1 14  ? -5.796  -11.079 -4.059  1.00 48.73 ? 14  ASN B CA  1 
ATOM   826  C C   . ASN B 1 14  ? -4.634  -10.214 -4.512  1.00 47.86 ? 14  ASN B C   1 
ATOM   827  O O   . ASN B 1 14  ? -4.316  -9.202  -3.875  1.00 47.45 ? 14  ASN B O   1 
ATOM   828  C CB  . ASN B 1 14  ? -6.886  -10.932 -5.121  1.00 49.28 ? 14  ASN B CB  1 
ATOM   829  C CG  . ASN B 1 14  ? -7.391  -9.512  -5.209  1.00 50.19 ? 14  ASN B CG  1 
ATOM   830  O OD1 . ASN B 1 14  ? -8.108  -9.053  -4.292  1.00 53.01 ? 14  ASN B OD1 1 
ATOM   831  N ND2 . ASN B 1 14  ? -6.987  -8.778  -6.271  1.00 48.73 ? 14  ASN B ND2 1 
ATOM   832  N N   . ILE B 1 15  ? -4.036  -10.603 -5.635  1.00 47.21 ? 15  ILE B N   1 
ATOM   833  C CA  . ILE B 1 15  ? -2.964  -9.821  -6.243  1.00 47.57 ? 15  ILE B CA  1 
ATOM   834  C C   . ILE B 1 15  ? -3.559  -8.582  -6.920  1.00 47.55 ? 15  ILE B C   1 
ATOM   835  O O   . ILE B 1 15  ? -4.151  -8.674  -7.983  1.00 49.77 ? 15  ILE B O   1 
ATOM   836  C CB  . ILE B 1 15  ? -2.132  -10.614 -7.270  1.00 47.80 ? 15  ILE B CB  1 
ATOM   837  C CG1 . ILE B 1 15  ? -1.600  -11.935 -6.677  1.00 48.43 ? 15  ILE B CG1 1 
ATOM   838  C CG2 . ILE B 1 15  ? -0.917  -9.793  -7.735  1.00 47.53 ? 15  ILE B CG2 1 
ATOM   839  C CD1 . ILE B 1 15  ? -0.991  -12.845 -7.729  1.00 47.72 ? 15  ILE B CD1 1 
ATOM   840  N N   . GLY B 1 16  ? -3.407  -7.429  -6.307  1.00 46.28 ? 16  GLY B N   1 
ATOM   841  C CA  . GLY B 1 16  ? -3.844  -6.191  -6.938  1.00 45.99 ? 16  GLY B CA  1 
ATOM   842  C C   . GLY B 1 16  ? -3.070  -5.933  -8.240  1.00 44.90 ? 16  GLY B C   1 
ATOM   843  O O   . GLY B 1 16  ? -1.848  -6.186  -8.320  1.00 46.69 ? 16  GLY B O   1 
ATOM   844  N N   . ALA B 1 17  ? -3.774  -5.415  -9.245  1.00 42.61 ? 17  ALA B N   1 
ATOM   845  C CA  . ALA B 1 17  ? -3.190  -5.145  -10.551 1.00 39.49 ? 17  ALA B CA  1 
ATOM   846  C C   . ALA B 1 17  ? -2.419  -3.848  -10.545 1.00 38.02 ? 17  ALA B C   1 
ATOM   847  O O   . ALA B 1 17  ? -2.679  -2.923  -9.788  1.00 37.68 ? 17  ALA B O   1 
ATOM   848  C CB  . ALA B 1 17  ? -4.244  -5.161  -11.659 1.00 39.20 ? 17  ALA B CB  1 
ATOM   849  N N   . GLU B 1 18  ? -1.426  -3.798  -11.407 1.00 36.47 ? 18  GLU B N   1 
ATOM   850  C CA  . GLU B 1 18  ? -0.590  -2.613  -11.555 1.00 35.77 ? 18  GLU B CA  1 
ATOM   851  C C   . GLU B 1 18  ? -0.582  -2.144  -13.025 1.00 33.43 ? 18  GLU B C   1 
ATOM   852  O O   . GLU B 1 18  ? -0.467  -2.957  -13.942 1.00 32.38 ? 18  GLU B O   1 
ATOM   853  C CB  . GLU B 1 18  ? 0.777   -2.959  -11.062 1.00 36.52 ? 18  GLU B CB  1 
ATOM   854  C CG  . GLU B 1 18  ? 1.658   -1.860  -10.719 1.00 40.02 ? 18  GLU B CG  1 
ATOM   855  C CD  . GLU B 1 18  ? 2.959   -2.414  -10.071 1.00 44.22 ? 18  GLU B CD  1 
ATOM   856  O OE1 . GLU B 1 18  ? 2.913   -3.514  -9.531  1.00 47.88 ? 18  GLU B OE1 1 
ATOM   857  O OE2 . GLU B 1 18  ? 4.014   -1.759  -10.098 1.00 48.94 ? 18  GLU B OE2 1 
ATOM   858  N N   A PHE B 1 19  ? -0.733  -0.842  -13.219 0.50 32.40 ? 19  PHE B N   1 
ATOM   859  N N   B PHE B 1 19  ? -0.733  -0.842  -13.219 0.50 32.32 ? 19  PHE B N   1 
ATOM   860  C CA  A PHE B 1 19  ? -0.806  -0.259  -14.559 0.50 32.13 ? 19  PHE B CA  1 
ATOM   861  C CA  B PHE B 1 19  ? -0.809  -0.260  -14.558 0.50 31.99 ? 19  PHE B CA  1 
ATOM   862  C C   A PHE B 1 19  ? 0.288   0.785   -14.793 0.50 31.47 ? 19  PHE B C   1 
ATOM   863  C C   B PHE B 1 19  ? 0.286   0.785   -14.794 0.50 31.39 ? 19  PHE B C   1 
ATOM   864  O O   A PHE B 1 19  ? 0.458   1.710   -14.020 0.50 31.62 ? 19  PHE B O   1 
ATOM   865  O O   B PHE B 1 19  ? 0.453   1.713   -14.024 0.50 31.55 ? 19  PHE B O   1 
ATOM   866  C CB  A PHE B 1 19  ? -2.198  0.353   -14.805 0.50 32.26 ? 19  PHE B CB  1 
ATOM   867  C CB  B PHE B 1 19  ? -2.206  0.346   -14.800 0.50 32.14 ? 19  PHE B CB  1 
ATOM   868  C CG  A PHE B 1 19  ? -3.318  -0.577  -14.473 0.50 33.37 ? 19  PHE B CG  1 
ATOM   869  C CG  B PHE B 1 19  ? -2.503  0.622   -16.255 0.50 32.89 ? 19  PHE B CG  1 
ATOM   870  C CD1 A PHE B 1 19  ? -3.533  -1.735  -15.213 0.50 32.27 ? 19  PHE B CD1 1 
ATOM   871  C CD1 B PHE B 1 19  ? -2.382  -0.369  -17.209 0.50 34.67 ? 19  PHE B CD1 1 
ATOM   872  C CD2 A PHE B 1 19  ? -4.156  -0.299  -13.402 0.50 33.97 ? 19  PHE B CD2 1 
ATOM   873  C CD2 B PHE B 1 19  ? -2.917  1.877   -16.658 0.50 33.65 ? 19  PHE B CD2 1 
ATOM   874  C CE1 A PHE B 1 19  ? -4.556  -2.583  -14.888 0.50 31.17 ? 19  PHE B CE1 1 
ATOM   875  C CE1 B PHE B 1 19  ? -2.650  -0.119  -18.537 0.50 32.42 ? 19  PHE B CE1 1 
ATOM   876  C CE2 A PHE B 1 19  ? -5.164  -1.148  -13.086 0.50 33.14 ? 19  PHE B CE2 1 
ATOM   877  C CE2 B PHE B 1 19  ? -3.169  2.122   -17.964 0.50 35.55 ? 19  PHE B CE2 1 
ATOM   878  C CZ  A PHE B 1 19  ? -5.334  -2.275  -13.815 0.50 32.73 ? 19  PHE B CZ  1 
ATOM   879  C CZ  B PHE B 1 19  ? -3.029  1.111   -18.911 0.50 35.81 ? 19  PHE B CZ  1 
ATOM   880  N N   . HIS B 1 20  ? 1.065   0.583   -15.850 1.00 31.02 ? 20  HIS B N   1 
ATOM   881  C CA  . HIS B 1 20  ? 2.130   1.534   -16.237 1.00 31.26 ? 20  HIS B CA  1 
ATOM   882  C C   . HIS B 1 20  ? 1.514   2.895   -16.693 1.00 31.90 ? 20  HIS B C   1 
ATOM   883  O O   . HIS B 1 20  ? 0.633   2.939   -17.536 1.00 32.27 ? 20  HIS B O   1 
ATOM   884  C CB  . HIS B 1 20  ? 2.994   0.898   -17.309 1.00 30.53 ? 20  HIS B CB  1 
ATOM   885  C CG  . HIS B 1 20  ? 4.030   1.803   -17.924 1.00 30.38 ? 20  HIS B CG  1 
ATOM   886  N ND1 . HIS B 1 20  ? 4.428   1.676   -19.243 1.00 30.67 ? 20  HIS B ND1 1 
ATOM   887  C CD2 . HIS B 1 20  ? 4.802   2.780   -17.396 1.00 29.11 ? 20  HIS B CD2 1 
ATOM   888  C CE1 . HIS B 1 20  ? 5.374   2.573   -19.498 1.00 28.73 ? 20  HIS B CE1 1 
ATOM   889  N NE2 . HIS B 1 20  ? 5.603   3.268   -18.400 1.00 25.87 ? 20  HIS B NE2 1 
ATOM   890  N N   . LEU B 1 21  ? 1.973   3.969   -16.089 1.00 32.03 ? 21  LEU B N   1 
ATOM   891  C CA  . LEU B 1 21  ? 1.523   5.336   -16.390 1.00 32.85 ? 21  LEU B CA  1 
ATOM   892  C C   . LEU B 1 21  ? 2.583   6.059   -17.220 1.00 33.57 ? 21  LEU B C   1 
ATOM   893  O O   . LEU B 1 21  ? 3.636   6.411   -16.683 1.00 34.89 ? 21  LEU B O   1 
ATOM   894  C CB  . LEU B 1 21  ? 1.375   6.111   -15.088 1.00 32.62 ? 21  LEU B CB  1 
ATOM   895  C CG  . LEU B 1 21  ? 0.455   5.482   -14.058 1.00 35.16 ? 21  LEU B CG  1 
ATOM   896  C CD1 . LEU B 1 21  ? 0.484   6.286   -12.791 1.00 36.34 ? 21  LEU B CD1 1 
ATOM   897  C CD2 . LEU B 1 21  ? -0.998  5.259   -14.577 1.00 33.52 ? 21  LEU B CD2 1 
ATOM   898  N N   . ASP B 1 22  ? 2.314   6.269   -18.506 1.00 33.33 ? 22  ASP B N   1 
ATOM   899  C CA  . ASP B 1 22  ? 3.341   6.701   -19.429 1.00 33.35 ? 22  ASP B CA  1 
ATOM   900  C C   . ASP B 1 22  ? 3.714   8.136   -19.165 1.00 33.24 ? 22  ASP B C   1 
ATOM   901  O O   . ASP B 1 22  ? 2.870   8.951   -18.807 1.00 32.68 ? 22  ASP B O   1 
ATOM   902  C CB  . ASP B 1 22  ? 2.912   6.559   -20.871 1.00 33.13 ? 22  ASP B CB  1 
ATOM   903  C CG  . ASP B 1 22  ? 2.699   5.138   -21.283 1.00 36.06 ? 22  ASP B CG  1 
ATOM   904  O OD1 . ASP B 1 22  ? 3.124   4.193   -20.549 1.00 36.39 ? 22  ASP B OD1 1 
ATOM   905  O OD2 . ASP B 1 22  ? 2.114   4.975   -22.385 1.00 39.74 ? 22  ASP B OD2 1 
ATOM   906  N N   . SER B 1 23  ? 4.991   8.432   -19.405 1.00 33.13 ? 23  SER B N   1 
ATOM   907  C CA  . SER B 1 23  ? 5.485   9.751   -19.197 1.00 32.68 ? 23  SER B CA  1 
ATOM   908  C C   . SER B 1 23  ? 4.817   10.724  -20.190 1.00 32.14 ? 23  SER B C   1 
ATOM   909  O O   . SER B 1 23  ? 4.536   10.383  -21.312 1.00 31.31 ? 23  SER B O   1 
ATOM   910  C CB  . SER B 1 23  ? 7.028   9.746   -19.195 1.00 33.38 ? 23  SER B CB  1 
ATOM   911  O OG  . SER B 1 23  ? 7.542   9.573   -20.450 1.00 34.59 ? 23  SER B OG  1 
ATOM   912  N N   . GLY B 1 24  ? 4.508   11.922  -19.729 1.00 32.84 ? 24  GLY B N   1 
ATOM   913  C CA  . GLY B 1 24  ? 3.747   12.887  -20.526 1.00 33.24 ? 24  GLY B CA  1 
ATOM   914  C C   . GLY B 1 24  ? 2.221   12.678  -20.541 1.00 34.75 ? 24  GLY B C   1 
ATOM   915  O O   . GLY B 1 24  ? 1.474   13.504  -21.112 1.00 34.17 ? 24  GLY B O   1 
ATOM   916  N N   . LYS B 1 25  ? 1.741   11.575  -19.967 1.00 35.18 ? 25  LYS B N   1 
ATOM   917  C CA  . LYS B 1 25  ? 0.309   11.245  -20.098 1.00 35.73 ? 25  LYS B CA  1 
ATOM   918  C C   . LYS B 1 25  ? -0.507  11.574  -18.842 1.00 35.33 ? 25  LYS B C   1 
ATOM   919  O O   . LYS B 1 25  ? 0.023   11.731  -17.726 1.00 33.67 ? 25  LYS B O   1 
ATOM   920  C CB  . LYS B 1 25  ? 0.088   9.793   -20.586 1.00 36.58 ? 25  LYS B CB  1 
ATOM   921  C CG  . LYS B 1 25  ? 0.338   9.652   -22.097 1.00 39.43 ? 25  LYS B CG  1 
ATOM   922  C CD  . LYS B 1 25  ? 0.056   8.265   -22.694 1.00 42.38 ? 25  LYS B CD  1 
ATOM   923  C CE  . LYS B 1 25  ? 0.900   8.094   -24.002 1.00 44.55 ? 25  LYS B CE  1 
ATOM   924  N NZ  . LYS B 1 25  ? 0.957   6.696   -24.564 1.00 48.42 ? 25  LYS B NZ  1 
ATOM   925  N N   . THR B 1 26  ? -1.810  11.717  -19.087 1.00 35.15 ? 26  THR B N   1 
ATOM   926  C CA  . THR B 1 26  ? -2.812  12.010  -18.074 1.00 34.36 ? 26  THR B CA  1 
ATOM   927  C C   . THR B 1 26  ? -3.769  10.818  -17.944 1.00 33.96 ? 26  THR B C   1 
ATOM   928  O O   . THR B 1 26  ? -4.195  10.270  -18.920 1.00 34.29 ? 26  THR B O   1 
ATOM   929  C CB  . THR B 1 26  ? -3.682  13.263  -18.507 1.00 35.46 ? 26  THR B CB  1 
ATOM   930  O OG1 . THR B 1 26  ? -2.833  14.408  -18.579 1.00 34.25 ? 26  THR B OG1 1 
ATOM   931  C CG2 . THR B 1 26  ? -4.847  13.540  -17.524 1.00 33.03 ? 26  THR B CG2 1 
ATOM   932  N N   . TYR B 1 27  ? -4.103  10.451  -16.728 1.00 33.02 ? 27  TYR B N   1 
ATOM   933  C CA  . TYR B 1 27  ? -5.000  9.347   -16.444 1.00 32.81 ? 27  TYR B CA  1 
ATOM   934  C C   . TYR B 1 27  ? -6.076  9.825   -15.412 1.00 32.51 ? 27  TYR B C   1 
ATOM   935  O O   . TYR B 1 27  ? -5.796  10.530  -14.441 1.00 30.94 ? 27  TYR B O   1 
ATOM   936  C CB  . TYR B 1 27  ? -4.216  8.148   -15.840 1.00 33.43 ? 27  TYR B CB  1 
ATOM   937  C CG  . TYR B 1 27  ? -3.171  7.573   -16.774 1.00 31.12 ? 27  TYR B CG  1 
ATOM   938  C CD1 . TYR B 1 27  ? -3.442  6.460   -17.521 1.00 31.02 ? 27  TYR B CD1 1 
ATOM   939  C CD2 . TYR B 1 27  ? -1.933  8.189   -16.934 1.00 33.28 ? 27  TYR B CD2 1 
ATOM   940  C CE1 . TYR B 1 27  ? -2.513  5.928   -18.417 1.00 33.08 ? 27  TYR B CE1 1 
ATOM   941  C CE2 . TYR B 1 27  ? -0.942  7.639   -17.819 1.00 33.22 ? 27  TYR B CE2 1 
ATOM   942  C CZ  . TYR B 1 27  ? -1.262  6.512   -18.536 1.00 30.52 ? 27  TYR B CZ  1 
ATOM   943  O OH  . TYR B 1 27  ? -0.391  5.992   -19.413 1.00 30.69 ? 27  TYR B OH  1 
ATOM   944  N N   . ILE B 1 28  ? -7.305  9.457   -15.688 1.00 31.89 ? 28  ILE B N   1 
ATOM   945  C CA  . ILE B 1 28  ? -8.403  9.711   -14.761 1.00 31.02 ? 28  ILE B CA  1 
ATOM   946  C C   . ILE B 1 28  ? -8.711  8.423   -14.070 1.00 30.37 ? 28  ILE B C   1 
ATOM   947  O O   . ILE B 1 28  ? -8.945  7.425   -14.720 1.00 30.72 ? 28  ILE B O   1 
ATOM   948  C CB  . ILE B 1 28  ? -9.677  10.186  -15.511 1.00 31.55 ? 28  ILE B CB  1 
ATOM   949  C CG1 . ILE B 1 28  ? -9.425  11.633  -16.033 1.00 31.34 ? 28  ILE B CG1 1 
ATOM   950  C CG2 . ILE B 1 28  ? -10.871 10.116  -14.569 1.00 29.24 ? 28  ILE B CG2 1 
ATOM   951  C CD1 . ILE B 1 28  ? -9.956  11.841  -17.402 1.00 32.45 ? 28  ILE B CD1 1 
ATOM   952  N N   . VAL B 1 29  ? -8.710  8.470   -12.750 1.00 30.40 ? 29  VAL B N   1 
ATOM   953  C CA  . VAL B 1 29  ? -9.137  7.375   -11.929 1.00 31.07 ? 29  VAL B CA  1 
ATOM   954  C C   . VAL B 1 29  ? -10.612 7.644   -11.540 1.00 31.41 ? 29  VAL B C   1 
ATOM   955  O O   . VAL B 1 29  ? -10.958 8.746   -11.114 1.00 31.00 ? 29  VAL B O   1 
ATOM   956  C CB  . VAL B 1 29  ? -8.273  7.266   -10.664 1.00 31.32 ? 29  VAL B CB  1 
ATOM   957  C CG1 . VAL B 1 29  ? -8.530  5.960   -9.916  1.00 30.65 ? 29  VAL B CG1 1 
ATOM   958  C CG2 . VAL B 1 29  ? -6.730  7.351   -11.103 1.00 32.49 ? 29  VAL B CG2 1 
ATOM   959  N N   . GLY B 1 30  ? -11.447 6.634   -11.695 1.00 30.48 ? 30  GLY B N   1 
ATOM   960  C CA  . GLY B 1 30  ? -12.856 6.784   -11.361 1.00 30.72 ? 30  GLY B CA  1 
ATOM   961  C C   . GLY B 1 30  ? -13.552 5.466   -11.467 1.00 30.50 ? 30  GLY B C   1 
ATOM   962  O O   . GLY B 1 30  ? -12.912 4.464   -11.732 1.00 32.08 ? 30  GLY B O   1 
ATOM   963  N N   . SER B 1 31  ? -14.850 5.478   -11.223 1.00 29.97 ? 31  SER B N   1 
ATOM   964  C CA  . SER B 1 31  ? -15.690 4.286   -11.223 1.00 29.16 ? 31  SER B CA  1 
ATOM   965  C C   . SER B 1 31  ? -16.479 4.048   -12.529 1.00 29.09 ? 31  SER B C   1 
ATOM   966  O O   . SER B 1 31  ? -17.048 2.981   -12.721 1.00 28.63 ? 31  SER B O   1 
ATOM   967  C CB  . SER B 1 31  ? -16.689 4.396   -10.059 1.00 30.08 ? 31  SER B CB  1 
ATOM   968  O OG  . SER B 1 31  ? -17.393 5.660   -10.089 1.00 26.37 ? 31  SER B OG  1 
ATOM   969  N N   . ASP B 1 32  ? -16.475 5.026   -13.424 1.00 28.79 ? 32  ASP B N   1 
ATOM   970  C CA  . ASP B 1 32  ? -17.226 4.948   -14.679 1.00 29.06 ? 32  ASP B CA  1 
ATOM   971  C C   . ASP B 1 32  ? -16.388 4.613   -15.927 1.00 28.98 ? 32  ASP B C   1 
ATOM   972  O O   . ASP B 1 32  ? -15.614 5.453   -16.416 1.00 29.36 ? 32  ASP B O   1 
ATOM   973  C CB  . ASP B 1 32  ? -17.967 6.270   -14.878 1.00 29.27 ? 32  ASP B CB  1 
ATOM   974  C CG  . ASP B 1 32  ? -18.824 6.274   -16.084 1.00 27.78 ? 32  ASP B CG  1 
ATOM   975  O OD1 . ASP B 1 32  ? -18.712 5.362   -16.935 1.00 27.22 ? 32  ASP B OD1 1 
ATOM   976  O OD2 . ASP B 1 32  ? -19.645 7.205   -16.184 1.00 31.91 ? 32  ASP B OD2 1 
ATOM   977  N N   . PRO B 1 33  ? -16.565 3.396   -16.471 1.00 29.44 ? 33  PRO B N   1 
ATOM   978  C CA  . PRO B 1 33  ? -15.668 2.952   -17.529 1.00 29.90 ? 33  PRO B CA  1 
ATOM   979  C C   . PRO B 1 33  ? -15.749 3.751   -18.828 1.00 30.55 ? 33  PRO B C   1 
ATOM   980  O O   . PRO B 1 33  ? -14.844 3.666   -19.653 1.00 30.40 ? 33  PRO B O   1 
ATOM   981  C CB  . PRO B 1 33  ? -16.044 1.489   -17.751 1.00 29.78 ? 33  PRO B CB  1 
ATOM   982  C CG  . PRO B 1 33  ? -17.383 1.269   -17.059 1.00 30.36 ? 33  PRO B CG  1 
ATOM   983  C CD  . PRO B 1 33  ? -17.528 2.350   -16.055 1.00 29.61 ? 33  PRO B CD  1 
ATOM   984  N N   . GLN B 1 34  ? -16.815 4.519   -19.002 1.00 32.17 ? 34  GLN B N   1 
ATOM   985  C CA  . GLN B 1 34  ? -16.984 5.371   -20.196 1.00 32.65 ? 34  GLN B CA  1 
ATOM   986  C C   . GLN B 1 34  ? -16.166 6.674   -20.141 1.00 32.75 ? 34  GLN B C   1 
ATOM   987  O O   . GLN B 1 34  ? -15.860 7.227   -21.178 1.00 33.80 ? 34  GLN B O   1 
ATOM   988  C CB  . GLN B 1 34  ? -18.459 5.655   -20.442 1.00 32.70 ? 34  GLN B CB  1 
ATOM   989  C CG  . GLN B 1 34  ? -19.238 4.379   -20.647 1.00 33.89 ? 34  GLN B CG  1 
ATOM   990  C CD  . GLN B 1 34  ? -20.492 4.591   -21.410 1.00 39.29 ? 34  GLN B CD  1 
ATOM   991  O OE1 . GLN B 1 34  ? -21.598 4.384   -20.891 1.00 43.01 ? 34  GLN B OE1 1 
ATOM   992  N NE2 . GLN B 1 34  ? -20.347 5.040   -22.644 1.00 41.87 ? 34  GLN B NE2 1 
ATOM   993  N N   . VAL B 1 35  ? -15.810 7.127   -18.938 1.00 32.63 ? 35  VAL B N   1 
ATOM   994  C CA  . VAL B 1 35  ? -15.091 8.382   -18.713 1.00 31.87 ? 35  VAL B CA  1 
ATOM   995  C C   . VAL B 1 35  ? -13.786 8.224   -17.856 1.00 31.92 ? 35  VAL B C   1 
ATOM   996  O O   . VAL B 1 35  ? -13.070 9.176   -17.632 1.00 32.29 ? 35  VAL B O   1 
ATOM   997  C CB  . VAL B 1 35  ? -16.028 9.480   -18.058 1.00 32.33 ? 35  VAL B CB  1 
ATOM   998  C CG1 . VAL B 1 35  ? -17.272 9.836   -18.991 1.00 29.84 ? 35  VAL B CG1 1 
ATOM   999  C CG2 . VAL B 1 35  ? -16.478 9.074   -16.661 1.00 30.43 ? 35  VAL B CG2 1 
ATOM   1000 N N   . ALA B 1 36  ? -13.490 7.046   -17.357 1.00 31.76 ? 36  ALA B N   1 
ATOM   1001 C CA  . ALA B 1 36  ? -12.266 6.864   -16.560 1.00 31.63 ? 36  ALA B CA  1 
ATOM   1002 C C   . ALA B 1 36  ? -11.291 5.924   -17.285 1.00 31.28 ? 36  ALA B C   1 
ATOM   1003 O O   . ALA B 1 36  ? -11.719 5.077   -18.066 1.00 31.66 ? 36  ALA B O   1 
ATOM   1004 C CB  . ALA B 1 36  ? -12.605 6.330   -15.159 1.00 32.09 ? 36  ALA B CB  1 
ATOM   1005 N N   . ASP B 1 37  ? -10.008 6.065   -17.002 1.00 30.77 ? 37  ASP B N   1 
ATOM   1006 C CA  . ASP B 1 37  ? -8.934  5.219   -17.650 1.00 31.41 ? 37  ASP B CA  1 
ATOM   1007 C C   . ASP B 1 37  ? -8.480  4.113   -16.730 1.00 30.97 ? 37  ASP B C   1 
ATOM   1008 O O   . ASP B 1 37  ? -8.113  3.010   -17.166 1.00 30.21 ? 37  ASP B O   1 
ATOM   1009 C CB  . ASP B 1 37  ? -7.673  6.043   -18.084 1.00 30.30 ? 37  ASP B CB  1 
ATOM   1010 C CG  . ASP B 1 37  ? -8.037  7.308   -18.908 1.00 33.53 ? 37  ASP B CG  1 
ATOM   1011 O OD1 . ASP B 1 37  ? -8.531  7.148   -20.053 1.00 32.49 ? 37  ASP B OD1 1 
ATOM   1012 O OD2 . ASP B 1 37  ? -7.839  8.445   -18.393 1.00 32.35 ? 37  ASP B OD2 1 
ATOM   1013 N N   . ILE B 1 38  ? -8.427  4.444   -15.452 1.00 32.53 ? 38  ILE B N   1 
ATOM   1014 C CA  . ILE B 1 38  ? -8.214  3.450   -14.404 1.00 32.97 ? 38  ILE B CA  1 
ATOM   1015 C C   . ILE B 1 38  ? -9.566  3.377   -13.647 1.00 33.09 ? 38  ILE B C   1 
ATOM   1016 O O   . ILE B 1 38  ? -9.937  4.312   -12.961 1.00 32.00 ? 38  ILE B O   1 
ATOM   1017 C CB  . ILE B 1 38  ? -7.083  3.826   -13.472 1.00 31.94 ? 38  ILE B CB  1 
ATOM   1018 C CG1 . ILE B 1 38  ? -5.741  3.951   -14.246 1.00 35.22 ? 38  ILE B CG1 1 
ATOM   1019 C CG2 . ILE B 1 38  ? -7.041  2.791   -12.403 1.00 33.76 ? 38  ILE B CG2 1 
ATOM   1020 C CD1 . ILE B 1 38  ? -4.725  4.996   -13.712 1.00 33.91 ? 38  ILE B CD1 1 
ATOM   1021 N N   . VAL B 1 39  ? -10.241 2.242   -13.752 1.00 33.43 ? 39  VAL B N   1 
ATOM   1022 C CA  . VAL B 1 39  ? -11.656 2.120   -13.341 1.00 35.00 ? 39  VAL B CA  1 
ATOM   1023 C C   . VAL B 1 39  ? -11.863 1.072   -12.255 1.00 36.68 ? 39  VAL B C   1 
ATOM   1024 O O   . VAL B 1 39  ? -11.603 -0.115  -12.446 1.00 38.22 ? 39  VAL B O   1 
ATOM   1025 C CB  . VAL B 1 39  ? -12.580 1.675   -14.514 1.00 34.04 ? 39  VAL B CB  1 
ATOM   1026 C CG1 . VAL B 1 39  ? -14.047 1.845   -14.115 1.00 33.04 ? 39  VAL B CG1 1 
ATOM   1027 C CG2 . VAL B 1 39  ? -12.216 2.430   -15.786 1.00 31.62 ? 39  VAL B CG2 1 
ATOM   1028 N N   . LEU B 1 40  ? -12.317 1.536   -11.120 1.00 38.75 ? 40  LEU B N   1 
ATOM   1029 C CA  . LEU B 1 40  ? -12.712 0.683   -10.008 1.00 40.31 ? 40  LEU B CA  1 
ATOM   1030 C C   . LEU B 1 40  ? -14.235 0.936   -9.750  1.00 41.35 ? 40  LEU B C   1 
ATOM   1031 O O   . LEU B 1 40  ? -14.639 2.002   -9.336  1.00 40.78 ? 40  LEU B O   1 
ATOM   1032 C CB  . LEU B 1 40  ? -11.911 1.046   -8.768  1.00 40.27 ? 40  LEU B CB  1 
ATOM   1033 C CG  . LEU B 1 40  ? -10.574 0.374   -8.529  1.00 42.93 ? 40  LEU B CG  1 
ATOM   1034 C CD1 . LEU B 1 40  ? -10.738 -1.177  -8.247  1.00 41.39 ? 40  LEU B CD1 1 
ATOM   1035 C CD2 . LEU B 1 40  ? -9.590  0.728   -9.694  1.00 41.16 ? 40  LEU B CD2 1 
ATOM   1036 N N   . SER B 1 41  ? -15.055 -0.061  -9.967  1.00 42.33 ? 41  SER B N   1 
ATOM   1037 C CA  . SER B 1 41  ? -16.482 0.119   -9.731  1.00 44.46 ? 41  SER B CA  1 
ATOM   1038 C C   . SER B 1 41  ? -16.867 -0.047  -8.245  1.00 44.27 ? 41  SER B C   1 
ATOM   1039 O O   . SER B 1 41  ? -17.634 -0.920  -7.886  1.00 45.30 ? 41  SER B O   1 
ATOM   1040 C CB  . SER B 1 41  ? -17.316 -0.755  -10.675 1.00 44.64 ? 41  SER B CB  1 
ATOM   1041 O OG  . SER B 1 41  ? -17.282 -0.156  -11.985 1.00 45.71 ? 41  SER B OG  1 
ATOM   1042 N N   . ASP B 1 42  ? -16.271 0.817   -7.429  1.00 43.87 ? 42  ASP B N   1 
ATOM   1043 C CA  . ASP B 1 42  ? -16.547 0.969   -6.006  1.00 43.41 ? 42  ASP B CA  1 
ATOM   1044 C C   . ASP B 1 42  ? -17.390 2.238   -5.880  1.00 42.37 ? 42  ASP B C   1 
ATOM   1045 O O   . ASP B 1 42  ? -16.995 3.292   -6.368  1.00 41.75 ? 42  ASP B O   1 
ATOM   1046 C CB  . ASP B 1 42  ? -15.220 1.103   -5.255  1.00 43.97 ? 42  ASP B CB  1 
ATOM   1047 C CG  . ASP B 1 42  ? -15.349 1.710   -3.872  1.00 45.43 ? 42  ASP B CG  1 
ATOM   1048 O OD1 . ASP B 1 42  ? -16.414 1.627   -3.248  1.00 45.58 ? 42  ASP B OD1 1 
ATOM   1049 O OD2 . ASP B 1 42  ? -14.329 2.275   -3.400  1.00 49.01 ? 42  ASP B OD2 1 
ATOM   1050 N N   . MET B 1 43  ? -18.523 2.106   -5.200  1.00 41.14 ? 43  MET B N   1 
ATOM   1051 C CA  . MET B 1 43  ? -19.583 3.138   -5.108  1.00 40.44 ? 43  MET B CA  1 
ATOM   1052 C C   . MET B 1 43  ? -19.136 4.460   -4.464  1.00 39.48 ? 43  MET B C   1 
ATOM   1053 O O   . MET B 1 43  ? -19.710 5.519   -4.719  1.00 39.53 ? 43  MET B O   1 
ATOM   1054 C CB  . MET B 1 43  ? -20.795 2.578   -4.326  1.00 39.79 ? 43  MET B CB  1 
ATOM   1055 N N   . SER B 1 44  ? -18.132 4.384   -3.610  1.00 38.78 ? 44  SER B N   1 
ATOM   1056 C CA  . SER B 1 44  ? -17.538 5.574   -2.964  1.00 38.32 ? 44  SER B CA  1 
ATOM   1057 C C   . SER B 1 44  ? -16.544 6.347   -3.898  1.00 37.22 ? 44  SER B C   1 
ATOM   1058 O O   . SER B 1 44  ? -16.019 7.402   -3.523  1.00 37.16 ? 44  SER B O   1 
ATOM   1059 C CB  . SER B 1 44  ? -16.807 5.137   -1.691  1.00 38.56 ? 44  SER B CB  1 
ATOM   1060 O OG  . SER B 1 44  ? -15.682 4.354   -2.076  1.00 40.08 ? 44  SER B OG  1 
ATOM   1061 N N   . ILE B 1 45  ? -16.279 5.809   -5.085  1.00 35.42 ? 45  ILE B N   1 
ATOM   1062 C CA  . ILE B 1 45  ? -15.419 6.486   -6.071  1.00 35.30 ? 45  ILE B CA  1 
ATOM   1063 C C   . ILE B 1 45  ? -16.291 7.170   -7.141  1.00 34.35 ? 45  ILE B C   1 
ATOM   1064 O O   . ILE B 1 45  ? -17.166 6.527   -7.769  1.00 33.44 ? 45  ILE B O   1 
ATOM   1065 C CB  . ILE B 1 45  ? -14.392 5.507   -6.767  1.00 35.37 ? 45  ILE B CB  1 
ATOM   1066 C CG1 . ILE B 1 45  ? -13.406 4.930   -5.734  1.00 34.88 ? 45  ILE B CG1 1 
ATOM   1067 C CG2 . ILE B 1 45  ? -13.723 6.186   -7.949  1.00 33.85 ? 45  ILE B CG2 1 
ATOM   1068 C CD1 . ILE B 1 45  ? -12.358 4.041   -6.365  1.00 35.84 ? 45  ILE B CD1 1 
ATOM   1069 N N   . SER B 1 46  ? -16.047 8.466   -7.316  1.00 32.95 ? 46  SER B N   1 
ATOM   1070 C CA  . SER B 1 46  ? -16.781 9.279   -8.293  1.00 32.61 ? 46  SER B CA  1 
ATOM   1071 C C   . SER B 1 46  ? -16.456 8.845   -9.724  1.00 32.51 ? 46  SER B C   1 
ATOM   1072 O O   . SER B 1 46  ? -15.424 8.230   -9.995  1.00 31.16 ? 46  SER B O   1 
ATOM   1073 C CB  . SER B 1 46  ? -16.439 10.758  -8.139  1.00 31.54 ? 46  SER B CB  1 
ATOM   1074 O OG  . SER B 1 46  ? -16.507 11.161  -6.794  1.00 30.16 ? 46  SER B OG  1 
ATOM   1075 N N   . ARG B 1 47  ? -17.359 9.206   -10.621 1.00 32.34 ? 47  ARG B N   1 
ATOM   1076 C CA  . ARG B 1 47  ? -17.268 8.829   -12.025 1.00 32.59 ? 47  ARG B CA  1 
ATOM   1077 C C   . ARG B 1 47  ? -15.924 9.275   -12.607 1.00 32.49 ? 47  ARG B C   1 
ATOM   1078 O O   . ARG B 1 47  ? -15.219 8.485   -13.230 1.00 32.81 ? 47  ARG B O   1 
ATOM   1079 C CB  . ARG B 1 47  ? -18.428 9.408   -12.791 1.00 32.67 ? 47  ARG B CB  1 
ATOM   1080 C CG  . ARG B 1 47  ? -19.769 8.808   -12.338 1.00 36.43 ? 47  ARG B CG  1 
ATOM   1081 C CD  . ARG B 1 47  ? -20.800 8.938   -13.390 1.00 40.89 ? 47  ARG B CD  1 
ATOM   1082 N NE  . ARG B 1 47  ? -20.752 10.279  -13.964 1.00 47.03 ? 47  ARG B NE  1 
ATOM   1083 C CZ  . ARG B 1 47  ? -20.640 10.574  -15.265 1.00 51.83 ? 47  ARG B CZ  1 
ATOM   1084 N NH1 . ARG B 1 47  ? -20.578 9.635   -16.208 1.00 53.78 ? 47  ARG B NH1 1 
ATOM   1085 N NH2 . ARG B 1 47  ? -20.614 11.845  -15.629 1.00 53.81 ? 47  ARG B NH2 1 
ATOM   1086 N N   . GLN B 1 48  ? -15.574 10.526  -12.384 1.00 31.82 ? 48  GLN B N   1 
ATOM   1087 C CA  . GLN B 1 48  ? -14.204 10.994  -12.543 1.00 32.10 ? 48  GLN B CA  1 
ATOM   1088 C C   . GLN B 1 48  ? -13.776 11.580  -11.201 1.00 32.45 ? 48  GLN B C   1 
ATOM   1089 O O   . GLN B 1 48  ? -14.218 12.640  -10.797 1.00 31.03 ? 48  GLN B O   1 
ATOM   1090 C CB  . GLN B 1 48  ? -14.056 12.031  -13.651 1.00 32.69 ? 48  GLN B CB  1 
ATOM   1091 C CG  . GLN B 1 48  ? -14.512 11.565  -15.042 1.00 32.93 ? 48  GLN B CG  1 
ATOM   1092 C CD  . GLN B 1 48  ? -14.130 12.559  -16.147 1.00 33.41 ? 48  GLN B CD  1 
ATOM   1093 O OE1 . GLN B 1 48  ? -14.114 13.761  -15.942 1.00 35.29 ? 48  GLN B OE1 1 
ATOM   1094 N NE2 . GLN B 1 48  ? -13.775 12.051  -17.303 1.00 29.79 ? 48  GLN B NE2 1 
ATOM   1095 N N   . HIS B 1 49  ? -12.926 10.833  -10.506 1.00 32.70 ? 49  HIS B N   1 
ATOM   1096 C CA  . HIS B 1 49  ? -12.574 11.135  -9.130  1.00 33.47 ? 49  HIS B CA  1 
ATOM   1097 C C   . HIS B 1 49  ? -11.269 11.948  -9.031  1.00 33.44 ? 49  HIS B C   1 
ATOM   1098 O O   . HIS B 1 49  ? -11.225 12.991  -8.357  1.00 32.41 ? 49  HIS B O   1 
ATOM   1099 C CB  . HIS B 1 49  ? -12.433 9.829   -8.361  1.00 33.35 ? 49  HIS B CB  1 
ATOM   1100 C CG  . HIS B 1 49  ? -12.479 9.994   -6.882  1.00 34.90 ? 49  HIS B CG  1 
ATOM   1101 N ND1 . HIS B 1 49  ? -13.546 9.557   -6.119  1.00 33.66 ? 49  HIS B ND1 1 
ATOM   1102 C CD2 . HIS B 1 49  ? -11.590 10.544  -6.017  1.00 32.96 ? 49  HIS B CD2 1 
ATOM   1103 C CE1 . HIS B 1 49  ? -13.317 9.843   -4.849  1.00 32.25 ? 49  HIS B CE1 1 
ATOM   1104 N NE2 . HIS B 1 49  ? -12.146 10.458  -4.761  1.00 33.36 ? 49  HIS B NE2 1 
ATOM   1105 N N   . ALA B 1 50  ? -10.221 11.461  -9.697  1.00 33.52 ? 50  ALA B N   1 
ATOM   1106 C CA  . ALA B 1 50  ? -8.898  12.088  -9.607  1.00 33.32 ? 50  ALA B CA  1 
ATOM   1107 C C   . ALA B 1 50  ? -8.272  12.080  -10.980 1.00 34.03 ? 50  ALA B C   1 
ATOM   1108 O O   . ALA B 1 50  ? -8.517  11.203  -11.774 1.00 33.21 ? 50  ALA B O   1 
ATOM   1109 C CB  . ALA B 1 50  ? -7.996  11.337  -8.615  1.00 34.09 ? 50  ALA B CB  1 
ATOM   1110 N N   . LYS B 1 51  ? -7.375  13.026  -11.210 1.00 35.56 ? 51  LYS B N   1 
ATOM   1111 C CA  . LYS B 1 51  ? -6.594  13.071  -12.439 1.00 36.29 ? 51  LYS B CA  1 
ATOM   1112 C C   . LYS B 1 51  ? -5.122  13.030  -12.084 1.00 36.16 ? 51  LYS B C   1 
ATOM   1113 O O   . LYS B 1 51  ? -4.647  13.776  -11.245 1.00 36.37 ? 51  LYS B O   1 
ATOM   1114 C CB  . LYS B 1 51  ? -6.939  14.327  -13.222 1.00 35.83 ? 51  LYS B CB  1 
ATOM   1115 C CG  . LYS B 1 51  ? -6.259  14.482  -14.572 1.00 37.34 ? 51  LYS B CG  1 
ATOM   1116 C CD  . LYS B 1 51  ? -6.662  15.824  -15.272 1.00 35.62 ? 51  LYS B CD  1 
ATOM   1117 C CE  . LYS B 1 51  ? -8.178  15.887  -15.632 1.00 35.68 ? 51  LYS B CE  1 
ATOM   1118 N NZ  . LYS B 1 51  ? -8.594  17.116  -16.446 1.00 35.09 ? 51  LYS B NZ  1 
ATOM   1119 N N   . ILE B 1 52  ? -4.418  12.141  -12.745 1.00 36.40 ? 52  ILE B N   1 
ATOM   1120 C CA  . ILE B 1 52  ? -3.025  11.880  -12.465 1.00 36.13 ? 52  ILE B CA  1 
ATOM   1121 C C   . ILE B 1 52  ? -2.216  12.250  -13.690 1.00 36.72 ? 52  ILE B C   1 
ATOM   1122 O O   . ILE B 1 52  ? -2.431  11.738  -14.771 1.00 37.60 ? 52  ILE B O   1 
ATOM   1123 C CB  . ILE B 1 52  ? -2.783  10.400  -12.119 1.00 37.15 ? 52  ILE B CB  1 
ATOM   1124 C CG1 . ILE B 1 52  ? -3.571  10.032  -10.854 1.00 34.37 ? 52  ILE B CG1 1 
ATOM   1125 C CG2 . ILE B 1 52  ? -1.235  10.112  -11.965 1.00 33.25 ? 52  ILE B CG2 1 
ATOM   1126 C CD1 . ILE B 1 52  ? -3.311  8.574   -10.292 1.00 33.02 ? 52  ILE B CD1 1 
ATOM   1127 N N   . ILE B 1 53  ? -1.323  13.189  -13.522 1.00 36.27 ? 53  ILE B N   1 
ATOM   1128 C CA  . ILE B 1 53  ? -0.551  13.709  -14.632 1.00 37.18 ? 53  ILE B CA  1 
ATOM   1129 C C   . ILE B 1 53  ? 0.919   13.341  -14.412 1.00 36.49 ? 53  ILE B C   1 
ATOM   1130 O O   . ILE B 1 53  ? 1.524   13.733  -13.434 1.00 35.75 ? 53  ILE B O   1 
ATOM   1131 C CB  . ILE B 1 53  ? -0.669  15.269  -14.782 1.00 37.19 ? 53  ILE B CB  1 
ATOM   1132 C CG1 . ILE B 1 53  ? -2.112  15.630  -15.146 1.00 38.54 ? 53  ILE B CG1 1 
ATOM   1133 C CG2 . ILE B 1 53  ? 0.327   15.779  -15.829 1.00 38.29 ? 53  ILE B CG2 1 
ATOM   1134 C CD1 . ILE B 1 53  ? -2.238  16.849  -16.042 1.00 41.61 ? 53  ILE B CD1 1 
ATOM   1135 N N   A ILE B 1 54  ? 1.463   12.602  -15.374 0.70 36.52 ? 54  ILE B N   1 
ATOM   1136 N N   B ILE B 1 54  ? 1.478   12.590  -15.335 0.30 36.96 ? 54  ILE B N   1 
ATOM   1137 C CA  A ILE B 1 54  ? 2.870   12.163  -15.365 0.70 36.18 ? 54  ILE B CA  1 
ATOM   1138 C CA  B ILE B 1 54  ? 2.867   12.201  -15.198 0.30 37.15 ? 54  ILE B CA  1 
ATOM   1139 C C   A ILE B 1 54  ? 3.739   13.170  -16.106 0.70 36.90 ? 54  ILE B C   1 
ATOM   1140 C C   B ILE B 1 54  ? 3.765   13.079  -16.078 0.30 37.43 ? 54  ILE B C   1 
ATOM   1141 O O   A ILE B 1 54  ? 3.470   13.513  -17.259 0.70 36.54 ? 54  ILE B O   1 
ATOM   1142 O O   B ILE B 1 54  ? 3.531   13.250  -17.275 0.30 37.37 ? 54  ILE B O   1 
ATOM   1143 C CB  A ILE B 1 54  ? 3.070   10.768  -15.989 0.70 35.70 ? 54  ILE B CB  1 
ATOM   1144 C CB  B ILE B 1 54  ? 3.063   10.704  -15.429 0.30 37.14 ? 54  ILE B CB  1 
ATOM   1145 C CG1 A ILE B 1 54  ? 2.019   9.784   -15.468 0.70 34.22 ? 54  ILE B CG1 1 
ATOM   1146 C CG1 B ILE B 1 54  ? 4.275   10.474  -16.301 0.30 37.27 ? 54  ILE B CG1 1 
ATOM   1147 C CG2 A ILE B 1 54  ? 4.506   10.220  -15.667 0.70 35.26 ? 54  ILE B CG2 1 
ATOM   1148 C CG2 B ILE B 1 54  ? 1.821   10.077  -16.038 0.30 36.87 ? 54  ILE B CG2 1 
ATOM   1149 C CD1 A ILE B 1 54  ? 2.012   9.647   -13.962 0.70 32.02 ? 54  ILE B CD1 1 
ATOM   1150 C CD1 B ILE B 1 54  ? 5.525   10.349  -15.532 0.30 36.01 ? 54  ILE B CD1 1 
ATOM   1151 N N   . GLY B 1 55  ? 4.774   13.649  -15.433 1.00 37.44 ? 55  GLY B N   1 
ATOM   1152 C CA  . GLY B 1 55  ? 5.731   14.544  -16.065 1.00 38.54 ? 55  GLY B CA  1 
ATOM   1153 C C   . GLY B 1 55  ? 6.670   13.838  -17.032 1.00 39.89 ? 55  GLY B C   1 
ATOM   1154 O O   . GLY B 1 55  ? 6.486   12.679  -17.381 1.00 40.79 ? 55  GLY B O   1 
ATOM   1155 N N   . ASN B 1 56  ? 7.648   14.590  -17.495 1.00 41.74 ? 56  ASN B N   1 
ATOM   1156 C CA  . ASN B 1 56  ? 8.696   14.104  -18.389 1.00 43.10 ? 56  ASN B CA  1 
ATOM   1157 C C   . ASN B 1 56  ? 10.016  14.193  -17.647 1.00 43.22 ? 56  ASN B C   1 
ATOM   1158 O O   . ASN B 1 56  ? 10.995  14.686  -18.187 1.00 44.29 ? 56  ASN B O   1 
ATOM   1159 C CB  . ASN B 1 56  ? 8.766   14.986  -19.649 1.00 43.27 ? 56  ASN B CB  1 
ATOM   1160 C CG  . ASN B 1 56  ? 7.482   14.923  -20.499 1.00 46.79 ? 56  ASN B CG  1 
ATOM   1161 O OD1 . ASN B 1 56  ? 7.222   13.920  -21.181 1.00 49.73 ? 56  ASN B OD1 1 
ATOM   1162 N ND2 . ASN B 1 56  ? 6.693   16.009  -20.486 1.00 49.72 ? 56  ASN B ND2 1 
ATOM   1163 N N   . ASP B 1 57  ? 10.038  13.758  -16.393 1.00 43.75 ? 57  ASP B N   1 
ATOM   1164 C CA  . ASP B 1 57  ? 11.083  14.244  -15.452 1.00 44.10 ? 57  ASP B CA  1 
ATOM   1165 C C   . ASP B 1 57  ? 11.288  13.495  -14.140 1.00 43.69 ? 57  ASP B C   1 
ATOM   1166 O O   . ASP B 1 57  ? 12.095  13.934  -13.319 1.00 44.50 ? 57  ASP B O   1 
ATOM   1167 C CB  . ASP B 1 57  ? 10.847  15.752  -15.114 1.00 44.70 ? 57  ASP B CB  1 
ATOM   1168 C CG  . ASP B 1 57  ? 9.373   16.078  -14.735 1.00 46.62 ? 57  ASP B CG  1 
ATOM   1169 O OD1 . ASP B 1 57  ? 8.586   15.140  -14.486 1.00 47.69 ? 57  ASP B OD1 1 
ATOM   1170 O OD2 . ASP B 1 57  ? 9.023   17.286  -14.683 1.00 50.29 ? 57  ASP B OD2 1 
ATOM   1171 N N   . ASN B 1 58  ? 10.592  12.385  -13.937 1.00 42.97 ? 58  ASN B N   1 
ATOM   1172 C CA  . ASN B 1 58  ? 10.528  11.726  -12.607 1.00 42.71 ? 58  ASN B CA  1 
ATOM   1173 C C   . ASN B 1 58  ? 9.552   12.495  -11.691 1.00 41.49 ? 58  ASN B C   1 
ATOM   1174 O O   . ASN B 1 58  ? 9.714   12.485  -10.474 1.00 41.28 ? 58  ASN B O   1 
ATOM   1175 C CB  . ASN B 1 58  ? 11.942  11.623  -11.947 1.00 42.77 ? 58  ASN B CB  1 
ATOM   1176 C CG  . ASN B 1 58  ? 11.980  10.685  -10.686 1.00 44.56 ? 58  ASN B CG  1 
ATOM   1177 O OD1 . ASN B 1 58  ? 11.928  9.436   -10.787 1.00 41.53 ? 58  ASN B OD1 1 
ATOM   1178 N ND2 . ASN B 1 58  ? 12.129  11.307  -9.503  1.00 45.06 ? 58  ASN B ND2 1 
ATOM   1179 N N   . SER B 1 59  ? 8.549   13.155  -12.280 1.00 40.81 ? 59  SER B N   1 
ATOM   1180 C CA  . SER B 1 59  ? 7.526   13.921  -11.484 1.00 39.98 ? 59  SER B CA  1 
ATOM   1181 C C   . SER B 1 59  ? 6.069   13.461  -11.808 1.00 38.15 ? 59  SER B C   1 
ATOM   1182 O O   . SER B 1 59  ? 5.750   13.092  -12.932 1.00 37.74 ? 59  SER B O   1 
ATOM   1183 C CB  . SER B 1 59  ? 7.707   15.450  -11.645 1.00 39.54 ? 59  SER B CB  1 
ATOM   1184 O OG  . SER B 1 59  ? 6.804   16.015  -12.628 1.00 44.72 ? 59  SER B OG  1 
ATOM   1185 N N   . VAL B 1 60  ? 5.222   13.459  -10.784 1.00 36.89 ? 60  VAL B N   1 
ATOM   1186 C CA  . VAL B 1 60  ? 3.799   13.045  -10.878 1.00 34.23 ? 60  VAL B CA  1 
ATOM   1187 C C   . VAL B 1 60  ? 2.936   14.004  -10.053 1.00 34.03 ? 60  VAL B C   1 
ATOM   1188 O O   . VAL B 1 60  ? 3.267   14.377  -8.935  1.00 32.45 ? 60  VAL B O   1 
ATOM   1189 C CB  . VAL B 1 60  ? 3.570   11.594  -10.405 1.00 34.98 ? 60  VAL B CB  1 
ATOM   1190 C CG1 . VAL B 1 60  ? 2.036   11.183  -10.475 1.00 30.93 ? 60  VAL B CG1 1 
ATOM   1191 C CG2 . VAL B 1 60  ? 4.486   10.583  -11.187 1.00 29.86 ? 60  VAL B CG2 1 
ATOM   1192 N N   . LEU B 1 61  ? 1.828   14.422  -10.646 1.00 34.02 ? 61  LEU B N   1 
ATOM   1193 C CA  . LEU B 1 61  ? 0.850   15.300  -9.979  1.00 33.77 ? 61  LEU B CA  1 
ATOM   1194 C C   . LEU B 1 61  ? -0.484  14.575  -9.892  1.00 33.01 ? 61  LEU B C   1 
ATOM   1195 O O   . LEU B 1 61  ? -0.833  13.821  -10.779 1.00 33.78 ? 61  LEU B O   1 
ATOM   1196 C CB  . LEU B 1 61  ? 0.675   16.622  -10.761 1.00 33.31 ? 61  LEU B CB  1 
ATOM   1197 C CG  . LEU B 1 61  ? 1.956   17.428  -10.941 1.00 34.05 ? 61  LEU B CG  1 
ATOM   1198 C CD1 . LEU B 1 61  ? 1.810   18.591  -12.008 1.00 34.73 ? 61  LEU B CD1 1 
ATOM   1199 C CD2 . LEU B 1 61  ? 2.399   17.968  -9.571  1.00 33.21 ? 61  LEU B CD2 1 
ATOM   1200 N N   . ILE B 1 62  ? -1.241  14.830  -8.841  1.00 32.61 ? 62  ILE B N   1 
ATOM   1201 C CA  . ILE B 1 62  ? -2.557  14.194  -8.669  1.00 31.30 ? 62  ILE B CA  1 
ATOM   1202 C C   . ILE B 1 62  ? -3.535  15.299  -8.310  1.00 31.17 ? 62  ILE B C   1 
ATOM   1203 O O   . ILE B 1 62  ? -3.302  16.098  -7.386  1.00 28.54 ? 62  ILE B O   1 
ATOM   1204 C CB  . ILE B 1 62  ? -2.572  13.062  -7.600  1.00 32.06 ? 62  ILE B CB  1 
ATOM   1205 C CG1 . ILE B 1 62  ? -3.943  12.362  -7.612  1.00 32.79 ? 62  ILE B CG1 1 
ATOM   1206 C CG2 . ILE B 1 62  ? -2.234  13.593  -6.168  1.00 30.12 ? 62  ILE B CG2 1 
ATOM   1207 C CD1 . ILE B 1 62  ? -4.006  10.968  -6.983  1.00 32.51 ? 62  ILE B CD1 1 
ATOM   1208 N N   . GLU B 1 63  ? -4.593  15.371  -9.109  1.00 31.25 ? 63  GLU B N   1 
ATOM   1209 C CA  . GLU B 1 63  ? -5.632  16.411  -8.939  1.00 31.51 ? 63  GLU B CA  1 
ATOM   1210 C C   . GLU B 1 63  ? -6.970  15.808  -8.514  1.00 30.03 ? 63  GLU B C   1 
ATOM   1211 O O   . GLU B 1 63  ? -7.413  14.869  -9.082  1.00 30.13 ? 63  GLU B O   1 
ATOM   1212 C CB  . GLU B 1 63  ? -5.832  17.148  -10.274 1.00 31.30 ? 63  GLU B CB  1 
ATOM   1213 C CG  . GLU B 1 63  ? -6.454  18.485  -10.104 1.00 32.58 ? 63  GLU B CG  1 
ATOM   1214 C CD  . GLU B 1 63  ? -7.004  19.067  -11.394 1.00 32.45 ? 63  GLU B CD  1 
ATOM   1215 O OE1 . GLU B 1 63  ? -7.005  18.348  -12.418 1.00 28.55 ? 63  GLU B OE1 1 
ATOM   1216 O OE2 . GLU B 1 63  ? -7.476  20.236  -11.336 1.00 34.06 ? 63  GLU B OE2 1 
ATOM   1217 N N   . ASP B 1 64  ? -7.606  16.408  -7.532  1.00 31.32 ? 64  ASP B N   1 
ATOM   1218 C CA  . ASP B 1 64  ? -9.004  16.166  -7.147  1.00 31.80 ? 64  ASP B CA  1 
ATOM   1219 C C   . ASP B 1 64  ? -9.992  16.841  -8.134  1.00 32.81 ? 64  ASP B C   1 
ATOM   1220 O O   . ASP B 1 64  ? -9.970  18.057  -8.347  1.00 33.49 ? 64  ASP B O   1 
ATOM   1221 C CB  . ASP B 1 64  ? -9.174  16.706  -5.715  1.00 32.12 ? 64  ASP B CB  1 
ATOM   1222 C CG  . ASP B 1 64  ? -10.551 16.429  -5.095  1.00 33.87 ? 64  ASP B CG  1 
ATOM   1223 O OD1 . ASP B 1 64  ? -11.344 15.656  -5.625  1.00 37.99 ? 64  ASP B OD1 1 
ATOM   1224 O OD2 . ASP B 1 64  ? -10.849 17.057  -4.054  1.00 37.68 ? 64  ASP B OD2 1 
ATOM   1225 N N   . LEU B 1 65  ? -10.876 16.039  -8.715  1.00 33.85 ? 65  LEU B N   1 
ATOM   1226 C CA  . LEU B 1 65  ? -11.875 16.527  -9.698  1.00 33.74 ? 65  LEU B CA  1 
ATOM   1227 C C   . LEU B 1 65  ? -13.245 16.811  -9.051  1.00 34.80 ? 65  LEU B C   1 
ATOM   1228 O O   . LEU B 1 65  ? -14.284 16.444  -9.572  1.00 34.46 ? 65  LEU B O   1 
ATOM   1229 C CB  . LEU B 1 65  ? -12.007 15.530  -10.850 1.00 32.69 ? 65  LEU B CB  1 
ATOM   1230 C CG  . LEU B 1 65  ? -10.635 15.203  -11.467 1.00 33.42 ? 65  LEU B CG  1 
ATOM   1231 C CD1 . LEU B 1 65  ? -10.691 14.093  -12.557 1.00 28.87 ? 65  LEU B CD1 1 
ATOM   1232 C CD2 . LEU B 1 65  ? -10.008 16.533  -12.006 1.00 31.15 ? 65  LEU B CD2 1 
ATOM   1233 N N   . GLY B 1 66  ? -13.233 17.499  -7.928  1.00 36.52 ? 66  GLY B N   1 
ATOM   1234 C CA  . GLY B 1 66  ? -14.485 17.870  -7.235  1.00 37.85 ? 66  GLY B CA  1 
ATOM   1235 C C   . GLY B 1 66  ? -15.214 16.675  -6.607  1.00 39.42 ? 66  GLY B C   1 
ATOM   1236 O O   . GLY B 1 66  ? -16.410 16.693  -6.385  1.00 39.70 ? 66  GLY B O   1 
ATOM   1237 N N   . SER B 1 67  ? -14.437 15.666  -6.250  1.00 40.99 ? 67  SER B N   1 
ATOM   1238 C CA  . SER B 1 67  ? -14.961 14.399  -5.797  1.00 41.56 ? 67  SER B CA  1 
ATOM   1239 C C   . SER B 1 67  ? -15.568 14.569  -4.426  1.00 42.14 ? 67  SER B C   1 
ATOM   1240 O O   . SER B 1 67  ? -15.069 15.362  -3.597  1.00 41.47 ? 67  SER B O   1 
ATOM   1241 C CB  . SER B 1 67  ? -13.823 13.382  -5.749  1.00 42.06 ? 67  SER B CB  1 
ATOM   1242 O OG  . SER B 1 67  ? -12.915 13.734  -4.717  1.00 41.88 ? 67  SER B OG  1 
ATOM   1243 N N   . LYS B 1 68  ? -16.655 13.837  -4.197  1.00 42.70 ? 68  LYS B N   1 
ATOM   1244 C CA  . LYS B 1 68  ? -17.394 13.898  -2.937  1.00 43.06 ? 68  LYS B CA  1 
ATOM   1245 C C   . LYS B 1 68  ? -16.490 13.570  -1.732  1.00 43.23 ? 68  LYS B C   1 
ATOM   1246 O O   . LYS B 1 68  ? -16.430 14.305  -0.741  1.00 42.98 ? 68  LYS B O   1 
ATOM   1247 C CB  . LYS B 1 68  ? -18.579 12.914  -2.993  1.00 43.84 ? 68  LYS B CB  1 
ATOM   1248 N N   . ASN B 1 69  ? -15.785 12.452  -1.847  1.00 43.52 ? 69  ASN B N   1 
ATOM   1249 C CA  . ASN B 1 69  ? -14.908 11.954  -0.778  1.00 43.59 ? 69  ASN B CA  1 
ATOM   1250 C C   . ASN B 1 69  ? -13.477 12.504  -0.789  1.00 43.67 ? 69  ASN B C   1 
ATOM   1251 O O   . ASN B 1 69  ? -12.719 12.277  0.157   1.00 45.07 ? 69  ASN B O   1 
ATOM   1252 C CB  . ASN B 1 69  ? -14.904 10.428  -0.804  1.00 43.06 ? 69  ASN B CB  1 
ATOM   1253 C CG  . ASN B 1 69  ? -16.270 9.860   -0.474  1.00 43.03 ? 69  ASN B CG  1 
ATOM   1254 O OD1 . ASN B 1 69  ? -17.045 10.487  0.259   1.00 43.93 ? 69  ASN B OD1 1 
ATOM   1255 N ND2 . ASN B 1 69  ? -16.595 8.714   -1.043  1.00 40.49 ? 69  ASN B ND2 1 
ATOM   1256 N N   . GLY B 1 70  ? -13.116 13.242  -1.825  1.00 42.28 ? 70  GLY B N   1 
ATOM   1257 C CA  . GLY B 1 70  ? -11.777 13.867  -1.875  1.00 41.33 ? 70  GLY B CA  1 
ATOM   1258 C C   . GLY B 1 70  ? -10.663 12.917  -2.268  1.00 39.91 ? 70  GLY B C   1 
ATOM   1259 O O   . GLY B 1 70  ? -10.886 11.751  -2.566  1.00 38.70 ? 70  GLY B O   1 
ATOM   1260 N N   . VAL B 1 71  ? -9.459  13.449  -2.325  1.00 39.36 ? 71  VAL B N   1 
ATOM   1261 C CA  . VAL B 1 71  ? -8.258  12.640  -2.617  1.00 39.21 ? 71  VAL B CA  1 
ATOM   1262 C C   . VAL B 1 71  ? -7.346  12.743  -1.404  1.00 39.03 ? 71  VAL B C   1 
ATOM   1263 O O   . VAL B 1 71  ? -7.040  13.854  -0.933  1.00 39.33 ? 71  VAL B O   1 
ATOM   1264 C CB  . VAL B 1 71  ? -7.547  13.152  -3.869  1.00 40.15 ? 71  VAL B CB  1 
ATOM   1265 C CG1 . VAL B 1 71  ? -6.128  12.511  -4.034  1.00 40.20 ? 71  VAL B CG1 1 
ATOM   1266 C CG2 . VAL B 1 71  ? -8.472  12.970  -5.144  1.00 37.68 ? 71  VAL B CG2 1 
ATOM   1267 N N   . ILE B 1 72  ? -6.962  11.600  -0.872  1.00 38.83 ? 72  ILE B N   1 
ATOM   1268 C CA  . ILE B 1 72  ? -6.149  11.529  0.356   1.00 39.44 ? 72  ILE B CA  1 
ATOM   1269 C C   . ILE B 1 72  ? -4.826  10.897  -0.013  1.00 39.71 ? 72  ILE B C   1 
ATOM   1270 O O   . ILE B 1 72  ? -4.797  9.773   -0.461  1.00 39.57 ? 72  ILE B O   1 
ATOM   1271 C CB  . ILE B 1 72  ? -6.816  10.724  1.441   1.00 39.61 ? 72  ILE B CB  1 
ATOM   1272 C CG1 . ILE B 1 72  ? -8.134  11.410  1.862   1.00 40.20 ? 72  ILE B CG1 1 
ATOM   1273 C CG2 . ILE B 1 72  ? -5.896  10.576  2.672   1.00 40.53 ? 72  ILE B CG2 1 
ATOM   1274 C CD1 . ILE B 1 72  ? -8.818  10.714  2.981   1.00 39.78 ? 72  ILE B CD1 1 
ATOM   1275 N N   . VAL B 1 73  ? -3.755  11.677  0.105   1.00 39.90 ? 73  VAL B N   1 
ATOM   1276 C CA  . VAL B 1 73  ? -2.399  11.233  -0.234  1.00 39.45 ? 73  VAL B CA  1 
ATOM   1277 C C   . VAL B 1 73  ? -1.609  11.078  1.050   1.00 39.23 ? 73  VAL B C   1 
ATOM   1278 O O   . VAL B 1 73  ? -1.401  12.041  1.772   1.00 38.45 ? 73  VAL B O   1 
ATOM   1279 C CB  . VAL B 1 73  ? -1.659  12.256  -1.128  1.00 39.88 ? 73  VAL B CB  1 
ATOM   1280 C CG1 . VAL B 1 73  ? -0.177  11.787  -1.369  1.00 38.88 ? 73  VAL B CG1 1 
ATOM   1281 C CG2 . VAL B 1 73  ? -2.422  12.458  -2.442  1.00 38.19 ? 73  VAL B CG2 1 
ATOM   1282 N N   . GLU B 1 74  ? -1.200  9.853   1.362   1.00 40.14 ? 74  GLU B N   1 
ATOM   1283 C CA  . GLU B 1 74  ? -0.262  9.625   2.502   1.00 40.20 ? 74  GLU B CA  1 
ATOM   1284 C C   . GLU B 1 74  ? -0.836  10.287  3.778   1.00 40.24 ? 74  GLU B C   1 
ATOM   1285 O O   . GLU B 1 74  ? -0.157  11.029  4.515   1.00 39.00 ? 74  GLU B O   1 
ATOM   1286 C CB  . GLU B 1 74  ? 1.145   10.157  2.140   1.00 39.91 ? 74  GLU B CB  1 
ATOM   1287 C CG  . GLU B 1 74  ? 2.304   9.553   2.894   1.00 42.40 ? 74  GLU B CG  1 
ATOM   1288 C CD  . GLU B 1 74  ? 2.271   8.043   2.963   1.00 41.93 ? 74  GLU B CD  1 
ATOM   1289 O OE1 . GLU B 1 74  ? 1.795   7.367   2.006   1.00 39.03 ? 74  GLU B OE1 1 
ATOM   1290 O OE2 . GLU B 1 74  ? 2.704   7.545   4.026   1.00 44.70 ? 74  GLU B OE2 1 
ATOM   1291 N N   . GLY B 1 75  ? -2.120  10.002  4.003   1.00 40.40 ? 75  GLY B N   1 
ATOM   1292 C CA  . GLY B 1 75  ? -2.843  10.494  5.168   1.00 41.00 ? 75  GLY B CA  1 
ATOM   1293 C C   . GLY B 1 75  ? -3.522  11.846  5.022   1.00 42.00 ? 75  GLY B C   1 
ATOM   1294 O O   . GLY B 1 75  ? -4.358  12.189  5.850   1.00 42.44 ? 75  GLY B O   1 
ATOM   1295 N N   . ARG B 1 76  ? -3.189  12.607  3.980   1.00 42.16 ? 76  ARG B N   1 
ATOM   1296 C CA  . ARG B 1 76  ? -3.568  14.031  3.923   1.00 42.50 ? 76  ARG B CA  1 
ATOM   1297 C C   . ARG B 1 76  ? -4.543  14.324  2.761   1.00 42.16 ? 76  ARG B C   1 
ATOM   1298 O O   . ARG B 1 76  ? -4.249  14.041  1.605   1.00 40.62 ? 76  ARG B O   1 
ATOM   1299 C CB  . ARG B 1 76  ? -2.314  14.914  3.833   1.00 42.85 ? 76  ARG B CB  1 
ATOM   1300 N N   . LYS B 1 77  ? -5.719  14.847  3.103   1.00 42.52 ? 77  LYS B N   1 
ATOM   1301 C CA  . LYS B 1 77  ? -6.693  15.278  2.100   1.00 43.05 ? 77  LYS B CA  1 
ATOM   1302 C C   . LYS B 1 77  ? -6.118  16.467  1.354   1.00 42.74 ? 77  LYS B C   1 
ATOM   1303 O O   . LYS B 1 77  ? -5.896  17.515  1.946   1.00 43.54 ? 77  LYS B O   1 
ATOM   1304 C CB  . LYS B 1 77  ? -8.064  15.604  2.688   1.00 43.39 ? 77  LYS B CB  1 
ATOM   1305 C CG  . LYS B 1 77  ? -8.842  16.675  1.875   1.00 45.79 ? 77  LYS B CG  1 
ATOM   1306 C CD  . LYS B 1 77  ? -10.297 16.304  1.615   1.00 49.27 ? 77  LYS B CD  1 
ATOM   1307 C CE  . LYS B 1 77  ? -11.126 17.536  1.202   1.00 50.06 ? 77  LYS B CE  1 
ATOM   1308 N NZ  . LYS B 1 77  ? -12.301 17.145  0.350   1.00 50.91 ? 77  LYS B NZ  1 
ATOM   1309 N N   . ILE B 1 78  ? -5.857  16.286  0.060   1.00 42.73 ? 78  ILE B N   1 
ATOM   1310 C CA  . ILE B 1 78  ? -5.212  17.337  -0.740  1.00 42.95 ? 78  ILE B CA  1 
ATOM   1311 C C   . ILE B 1 78  ? -6.233  18.420  -1.086  1.00 42.59 ? 78  ILE B C   1 
ATOM   1312 O O   . ILE B 1 78  ? -7.449  18.189  -1.128  1.00 42.81 ? 78  ILE B O   1 
ATOM   1313 C CB  . ILE B 1 78  ? -4.503  16.831  -2.036  1.00 42.65 ? 78  ILE B CB  1 
ATOM   1314 C CG1 . ILE B 1 78  ? -5.506  16.304  -3.055  1.00 43.18 ? 78  ILE B CG1 1 
ATOM   1315 C CG2 . ILE B 1 78  ? -3.446  15.766  -1.695  1.00 43.06 ? 78  ILE B CG2 1 
ATOM   1316 C CD1 . ILE B 1 78  ? -4.993  16.263  -4.506  1.00 43.89 ? 78  ILE B CD1 1 
ATOM   1317 N N   . GLU B 1 79  ? -5.713  19.604  -1.318  1.00 42.66 ? 79  GLU B N   1 
ATOM   1318 C CA  . GLU B 1 79  ? -6.531  20.732  -1.775  1.00 42.14 ? 79  GLU B CA  1 
ATOM   1319 C C   . GLU B 1 79  ? -6.141  20.958  -3.231  1.00 41.96 ? 79  GLU B C   1 
ATOM   1320 O O   . GLU B 1 79  ? -5.015  21.403  -3.525  1.00 42.60 ? 79  GLU B O   1 
ATOM   1321 C CB  . GLU B 1 79  ? -6.286  21.976  -0.918  1.00 42.08 ? 79  GLU B CB  1 
ATOM   1322 C CG  . GLU B 1 79  ? -6.676  21.807  0.561   1.00 41.58 ? 79  GLU B CG  1 
ATOM   1323 N N   . HIS B 1 80  ? -7.069  20.621  -4.133  1.00 40.73 ? 80  HIS B N   1 
ATOM   1324 C CA  . HIS B 1 80  ? -6.920  20.852  -5.579  1.00 39.42 ? 80  HIS B CA  1 
ATOM   1325 C C   . HIS B 1 80  ? -5.916  19.881  -6.255  1.00 39.07 ? 80  HIS B C   1 
ATOM   1326 O O   . HIS B 1 80  ? -6.328  18.933  -6.913  1.00 38.43 ? 80  HIS B O   1 
ATOM   1327 C CB  . HIS B 1 80  ? -6.579  22.332  -5.894  1.00 39.32 ? 80  HIS B CB  1 
ATOM   1328 C CG  . HIS B 1 80  ? -7.728  23.269  -5.681  1.00 39.12 ? 80  HIS B CG  1 
ATOM   1329 N ND1 . HIS B 1 80  ? -8.117  23.700  -4.432  1.00 39.94 ? 80  HIS B ND1 1 
ATOM   1330 C CD2 . HIS B 1 80  ? -8.574  23.854  -6.562  1.00 37.42 ? 80  HIS B CD2 1 
ATOM   1331 C CE1 . HIS B 1 80  ? -9.148  24.519  -4.552  1.00 38.88 ? 80  HIS B CE1 1 
ATOM   1332 N NE2 . HIS B 1 80  ? -9.450  24.622  -5.834  1.00 38.08 ? 80  HIS B NE2 1 
ATOM   1333 N N   . GLN B 1 81  ? -4.622  20.149  -6.100  1.00 37.72 ? 81  GLN B N   1 
ATOM   1334 C CA  . GLN B 1 81  ? -3.566  19.370  -6.753  1.00 36.88 ? 81  GLN B CA  1 
ATOM   1335 C C   . GLN B 1 81  ? -2.311  19.210  -5.852  1.00 36.27 ? 81  GLN B C   1 
ATOM   1336 O O   . GLN B 1 81  ? -1.905  20.079  -5.119  1.00 35.84 ? 81  GLN B O   1 
ATOM   1337 C CB  . GLN B 1 81  ? -3.166  20.001  -8.076  1.00 36.47 ? 81  GLN B CB  1 
ATOM   1338 C CG  . GLN B 1 81  ? -2.103  19.194  -8.865  1.00 36.86 ? 81  GLN B CG  1 
ATOM   1339 C CD  . GLN B 1 81  ? -1.880  19.715  -10.276 1.00 36.24 ? 81  GLN B CD  1 
ATOM   1340 O OE1 . GLN B 1 81  ? -1.254  20.755  -10.478 1.00 36.12 ? 81  GLN B OE1 1 
ATOM   1341 N NE2 . GLN B 1 81  ? -2.430  19.023  -11.242 1.00 37.77 ? 81  GLN B NE2 1 
ATOM   1342 N N   . SER B 1 82  ? -1.699  18.073  -5.934  1.00 36.30 ? 82  SER B N   1 
ATOM   1343 C CA  . SER B 1 82  ? -0.557  17.788  -5.094  1.00 36.17 ? 82  SER B CA  1 
ATOM   1344 C C   . SER B 1 82  ? 0.452   16.982  -5.876  1.00 35.49 ? 82  SER B C   1 
ATOM   1345 O O   . SER B 1 82  ? 0.092   16.319  -6.834  1.00 34.91 ? 82  SER B O   1 
ATOM   1346 C CB  . SER B 1 82  ? -1.021  17.001  -3.884  1.00 35.81 ? 82  SER B CB  1 
ATOM   1347 O OG  . SER B 1 82  ? 0.073   16.450  -3.200  1.00 38.45 ? 82  SER B OG  1 
ATOM   1348 N N   A THR B 1 83  ? 1.715   17.063  -5.466  0.50 35.35 ? 83  THR B N   1 
ATOM   1349 N N   B THR B 1 83  ? 1.716   17.061  -5.470  0.50 35.10 ? 83  THR B N   1 
ATOM   1350 C CA  A THR B 1 83  ? 2.730   16.103  -5.911  0.50 35.12 ? 83  THR B CA  1 
ATOM   1351 C CA  B THR B 1 83  ? 2.714   16.095  -5.935  0.50 34.62 ? 83  THR B CA  1 
ATOM   1352 C C   A THR B 1 83  ? 2.360   14.712  -5.390  0.50 34.56 ? 83  THR B C   1 
ATOM   1353 C C   B THR B 1 83  ? 2.358   14.712  -5.394  0.50 34.31 ? 83  THR B C   1 
ATOM   1354 O O   A THR B 1 83  ? 1.710   14.577  -4.365  0.50 34.57 ? 83  THR B O   1 
ATOM   1355 O O   B THR B 1 83  ? 1.717   14.583  -4.364  0.50 34.32 ? 83  THR B O   1 
ATOM   1356 C CB  A THR B 1 83  ? 4.168   16.471  -5.429  0.50 35.15 ? 83  THR B CB  1 
ATOM   1357 C CB  B THR B 1 83  ? 4.175   16.453  -5.522  0.50 34.58 ? 83  THR B CB  1 
ATOM   1358 O OG1 A THR B 1 83  ? 4.538   17.751  -5.952  0.50 34.81 ? 83  THR B OG1 1 
ATOM   1359 O OG1 B THR B 1 83  ? 4.290   16.509  -4.096  0.50 32.34 ? 83  THR B OG1 1 
ATOM   1360 C CG2 A THR B 1 83  ? 5.187   15.439  -5.902  0.50 34.92 ? 83  THR B CG2 1 
ATOM   1361 C CG2 B THR B 1 83  ? 4.593   17.778  -6.133  0.50 34.13 ? 83  THR B CG2 1 
ATOM   1362 N N   . LEU B 1 84  ? 2.744   13.689  -6.132  1.00 34.28 ? 84  LEU B N   1 
ATOM   1363 C CA  . LEU B 1 84  ? 2.576   12.297  -5.705  1.00 34.16 ? 84  LEU B CA  1 
ATOM   1364 C C   . LEU B 1 84  ? 3.944   11.693  -5.976  1.00 34.67 ? 84  LEU B C   1 
ATOM   1365 O O   . LEU B 1 84  ? 4.517   11.874  -7.068  1.00 35.44 ? 84  LEU B O   1 
ATOM   1366 C CB  . LEU B 1 84  ? 1.469   11.567  -6.482  1.00 33.51 ? 84  LEU B CB  1 
ATOM   1367 C CG  . LEU B 1 84  ? 1.053   10.164  -6.018  1.00 32.51 ? 84  LEU B CG  1 
ATOM   1368 C CD1 . LEU B 1 84  ? 0.373   10.195  -4.686  1.00 32.36 ? 84  LEU B CD1 1 
ATOM   1369 C CD2 . LEU B 1 84  ? 0.226   9.423   -7.042  1.00 28.58 ? 84  LEU B CD2 1 
ATOM   1370 N N   . SER B 1 85  ? 4.516   11.057  -4.966  1.00 34.10 ? 85  SER B N   1 
ATOM   1371 C CA  . SER B 1 85  ? 5.842   10.482  -5.155  1.00 33.71 ? 85  SER B CA  1 
ATOM   1372 C C   . SER B 1 85  ? 5.870   8.994   -4.871  1.00 32.43 ? 85  SER B C   1 
ATOM   1373 O O   . SER B 1 85  ? 4.904   8.409   -4.389  1.00 31.19 ? 85  SER B O   1 
ATOM   1374 C CB  . SER B 1 85  ? 6.934   11.281  -4.381  1.00 34.11 ? 85  SER B CB  1 
ATOM   1375 O OG  . SER B 1 85  ? 6.582   11.603  -3.043  1.00 34.37 ? 85  SER B OG  1 
ATOM   1376 N N   . ALA B 1 86  ? 7.014   8.409   -5.198  1.00 32.10 ? 86  ALA B N   1 
ATOM   1377 C CA  . ALA B 1 86  ? 7.309   6.980   -5.031  1.00 31.03 ? 86  ALA B CA  1 
ATOM   1378 C C   . ALA B 1 86  ? 6.891   6.537   -3.644  1.00 29.78 ? 86  ALA B C   1 
ATOM   1379 O O   . ALA B 1 86  ? 7.108   7.233   -2.680  1.00 28.65 ? 86  ALA B O   1 
ATOM   1380 C CB  . ALA B 1 86  ? 8.823   6.724   -5.264  1.00 31.51 ? 86  ALA B CB  1 
ATOM   1381 N N   . ASN B 1 87  ? 6.177   5.429   -3.588  1.00 30.50 ? 87  ASN B N   1 
ATOM   1382 C CA  . ASN B 1 87  ? 5.862   4.726   -2.318  1.00 31.20 ? 87  ASN B CA  1 
ATOM   1383 C C   . ASN B 1 87  ? 4.716   5.378   -1.513  1.00 31.90 ? 87  ASN B C   1 
ATOM   1384 O O   . ASN B 1 87  ? 4.431   4.945   -0.384  1.00 32.60 ? 87  ASN B O   1 
ATOM   1385 C CB  . ASN B 1 87  ? 7.129   4.598   -1.440  1.00 29.60 ? 87  ASN B CB  1 
ATOM   1386 C CG  . ASN B 1 87  ? 8.183   3.674   -2.041  1.00 29.21 ? 87  ASN B CG  1 
ATOM   1387 O OD1 . ASN B 1 87  ? 7.862   2.778   -2.817  1.00 28.37 ? 87  ASN B OD1 1 
ATOM   1388 N ND2 . ASN B 1 87  ? 9.442   3.832   -1.611  1.00 27.96 ? 87  ASN B ND2 1 
ATOM   1389 N N   . GLN B 1 88  ? 4.094   6.416   -2.068  1.00 31.96 ? 88  GLN B N   1 
ATOM   1390 C CA  . GLN B 1 88  ? 2.993   7.087   -1.379  1.00 32.23 ? 88  GLN B CA  1 
ATOM   1391 C C   . GLN B 1 88  ? 1.705   6.381   -1.704  1.00 32.83 ? 88  GLN B C   1 
ATOM   1392 O O   . GLN B 1 88  ? 1.554   5.780   -2.788  1.00 33.32 ? 88  GLN B O   1 
ATOM   1393 C CB  . GLN B 1 88  ? 2.899   8.540   -1.712  1.00 32.68 ? 88  GLN B CB  1 
ATOM   1394 C CG  . GLN B 1 88  ? 3.939   9.388   -1.037  1.00 33.48 ? 88  GLN B CG  1 
ATOM   1395 C CD  . GLN B 1 88  ? 3.734   10.869  -1.347  1.00 36.04 ? 88  GLN B CD  1 
ATOM   1396 O OE1 . GLN B 1 88  ? 3.244   11.242  -2.427  1.00 35.66 ? 88  GLN B OE1 1 
ATOM   1397 N NE2 . GLN B 1 88  ? 4.141   11.717  -0.412  1.00 36.45 ? 88  GLN B NE2 1 
ATOM   1398 N N   . VAL B 1 89  ? 0.807   6.389   -0.724  1.00 32.92 ? 89  VAL B N   1 
ATOM   1399 C CA  . VAL B 1 89  ? -0.485  5.695   -0.832  1.00 33.06 ? 89  VAL B CA  1 
ATOM   1400 C C   . VAL B 1 89  ? -1.576  6.757   -0.973  1.00 33.75 ? 89  VAL B C   1 
ATOM   1401 O O   . VAL B 1 89  ? -1.565  7.788   -0.253  1.00 33.44 ? 89  VAL B O   1 
ATOM   1402 C CB  . VAL B 1 89  ? -0.742  4.764   0.398   1.00 33.43 ? 89  VAL B CB  1 
ATOM   1403 C CG1 . VAL B 1 89  ? -2.173  4.209   0.422   1.00 33.29 ? 89  VAL B CG1 1 
ATOM   1404 C CG2 . VAL B 1 89  ? 0.258   3.586   0.391   1.00 33.37 ? 89  VAL B CG2 1 
ATOM   1405 N N   . VAL B 1 90  ? -2.476  6.507   -1.915  1.00 33.72 ? 90  VAL B N   1 
ATOM   1406 C CA  . VAL B 1 90  ? -3.606  7.389   -2.220  1.00 33.72 ? 90  VAL B CA  1 
ATOM   1407 C C   . VAL B 1 90  ? -4.928  6.639   -1.887  1.00 34.59 ? 90  VAL B C   1 
ATOM   1408 O O   . VAL B 1 90  ? -5.122  5.473   -2.270  1.00 34.16 ? 90  VAL B O   1 
ATOM   1409 C CB  . VAL B 1 90  ? -3.624  7.778   -3.707  1.00 34.23 ? 90  VAL B CB  1 
ATOM   1410 C CG1 . VAL B 1 90  ? -4.730  8.781   -3.987  1.00 33.35 ? 90  VAL B CG1 1 
ATOM   1411 C CG2 . VAL B 1 90  ? -2.256  8.392   -4.129  1.00 34.07 ? 90  VAL B CG2 1 
ATOM   1412 N N   . ALA B 1 91  ? -5.804  7.292   -1.128  1.00 34.53 ? 91  ALA B N   1 
ATOM   1413 C CA  . ALA B 1 91  ? -7.160  6.772   -0.844  1.00 34.52 ? 91  ALA B CA  1 
ATOM   1414 C C   . ALA B 1 91  ? -8.171  7.597   -1.634  1.00 34.69 ? 91  ALA B C   1 
ATOM   1415 O O   . ALA B 1 91  ? -8.228  8.820   -1.506  1.00 34.28 ? 91  ALA B O   1 
ATOM   1416 C CB  . ALA B 1 91  ? -7.501  6.824   0.673   1.00 33.81 ? 91  ALA B CB  1 
ATOM   1417 N N   . LEU B 1 92  ? -8.900  6.903   -2.489  1.00 34.97 ? 92  LEU B N   1 
ATOM   1418 C CA  . LEU B 1 92  ? -10.066 7.435   -3.180  1.00 36.07 ? 92  LEU B CA  1 
ATOM   1419 C C   . LEU B 1 92  ? -11.248 6.603   -2.693  1.00 35.81 ? 92  LEU B C   1 
ATOM   1420 O O   . LEU B 1 92  ? -11.311 5.423   -3.003  1.00 35.90 ? 92  LEU B O   1 
ATOM   1421 C CB  . LEU B 1 92  ? -9.908  7.290   -4.690  1.00 35.43 ? 92  LEU B CB  1 
ATOM   1422 C CG  . LEU B 1 92  ? -8.668  7.901   -5.327  1.00 37.47 ? 92  LEU B CG  1 
ATOM   1423 C CD1 . LEU B 1 92  ? -8.665  7.563   -6.821  1.00 38.83 ? 92  LEU B CD1 1 
ATOM   1424 C CD2 . LEU B 1 92  ? -8.577  9.409   -5.080  1.00 35.01 ? 92  LEU B CD2 1 
ATOM   1425 N N   . GLY B 1 93  ? -12.142 7.192   -1.906  1.00 36.33 ? 93  GLY B N   1 
ATOM   1426 C CA  . GLY B 1 93  ? -13.229 6.415   -1.298  1.00 36.45 ? 93  GLY B CA  1 
ATOM   1427 C C   . GLY B 1 93  ? -12.609 5.325   -0.406  1.00 37.48 ? 93  GLY B C   1 
ATOM   1428 O O   . GLY B 1 93  ? -11.725 5.623   0.401   1.00 37.02 ? 93  GLY B O   1 
ATOM   1429 N N   . THR B 1 94  ? -13.085 4.082   -0.536  1.00 37.80 ? 94  THR B N   1 
ATOM   1430 C CA  . THR B 1 94  ? -12.526 2.931   0.226   1.00 38.04 ? 94  THR B CA  1 
ATOM   1431 C C   . THR B 1 94  ? -11.394 2.168   -0.519  1.00 37.80 ? 94  THR B C   1 
ATOM   1432 O O   . THR B 1 94  ? -10.922 1.176   -0.051  1.00 38.07 ? 94  THR B O   1 
ATOM   1433 C CB  . THR B 1 94  ? -13.616 1.904   0.633   1.00 38.11 ? 94  THR B CB  1 
ATOM   1434 O OG1 . THR B 1 94  ? -14.092 1.228   -0.532  1.00 38.96 ? 94  THR B OG1 1 
ATOM   1435 C CG2 . THR B 1 94  ? -14.797 2.577   1.353   1.00 37.25 ? 94  THR B CG2 1 
ATOM   1436 N N   . THR B 1 95  ? -10.995 2.613   -1.697  1.00 37.35 ? 95  THR B N   1 
ATOM   1437 C CA  . THR B 1 95  ? -9.902  1.935   -2.425  1.00 36.80 ? 95  THR B CA  1 
ATOM   1438 C C   . THR B 1 95  ? -8.570  2.646   -2.215  1.00 35.04 ? 95  THR B C   1 
ATOM   1439 O O   . THR B 1 95  ? -8.482  3.862   -2.157  1.00 33.62 ? 95  THR B O   1 
ATOM   1440 C CB  . THR B 1 95  ? -10.165 1.841   -3.934  1.00 36.93 ? 95  THR B CB  1 
ATOM   1441 O OG1 . THR B 1 95  ? -11.374 1.117   -4.134  1.00 38.09 ? 95  THR B OG1 1 
ATOM   1442 C CG2 . THR B 1 95  ? -9.011  1.121   -4.652  1.00 37.19 ? 95  THR B CG2 1 
ATOM   1443 N N   . LEU B 1 96  ? -7.541  1.836   -2.122  1.00 35.08 ? 96  LEU B N   1 
ATOM   1444 C CA  . LEU B 1 96  ? -6.191  2.328   -1.879  1.00 34.63 ? 96  LEU B CA  1 
ATOM   1445 C C   . LEU B 1 96  ? -5.309  2.043   -3.090  1.00 34.32 ? 96  LEU B C   1 
ATOM   1446 O O   . LEU B 1 96  ? -5.377  0.976   -3.696  1.00 33.86 ? 96  LEU B O   1 
ATOM   1447 C CB  . LEU B 1 96  ? -5.619  1.668   -0.626  1.00 35.09 ? 96  LEU B CB  1 
ATOM   1448 C CG  . LEU B 1 96  ? -6.307  2.011   0.710   1.00 36.10 ? 96  LEU B CG  1 
ATOM   1449 C CD1 . LEU B 1 96  ? -5.780  1.057   1.838   1.00 35.98 ? 96  LEU B CD1 1 
ATOM   1450 C CD2 . LEU B 1 96  ? -6.081  3.520   1.074   1.00 33.72 ? 96  LEU B CD2 1 
ATOM   1451 N N   . PHE B 1 97  ? -4.454  3.000   -3.419  1.00 33.86 ? 97  PHE B N   1 
ATOM   1452 C CA  . PHE B 1 97  ? -3.554  2.840   -4.527  1.00 34.43 ? 97  PHE B CA  1 
ATOM   1453 C C   . PHE B 1 97  ? -2.142  3.216   -4.099  1.00 34.14 ? 97  PHE B C   1 
ATOM   1454 O O   . PHE B 1 97  ? -1.973  4.071   -3.230  1.00 35.27 ? 97  PHE B O   1 
ATOM   1455 C CB  . PHE B 1 97  ? -3.965  3.768   -5.700  1.00 34.80 ? 97  PHE B CB  1 
ATOM   1456 C CG  . PHE B 1 97  ? -5.439  3.647   -6.139  1.00 36.39 ? 97  PHE B CG  1 
ATOM   1457 C CD1 . PHE B 1 97  ? -5.776  3.048   -7.344  1.00 37.89 ? 97  PHE B CD1 1 
ATOM   1458 C CD2 . PHE B 1 97  ? -6.451  4.185   -5.381  1.00 36.35 ? 97  PHE B CD2 1 
ATOM   1459 C CE1 . PHE B 1 97  ? -7.127  2.991   -7.782  1.00 36.87 ? 97  PHE B CE1 1 
ATOM   1460 C CE2 . PHE B 1 97  ? -7.746  4.118   -5.801  1.00 38.50 ? 97  PHE B CE2 1 
ATOM   1461 C CZ  . PHE B 1 97  ? -8.075  3.527   -7.017  1.00 37.75 ? 97  PHE B CZ  1 
ATOM   1462 N N   . LEU B 1 98  ? -1.154  2.648   -4.779  1.00 32.52 ? 98  LEU B N   1 
ATOM   1463 C CA  . LEU B 1 98  ? 0.256   2.890   -4.499  1.00 31.47 ? 98  LEU B CA  1 
ATOM   1464 C C   . LEU B 1 98  ? 0.960   3.362   -5.748  1.00 30.82 ? 98  LEU B C   1 
ATOM   1465 O O   . LEU B 1 98  ? 0.848   2.742   -6.798  1.00 31.67 ? 98  LEU B O   1 
ATOM   1466 C CB  . LEU B 1 98  ? 0.930   1.589   -4.016  1.00 31.42 ? 98  LEU B CB  1 
ATOM   1467 C CG  . LEU B 1 98  ? 2.446   1.598   -3.676  1.00 30.43 ? 98  LEU B CG  1 
ATOM   1468 C CD1 . LEU B 1 98  ? 2.669   2.488   -2.516  1.00 27.75 ? 98  LEU B CD1 1 
ATOM   1469 C CD2 . LEU B 1 98  ? 2.941   0.185   -3.321  1.00 28.20 ? 98  LEU B CD2 1 
ATOM   1470 N N   . LEU B 1 99  ? 1.667   4.467   -5.640  1.00 30.46 ? 99  LEU B N   1 
ATOM   1471 C CA  . LEU B 1 99  ? 2.545   4.893   -6.722  1.00 31.18 ? 99  LEU B CA  1 
ATOM   1472 C C   . LEU B 1 99  ? 3.887   4.154   -6.621  1.00 30.10 ? 99  LEU B C   1 
ATOM   1473 O O   . LEU B 1 99  ? 4.589   4.280   -5.638  1.00 28.18 ? 99  LEU B O   1 
ATOM   1474 C CB  . LEU B 1 99  ? 2.777   6.414   -6.749  1.00 31.05 ? 99  LEU B CB  1 
ATOM   1475 C CG  . LEU B 1 99  ? 3.599   6.847   -7.976  1.00 30.54 ? 99  LEU B CG  1 
ATOM   1476 C CD1 . LEU B 1 99  ? 2.845   6.494   -9.310  1.00 32.51 ? 99  LEU B CD1 1 
ATOM   1477 C CD2 . LEU B 1 99  ? 4.012   8.311   -7.929  1.00 27.46 ? 99  LEU B CD2 1 
ATOM   1478 N N   . VAL B 1 100 ? 4.179   3.383   -7.645  1.00 30.56 ? 100 VAL B N   1 
ATOM   1479 C CA  . VAL B 1 100 ? 5.465   2.677   -7.782  1.00 31.85 ? 100 VAL B CA  1 
ATOM   1480 C C   . VAL B 1 100 ? 6.355   3.403   -8.824  1.00 32.72 ? 100 VAL B C   1 
ATOM   1481 O O   . VAL B 1 100 ? 5.885   3.812   -9.891  1.00 32.52 ? 100 VAL B O   1 
ATOM   1482 C CB  . VAL B 1 100 ? 5.237   1.189   -8.195  1.00 31.38 ? 100 VAL B CB  1 
ATOM   1483 C CG1 . VAL B 1 100 ? 6.581   0.485   -8.472  1.00 34.16 ? 100 VAL B CG1 1 
ATOM   1484 C CG2 . VAL B 1 100 ? 4.471   0.460   -7.100  1.00 31.73 ? 100 VAL B CG2 1 
ATOM   1485 N N   . ASP B 1 101 ? 7.633   3.521   -8.515  1.00 33.96 ? 101 ASP B N   1 
ATOM   1486 C CA  . ASP B 1 101 ? 8.631   4.210   -9.367  1.00 34.78 ? 101 ASP B CA  1 
ATOM   1487 C C   . ASP B 1 101 ? 9.890   3.355   -9.479  1.00 36.02 ? 101 ASP B C   1 
ATOM   1488 O O   . ASP B 1 101 ? 10.518  3.075   -8.476  1.00 36.34 ? 101 ASP B O   1 
ATOM   1489 C CB  . ASP B 1 101 ? 8.986   5.573   -8.735  1.00 34.65 ? 101 ASP B CB  1 
ATOM   1490 C CG  . ASP B 1 101 ? 10.102  6.346   -9.493  1.00 36.76 ? 101 ASP B CG  1 
ATOM   1491 O OD1 . ASP B 1 101 ? 10.632  5.865   -10.538 1.00 37.18 ? 101 ASP B OD1 1 
ATOM   1492 O OD2 . ASP B 1 101 ? 10.431  7.475   -9.040  1.00 35.13 ? 101 ASP B OD2 1 
ATOM   1493 N N   . TYR B 1 102 ? 10.237  2.921   -10.686 1.00 37.42 ? 102 TYR B N   1 
ATOM   1494 C CA  . TYR B 1 102 ? 11.607  2.393   -10.988 1.00 38.48 ? 102 TYR B CA  1 
ATOM   1495 C C   . TYR B 1 102 ? 12.424  3.496   -11.673 1.00 39.46 ? 102 TYR B C   1 
ATOM   1496 O O   . TYR B 1 102 ? 12.156  3.831   -12.832 1.00 40.38 ? 102 TYR B O   1 
ATOM   1497 C CB  . TYR B 1 102 ? 11.543  1.135   -11.876 1.00 38.08 ? 102 TYR B CB  1 
ATOM   1498 C CG  . TYR B 1 102 ? 10.786  0.028   -11.195 1.00 38.98 ? 102 TYR B CG  1 
ATOM   1499 C CD1 . TYR B 1 102 ? 9.389   0.038   -11.188 1.00 38.75 ? 102 TYR B CD1 1 
ATOM   1500 C CD2 . TYR B 1 102 ? 11.474  -0.993  -10.462 1.00 39.90 ? 102 TYR B CD2 1 
ATOM   1501 C CE1 . TYR B 1 102 ? 8.673   -0.926  -10.528 1.00 40.31 ? 102 TYR B CE1 1 
ATOM   1502 C CE2 . TYR B 1 102 ? 10.782  -1.988  -9.819  1.00 40.43 ? 102 TYR B CE2 1 
ATOM   1503 C CZ  . TYR B 1 102 ? 9.358   -1.949  -9.844  1.00 42.33 ? 102 TYR B CZ  1 
ATOM   1504 O OH  . TYR B 1 102 ? 8.602   -2.906  -9.188  1.00 42.44 ? 102 TYR B OH  1 
ATOM   1505 N N   . ALA B 1 103 ? 13.365  4.096   -10.947 1.00 40.24 ? 103 ALA B N   1 
ATOM   1506 C CA  . ALA B 1 103 ? 14.225  5.210   -11.496 1.00 41.00 ? 103 ALA B CA  1 
ATOM   1507 C C   . ALA B 1 103 ? 15.589  4.741   -12.022 1.00 41.51 ? 103 ALA B C   1 
ATOM   1508 O O   . ALA B 1 103 ? 15.763  3.575   -12.422 1.00 42.49 ? 103 ALA B O   1 
ATOM   1509 C CB  . ALA B 1 103 ? 14.416  6.326   -10.449 1.00 40.62 ? 103 ALA B CB  1 
HETATM 1510 P P   . PO4 C 2 .   ? -3.333  -16.019 20.016  1.00 41.95 ? 107 PO4 A P   1 
HETATM 1511 O O1  . PO4 C 2 .   ? -2.500  -16.917 19.154  1.00 42.33 ? 107 PO4 A O1  1 
HETATM 1512 O O2  . PO4 C 2 .   ? -4.371  -15.435 19.018  1.00 48.42 ? 107 PO4 A O2  1 
HETATM 1513 O O3  . PO4 C 2 .   ? -4.008  -16.791 21.136  1.00 42.99 ? 107 PO4 A O3  1 
HETATM 1514 O O4  . PO4 C 2 .   ? -2.661  -14.901 20.753  1.00 34.95 ? 107 PO4 A O4  1 
HETATM 1515 O O   . HOH D 3 .   ? -6.819  -6.846  21.155  1.00 36.87 ? 108 HOH A O   1 
HETATM 1516 O O   . HOH D 3 .   ? 2.485   -20.960 11.942  1.00 33.81 ? 110 HOH A O   1 
HETATM 1517 O O   . HOH D 3 .   ? 16.082  -1.285  5.931   1.00 21.59 ? 111 HOH A O   1 
HETATM 1518 O O   . HOH D 3 .   ? -1.005  -18.414 7.643   1.00 32.21 ? 113 HOH A O   1 
HETATM 1519 O O   . HOH D 3 .   ? 7.893   9.859   0.552   1.00 37.45 ? 114 HOH A O   1 
HETATM 1520 O O   . HOH D 3 .   ? -4.783  -13.132 8.012   1.00 34.05 ? 117 HOH A O   1 
HETATM 1521 O O   . HOH D 3 .   ? 10.336  -8.498  21.286  1.00 39.96 ? 119 HOH A O   1 
HETATM 1522 O O   . HOH D 3 .   ? -4.837  -19.106 0.033   1.00 42.79 ? 120 HOH A O   1 
HETATM 1523 O O   . HOH D 3 .   ? 8.490   0.090   -2.507  1.00 29.57 ? 121 HOH A O   1 
HETATM 1524 O O   . HOH D 3 .   ? 15.323  -12.455 5.413   1.00 31.54 ? 122 HOH A O   1 
HETATM 1525 O O   . HOH D 3 .   ? 18.193  0.304   6.633   1.00 34.66 ? 123 HOH A O   1 
HETATM 1526 O O   . HOH D 3 .   ? 17.517  -11.120 12.776  1.00 40.19 ? 128 HOH A O   1 
HETATM 1527 O O   . HOH D 3 .   ? -4.576  -20.178 10.076  1.00 43.24 ? 129 HOH A O   1 
HETATM 1528 O O   . HOH D 3 .   ? -3.993  -8.966  22.908  1.00 45.02 ? 131 HOH A O   1 
HETATM 1529 O O   . HOH D 3 .   ? -8.998  -4.459  20.753  1.00 43.34 ? 134 HOH A O   1 
HETATM 1530 O O   . HOH D 3 .   ? 17.176  1.385   15.694  1.00 35.33 ? 135 HOH A O   1 
HETATM 1531 O O   . HOH D 3 .   ? 6.547   5.489   2.546   1.00 25.69 ? 138 HOH A O   1 
HETATM 1532 O O   . HOH D 3 .   ? -2.377  -19.698 11.524  1.00 33.50 ? 139 HOH A O   1 
HETATM 1533 O O   . HOH D 3 .   ? -2.876  -3.836  21.686  1.00 30.50 ? 144 HOH A O   1 
HETATM 1534 O O   . HOH D 3 .   ? -0.029  -15.297 20.381  1.00 15.03 ? 145 HOH A O   1 
HETATM 1535 O O   . HOH D 3 .   ? -3.213  -18.773 17.681  1.00 29.19 ? 146 HOH A O   1 
HETATM 1536 O O   . HOH D 3 .   ? 0.333   -6.688  27.643  1.00 28.60 ? 148 HOH A O   1 
HETATM 1537 O O   . HOH D 3 .   ? 16.139  2.218   13.441  1.00 37.20 ? 150 HOH A O   1 
HETATM 1538 O O   . HOH D 3 .   ? 14.008  -0.884  14.323  1.00 31.91 ? 153 HOH A O   1 
HETATM 1539 O O   . HOH D 3 .   ? 3.772   5.679   12.588  1.00 34.38 ? 158 HOH A O   1 
HETATM 1540 O O   . HOH D 3 .   ? -7.032  -15.968 22.961  1.00 31.74 ? 160 HOH A O   1 
HETATM 1541 O O   . HOH D 3 .   ? -5.861  -13.477 20.162  1.00 42.71 ? 161 HOH A O   1 
HETATM 1542 O O   . HOH D 3 .   ? -2.565  -0.082  16.103  1.00 35.30 ? 163 HOH A O   1 
HETATM 1543 O O   . HOH D 3 .   ? 5.057   -6.090  1.023   1.00 39.75 ? 166 HOH A O   1 
HETATM 1544 O O   . HOH D 3 .   ? -1.615  -0.441  19.148  1.00 39.03 ? 170 HOH A O   1 
HETATM 1545 O O   . HOH D 3 .   ? -6.848  -12.255 7.117   1.00 37.77 ? 178 HOH A O   1 
HETATM 1546 O O   . HOH D 3 .   ? -5.305  -11.890 21.872  1.00 47.95 ? 179 HOH A O   1 
HETATM 1547 O O   . HOH D 3 .   ? -2.719  -10.763 26.540  1.00 43.32 ? 182 HOH A O   1 
HETATM 1548 O O   . HOH D 3 .   ? 13.577  1.365   13.273  1.00 33.28 ? 183 HOH A O   1 
HETATM 1549 O O   . HOH D 3 .   ? 13.270  -15.045 15.737  1.00 51.27 ? 185 HOH A O   1 
HETATM 1550 O O   . HOH D 3 .   ? -9.806  -12.186 10.052  1.00 38.53 ? 186 HOH A O   1 
HETATM 1551 O O   . HOH E 3 .   ? 5.524   -3.252  -8.010  1.00 44.06 ? 108 HOH B O   1 
HETATM 1552 O O   . HOH E 3 .   ? 6.744   5.886   -20.879 1.00 39.21 ? 109 HOH B O   1 
HETATM 1553 O O   . HOH E 3 .   ? 6.353   6.557   -16.513 1.00 33.11 ? 112 HOH B O   1 
HETATM 1554 O O   . HOH E 3 .   ? 3.022   15.661  -18.019 1.00 31.21 ? 115 HOH B O   1 
HETATM 1555 O O   . HOH E 3 .   ? -2.395  -6.273  -3.592  1.00 38.16 ? 116 HOH B O   1 
HETATM 1556 O O   . HOH E 3 .   ? -10.744 9.710   -0.564  1.00 51.39 ? 118 HOH B O   1 
HETATM 1557 O O   . HOH E 3 .   ? -7.454  21.319  -9.227  1.00 30.16 ? 124 HOH B O   1 
HETATM 1558 O O   . HOH E 3 .   ? 4.040   15.897  -13.355 1.00 54.24 ? 125 HOH B O   1 
HETATM 1559 O O   . HOH E 3 .   ? -7.932  -1.043  -2.254  1.00 34.31 ? 126 HOH B O   1 
HETATM 1560 O O   . HOH E 3 .   ? 7.497   5.392   -18.503 1.00 38.64 ? 127 HOH B O   1 
HETATM 1561 O O   . HOH E 3 .   ? -10.657 8.453   -20.521 1.00 48.11 ? 130 HOH B O   1 
HETATM 1562 O O   . HOH E 3 .   ? 9.531   -0.338  -6.184  1.00 36.56 ? 132 HOH B O   1 
HETATM 1563 O O   . HOH E 3 .   ? -6.972  -2.161  0.065   1.00 46.27 ? 133 HOH B O   1 
HETATM 1564 O O   . HOH E 3 .   ? -5.331  7.315   -20.996 1.00 45.66 ? 136 HOH B O   1 
HETATM 1565 O O   . HOH E 3 .   ? -0.860  14.910  -20.429 1.00 34.14 ? 137 HOH B O   1 
HETATM 1566 O O   . HOH E 3 .   ? -19.533 10.793  -9.592  1.00 29.48 ? 140 HOH B O   1 
HETATM 1567 O O   . HOH E 3 .   ? 6.862   17.407  -17.550 1.00 55.47 ? 141 HOH B O   1 
HETATM 1568 O O   . HOH E 3 .   ? -21.103 3.677   -17.813 1.00 31.96 ? 142 HOH B O   1 
HETATM 1569 O O   . HOH E 3 .   ? 8.178   9.081   -16.167 1.00 44.48 ? 143 HOH B O   1 
HETATM 1570 O O   . HOH E 3 .   ? -18.937 0.070   -3.624  1.00 45.99 ? 147 HOH B O   1 
HETATM 1571 O O   . HOH E 3 .   ? -9.313  20.406  -7.560  1.00 28.17 ? 149 HOH B O   1 
HETATM 1572 O O   . HOH E 3 .   ? 8.452   2.823   -5.778  1.00 28.28 ? 151 HOH B O   1 
HETATM 1573 O O   . HOH E 3 .   ? 0.181   -7.309  -9.244  1.00 52.91 ? 152 HOH B O   1 
HETATM 1574 O O   . HOH E 3 .   ? 8.161   11.467  -15.297 1.00 40.47 ? 154 HOH B O   1 
HETATM 1575 O O   . HOH E 3 .   ? -0.654  3.795   -20.600 1.00 43.53 ? 155 HOH B O   1 
HETATM 1576 O O   . HOH E 3 .   ? 0.241   1.662   -19.678 1.00 51.78 ? 156 HOH B O   1 
HETATM 1577 O O   . HOH E 3 .   ? -3.349  7.892   2.169   1.00 42.51 ? 157 HOH B O   1 
HETATM 1578 O O   . HOH E 3 .   ? -9.565  19.905  -3.765  1.00 46.60 ? 159 HOH B O   1 
HETATM 1579 O O   . HOH E 3 .   ? 4.777   8.463   -23.140 1.00 43.97 ? 162 HOH B O   1 
HETATM 1580 O O   . HOH E 3 .   ? 0.659   16.666  -19.405 1.00 45.35 ? 164 HOH B O   1 
HETATM 1581 O O   . HOH E 3 .   ? -2.708  11.859  -21.994 1.00 40.23 ? 165 HOH B O   1 
HETATM 1582 O O   . HOH E 3 .   ? -15.473 14.935  -11.757 1.00 33.88 ? 167 HOH B O   1 
HETATM 1583 O O   . HOH E 3 .   ? -15.858 13.953  -9.269  1.00 39.91 ? 168 HOH B O   1 
HETATM 1584 O O   . HOH E 3 .   ? -14.844 15.545  -14.208 1.00 37.19 ? 169 HOH B O   1 
HETATM 1585 O O   . HOH E 3 .   ? -19.714 5.051   -11.796 1.00 45.15 ? 171 HOH B O   1 
HETATM 1586 O O   . HOH E 3 .   ? -0.954  19.799  -14.141 1.00 39.33 ? 172 HOH B O   1 
HETATM 1587 O O   . HOH E 3 .   ? -9.286  16.287  -1.756  1.00 35.04 ? 173 HOH B O   1 
HETATM 1588 O O   . HOH E 3 .   ? -13.544 17.133  -3.521  1.00 27.18 ? 174 HOH B O   1 
HETATM 1589 O O   . HOH E 3 .   ? -17.630 12.554  -11.506 1.00 34.98 ? 175 HOH B O   1 
HETATM 1590 O O   . HOH E 3 .   ? 3.888   5.699   -25.911 1.00 60.04 ? 176 HOH B O   1 
HETATM 1591 O O   . HOH E 3 .   ? -6.987  -5.239  -8.679  0.50 26.52 ? 177 HOH B O   1 
HETATM 1592 O O   . HOH E 3 .   ? 6.721   13.162  -8.041  1.00 42.34 ? 180 HOH B O   1 
HETATM 1593 O O   . HOH E 3 .   ? -11.894 19.802  -6.306  1.00 45.42 ? 181 HOH B O   1 
HETATM 1594 O O   . HOH E 3 .   ? 1.570   19.166  -15.750 1.00 43.92 ? 184 HOH B O   1 
# 
loop_
_pdbx_poly_seq_scheme.asym_id 
_pdbx_poly_seq_scheme.entity_id 
_pdbx_poly_seq_scheme.seq_id 
_pdbx_poly_seq_scheme.mon_id 
_pdbx_poly_seq_scheme.ndb_seq_num 
_pdbx_poly_seq_scheme.pdb_seq_num 
_pdbx_poly_seq_scheme.auth_seq_num 
_pdbx_poly_seq_scheme.pdb_mon_id 
_pdbx_poly_seq_scheme.auth_mon_id 
_pdbx_poly_seq_scheme.pdb_strand_id 
_pdbx_poly_seq_scheme.pdb_ins_code 
_pdbx_poly_seq_scheme.hetero 
A 1 1   GLN 1   1   ?   ?   ?   A . n 
A 1 2   PRO 2   2   ?   ?   ?   A . n 
A 1 3   SER 3   3   3   SER SER A . n 
A 1 4   ARG 4   4   4   ARG ARG A . n 
A 1 5   PHE 5   5   5   PHE PHE A . n 
A 1 6   LEU 6   6   6   LEU LEU A . n 
A 1 7   LEU 7   7   7   LEU LEU A . n 
A 1 8   LYS 8   8   8   LYS LYS A . n 
A 1 9   VAL 9   9   9   VAL VAL A . n 
A 1 10  LEU 10  10  10  LEU LEU A . n 
A 1 11  ALA 11  11  11  ALA ALA A . n 
A 1 12  GLY 12  12  ?   ?   ?   A . n 
A 1 13  ALA 13  13  13  ALA ALA A . n 
A 1 14  ASN 14  14  14  ASN ASN A . n 
A 1 15  ILE 15  15  15  ILE ILE A . n 
A 1 16  GLY 16  16  16  GLY GLY A . n 
A 1 17  ALA 17  17  17  ALA ALA A . n 
A 1 18  GLU 18  18  18  GLU GLU A . n 
A 1 19  PHE 19  19  19  PHE PHE A . n 
A 1 20  HIS 20  20  20  HIS HIS A . n 
A 1 21  LEU 21  21  21  LEU LEU A . n 
A 1 22  ASP 22  22  22  ASP ASP A . n 
A 1 23  SER 23  23  23  SER SER A . n 
A 1 24  GLY 24  24  24  GLY GLY A . n 
A 1 25  LYS 25  25  25  LYS LYS A . n 
A 1 26  THR 26  26  26  THR THR A . n 
A 1 27  TYR 27  27  27  TYR TYR A . n 
A 1 28  ILE 28  28  28  ILE ILE A . n 
A 1 29  VAL 29  29  29  VAL VAL A . n 
A 1 30  GLY 30  30  30  GLY GLY A . n 
A 1 31  SER 31  31  31  SER SER A . n 
A 1 32  ASP 32  32  32  ASP ASP A . n 
A 1 33  PRO 33  33  33  PRO PRO A . n 
A 1 34  GLN 34  34  34  GLN GLN A . n 
A 1 35  VAL 35  35  35  VAL VAL A . n 
A 1 36  ALA 36  36  36  ALA ALA A . n 
A 1 37  ASP 37  37  37  ASP ASP A . n 
A 1 38  ILE 38  38  38  ILE ILE A . n 
A 1 39  VAL 39  39  39  VAL VAL A . n 
A 1 40  LEU 40  40  40  LEU LEU A . n 
A 1 41  SER 41  41  41  SER SER A . n 
A 1 42  ASP 42  42  42  ASP ASP A . n 
A 1 43  MET 43  43  43  MET MET A . n 
A 1 44  SER 44  44  44  SER SER A . n 
A 1 45  ILE 45  45  45  ILE ILE A . n 
A 1 46  SER 46  46  46  SER SER A . n 
A 1 47  ARG 47  47  47  ARG ARG A . n 
A 1 48  GLN 48  48  48  GLN GLN A . n 
A 1 49  HIS 49  49  49  HIS HIS A . n 
A 1 50  ALA 50  50  50  ALA ALA A . n 
A 1 51  LYS 51  51  51  LYS LYS A . n 
A 1 52  ILE 52  52  52  ILE ILE A . n 
A 1 53  ILE 53  53  53  ILE ILE A . n 
A 1 54  ILE 54  54  54  ILE ILE A . n 
A 1 55  GLY 55  55  55  GLY GLY A . n 
A 1 56  ASN 56  56  56  ASN ASN A . n 
A 1 57  ASP 57  57  57  ASP ASP A . n 
A 1 58  ASN 58  58  58  ASN ASN A . n 
A 1 59  SER 59  59  59  SER SER A . n 
A 1 60  VAL 60  60  60  VAL VAL A . n 
A 1 61  LEU 61  61  61  LEU LEU A . n 
A 1 62  ILE 62  62  62  ILE ILE A . n 
A 1 63  GLU 63  63  63  GLU GLU A . n 
A 1 64  ASP 64  64  64  ASP ASP A . n 
A 1 65  LEU 65  65  65  LEU LEU A . n 
A 1 66  GLY 66  66  66  GLY GLY A . n 
A 1 67  SER 67  67  67  SER SER A . n 
A 1 68  LYS 68  68  68  LYS LYS A . n 
A 1 69  ASN 69  69  69  ASN ASN A . n 
A 1 70  GLY 70  70  70  GLY GLY A . n 
A 1 71  VAL 71  71  71  VAL VAL A . n 
A 1 72  ILE 72  72  72  ILE ILE A . n 
A 1 73  VAL 73  73  73  VAL VAL A . n 
A 1 74  GLU 74  74  74  GLU GLU A . n 
A 1 75  GLY 75  75  75  GLY GLY A . n 
A 1 76  ARG 76  76  76  ARG ARG A . n 
A 1 77  LYS 77  77  77  LYS LYS A . n 
A 1 78  ILE 78  78  78  ILE ILE A . n 
A 1 79  GLU 79  79  79  GLU GLU A . n 
A 1 80  HIS 80  80  80  HIS HIS A . n 
A 1 81  GLN 81  81  81  GLN GLN A . n 
A 1 82  SER 82  82  82  SER SER A . n 
A 1 83  THR 83  83  83  THR THR A . n 
A 1 84  LEU 84  84  84  LEU LEU A . n 
A 1 85  SER 85  85  85  SER SER A . n 
A 1 86  ALA 86  86  86  ALA ALA A . n 
A 1 87  ASN 87  87  87  ASN ASN A . n 
A 1 88  GLN 88  88  88  GLN GLN A . n 
A 1 89  VAL 89  89  89  VAL VAL A . n 
A 1 90  VAL 90  90  90  VAL VAL A . n 
A 1 91  ALA 91  91  91  ALA ALA A . n 
A 1 92  LEU 92  92  92  LEU LEU A . n 
A 1 93  GLY 93  93  93  GLY GLY A . n 
A 1 94  THR 94  94  94  THR THR A . n 
A 1 95  THR 95  95  95  THR THR A . n 
A 1 96  LEU 96  96  96  LEU LEU A . n 
A 1 97  PHE 97  97  97  PHE PHE A . n 
A 1 98  LEU 98  98  98  LEU LEU A . n 
A 1 99  LEU 99  99  99  LEU LEU A . n 
A 1 100 VAL 100 100 100 VAL VAL A . n 
A 1 101 ASP 101 101 101 ASP ASP A . n 
A 1 102 TYR 102 102 102 TYR TYR A . n 
A 1 103 ALA 103 103 103 ALA ALA A . n 
A 1 104 ALA 104 104 ?   ?   ?   A . n 
A 1 105 PRO 105 105 ?   ?   ?   A . n 
A 1 106 SER 106 106 ?   ?   ?   A . n 
B 1 1   GLN 1   1   ?   ?   ?   B . n 
B 1 2   PRO 2   2   ?   ?   ?   B . n 
B 1 3   SER 3   3   3   SER SER B . n 
B 1 4   ARG 4   4   4   ARG ARG B . n 
B 1 5   PHE 5   5   5   PHE PHE B . n 
B 1 6   LEU 6   6   6   LEU LEU B . n 
B 1 7   LEU 7   7   7   LEU LEU B . n 
B 1 8   LYS 8   8   8   LYS LYS B . n 
B 1 9   VAL 9   9   9   VAL VAL B . n 
B 1 10  LEU 10  10  10  LEU LEU B . n 
B 1 11  ALA 11  11  11  ALA ALA B . n 
B 1 12  GLY 12  12  12  GLY GLY B . n 
B 1 13  ALA 13  13  13  ALA ALA B . n 
B 1 14  ASN 14  14  14  ASN ASN B . n 
B 1 15  ILE 15  15  15  ILE ILE B . n 
B 1 16  GLY 16  16  16  GLY GLY B . n 
B 1 17  ALA 17  17  17  ALA ALA B . n 
B 1 18  GLU 18  18  18  GLU GLU B . n 
B 1 19  PHE 19  19  19  PHE PHE B . n 
B 1 20  HIS 20  20  20  HIS HIS B . n 
B 1 21  LEU 21  21  21  LEU LEU B . n 
B 1 22  ASP 22  22  22  ASP ASP B . n 
B 1 23  SER 23  23  23  SER SER B . n 
B 1 24  GLY 24  24  24  GLY GLY B . n 
B 1 25  LYS 25  25  25  LYS LYS B . n 
B 1 26  THR 26  26  26  THR THR B . n 
B 1 27  TYR 27  27  27  TYR TYR B . n 
B 1 28  ILE 28  28  28  ILE ILE B . n 
B 1 29  VAL 29  29  29  VAL VAL B . n 
B 1 30  GLY 30  30  30  GLY GLY B . n 
B 1 31  SER 31  31  31  SER SER B . n 
B 1 32  ASP 32  32  32  ASP ASP B . n 
B 1 33  PRO 33  33  33  PRO PRO B . n 
B 1 34  GLN 34  34  34  GLN GLN B . n 
B 1 35  VAL 35  35  35  VAL VAL B . n 
B 1 36  ALA 36  36  36  ALA ALA B . n 
B 1 37  ASP 37  37  37  ASP ASP B . n 
B 1 38  ILE 38  38  38  ILE ILE B . n 
B 1 39  VAL 39  39  39  VAL VAL B . n 
B 1 40  LEU 40  40  40  LEU LEU B . n 
B 1 41  SER 41  41  41  SER SER B . n 
B 1 42  ASP 42  42  42  ASP ASP B . n 
B 1 43  MET 43  43  43  MET MET B . n 
B 1 44  SER 44  44  44  SER SER B . n 
B 1 45  ILE 45  45  45  ILE ILE B . n 
B 1 46  SER 46  46  46  SER SER B . n 
B 1 47  ARG 47  47  47  ARG ARG B . n 
B 1 48  GLN 48  48  48  GLN GLN B . n 
B 1 49  HIS 49  49  49  HIS HIS B . n 
B 1 50  ALA 50  50  50  ALA ALA B . n 
B 1 51  LYS 51  51  51  LYS LYS B . n 
B 1 52  ILE 52  52  52  ILE ILE B . n 
B 1 53  ILE 53  53  53  ILE ILE B . n 
B 1 54  ILE 54  54  54  ILE ILE B . n 
B 1 55  GLY 55  55  55  GLY GLY B . n 
B 1 56  ASN 56  56  56  ASN ASN B . n 
B 1 57  ASP 57  57  57  ASP ASP B . n 
B 1 58  ASN 58  58  58  ASN ASN B . n 
B 1 59  SER 59  59  59  SER SER B . n 
B 1 60  VAL 60  60  60  VAL VAL B . n 
B 1 61  LEU 61  61  61  LEU LEU B . n 
B 1 62  ILE 62  62  62  ILE ILE B . n 
B 1 63  GLU 63  63  63  GLU GLU B . n 
B 1 64  ASP 64  64  64  ASP ASP B . n 
B 1 65  LEU 65  65  65  LEU LEU B . n 
B 1 66  GLY 66  66  66  GLY GLY B . n 
B 1 67  SER 67  67  67  SER SER B . n 
B 1 68  LYS 68  68  68  LYS LYS B . n 
B 1 69  ASN 69  69  69  ASN ASN B . n 
B 1 70  GLY 70  70  70  GLY GLY B . n 
B 1 71  VAL 71  71  71  VAL VAL B . n 
B 1 72  ILE 72  72  72  ILE ILE B . n 
B 1 73  VAL 73  73  73  VAL VAL B . n 
B 1 74  GLU 74  74  74  GLU GLU B . n 
B 1 75  GLY 75  75  75  GLY GLY B . n 
B 1 76  ARG 76  76  76  ARG ARG B . n 
B 1 77  LYS 77  77  77  LYS LYS B . n 
B 1 78  ILE 78  78  78  ILE ILE B . n 
B 1 79  GLU 79  79  79  GLU GLU B . n 
B 1 80  HIS 80  80  80  HIS HIS B . n 
B 1 81  GLN 81  81  81  GLN GLN B . n 
B 1 82  SER 82  82  82  SER SER B . n 
B 1 83  THR 83  83  83  THR THR B . n 
B 1 84  LEU 84  84  84  LEU LEU B . n 
B 1 85  SER 85  85  85  SER SER B . n 
B 1 86  ALA 86  86  86  ALA ALA B . n 
B 1 87  ASN 87  87  87  ASN ASN B . n 
B 1 88  GLN 88  88  88  GLN GLN B . n 
B 1 89  VAL 89  89  89  VAL VAL B . n 
B 1 90  VAL 90  90  90  VAL VAL B . n 
B 1 91  ALA 91  91  91  ALA ALA B . n 
B 1 92  LEU 92  92  92  LEU LEU B . n 
B 1 93  GLY 93  93  93  GLY GLY B . n 
B 1 94  THR 94  94  94  THR THR B . n 
B 1 95  THR 95  95  95  THR THR B . n 
B 1 96  LEU 96  96  96  LEU LEU B . n 
B 1 97  PHE 97  97  97  PHE PHE B . n 
B 1 98  LEU 98  98  98  LEU LEU B . n 
B 1 99  LEU 99  99  99  LEU LEU B . n 
B 1 100 VAL 100 100 100 VAL VAL B . n 
B 1 101 ASP 101 101 101 ASP ASP B . n 
B 1 102 TYR 102 102 102 TYR TYR B . n 
B 1 103 ALA 103 103 103 ALA ALA B . n 
B 1 104 ALA 104 104 ?   ?   ?   B . n 
B 1 105 PRO 105 105 ?   ?   ?   B . n 
B 1 106 SER 106 106 ?   ?   ?   B . n 
# 
_pdbx_SG_project.id                    1 
_pdbx_SG_project.project_name          'PSI, Protein Structure Initiative' 
_pdbx_SG_project.full_name_of_center   'Midwest Center for Structural Genomics' 
_pdbx_SG_project.initial_of_center     MCSG 
# 
loop_
_pdbx_nonpoly_scheme.asym_id 
_pdbx_nonpoly_scheme.entity_id 
_pdbx_nonpoly_scheme.mon_id 
_pdbx_nonpoly_scheme.ndb_seq_num 
_pdbx_nonpoly_scheme.pdb_seq_num 
_pdbx_nonpoly_scheme.auth_seq_num 
_pdbx_nonpoly_scheme.pdb_mon_id 
_pdbx_nonpoly_scheme.auth_mon_id 
_pdbx_nonpoly_scheme.pdb_strand_id 
_pdbx_nonpoly_scheme.pdb_ins_code 
C 2 PO4 1  107 1   PO4 PO4 A . 
D 3 HOH 1  108 1   HOH HOH A . 
D 3 HOH 2  110 4   HOH HOH A . 
D 3 HOH 3  111 5   HOH HOH A . 
D 3 HOH 4  113 7   HOH HOH A . 
D 3 HOH 5  114 8   HOH HOH A . 
D 3 HOH 6  117 11  HOH HOH A . 
D 3 HOH 7  119 13  HOH HOH A . 
D 3 HOH 8  120 14  HOH HOH A . 
D 3 HOH 9  121 15  HOH HOH A . 
D 3 HOH 10 122 16  HOH HOH A . 
D 3 HOH 11 123 18  HOH HOH A . 
D 3 HOH 12 128 23  HOH HOH A . 
D 3 HOH 13 129 24  HOH HOH A . 
D 3 HOH 14 131 26  HOH HOH A . 
D 3 HOH 15 134 29  HOH HOH A . 
D 3 HOH 16 135 30  HOH HOH A . 
D 3 HOH 17 138 36  HOH HOH A . 
D 3 HOH 18 139 37  HOH HOH A . 
D 3 HOH 19 144 43  HOH HOH A . 
D 3 HOH 20 145 44  HOH HOH A . 
D 3 HOH 21 146 45  HOH HOH A . 
D 3 HOH 22 148 47  HOH HOH A . 
D 3 HOH 23 150 51  HOH HOH A . 
D 3 HOH 24 153 54  HOH HOH A . 
D 3 HOH 25 158 64  HOH HOH A . 
D 3 HOH 26 160 68  HOH HOH A . 
D 3 HOH 27 161 72  HOH HOH A . 
D 3 HOH 28 163 74  HOH HOH A . 
D 3 HOH 29 166 81  HOH HOH A . 
D 3 HOH 30 170 85  HOH HOH A . 
D 3 HOH 31 178 93  HOH HOH A . 
D 3 HOH 32 179 94  HOH HOH A . 
D 3 HOH 33 182 97  HOH HOH A . 
D 3 HOH 34 183 98  HOH HOH A . 
D 3 HOH 35 185 100 HOH HOH A . 
D 3 HOH 36 186 102 HOH HOH A . 
E 3 HOH 1  108 2   HOH HOH B . 
E 3 HOH 2  109 3   HOH HOH B . 
E 3 HOH 3  112 6   HOH HOH B . 
E 3 HOH 4  115 9   HOH HOH B . 
E 3 HOH 5  116 10  HOH HOH B . 
E 3 HOH 6  118 12  HOH HOH B . 
E 3 HOH 7  124 19  HOH HOH B . 
E 3 HOH 8  125 20  HOH HOH B . 
E 3 HOH 9  126 21  HOH HOH B . 
E 3 HOH 10 127 22  HOH HOH B . 
E 3 HOH 11 130 25  HOH HOH B . 
E 3 HOH 12 132 27  HOH HOH B . 
E 3 HOH 13 133 28  HOH HOH B . 
E 3 HOH 14 136 31  HOH HOH B . 
E 3 HOH 15 137 33  HOH HOH B . 
E 3 HOH 16 140 38  HOH HOH B . 
E 3 HOH 17 141 39  HOH HOH B . 
E 3 HOH 18 142 40  HOH HOH B . 
E 3 HOH 19 143 42  HOH HOH B . 
E 3 HOH 20 147 46  HOH HOH B . 
E 3 HOH 21 149 48  HOH HOH B . 
E 3 HOH 22 151 52  HOH HOH B . 
E 3 HOH 23 152 53  HOH HOH B . 
E 3 HOH 24 154 55  HOH HOH B . 
E 3 HOH 25 155 57  HOH HOH B . 
E 3 HOH 26 156 61  HOH HOH B . 
E 3 HOH 27 157 62  HOH HOH B . 
E 3 HOH 28 159 66  HOH HOH B . 
E 3 HOH 29 162 73  HOH HOH B . 
E 3 HOH 30 164 76  HOH HOH B . 
E 3 HOH 31 165 77  HOH HOH B . 
E 3 HOH 32 167 82  HOH HOH B . 
E 3 HOH 33 168 83  HOH HOH B . 
E 3 HOH 34 169 84  HOH HOH B . 
E 3 HOH 35 171 86  HOH HOH B . 
E 3 HOH 36 172 87  HOH HOH B . 
E 3 HOH 37 173 88  HOH HOH B . 
E 3 HOH 38 174 89  HOH HOH B . 
E 3 HOH 39 175 90  HOH HOH B . 
E 3 HOH 40 176 91  HOH HOH B . 
E 3 HOH 41 177 92  HOH HOH B . 
E 3 HOH 42 180 95  HOH HOH B . 
E 3 HOH 43 181 96  HOH HOH B . 
E 3 HOH 44 184 99  HOH HOH B . 
# 
loop_
_pdbx_struct_assembly.id 
_pdbx_struct_assembly.details 
_pdbx_struct_assembly.method_details 
_pdbx_struct_assembly.oligomeric_details 
_pdbx_struct_assembly.oligomeric_count 
1 author_and_software_defined_assembly PISA monomeric 1 
2 author_and_software_defined_assembly PISA monomeric 1 
# 
loop_
_pdbx_struct_assembly_gen.assembly_id 
_pdbx_struct_assembly_gen.oper_expression 
_pdbx_struct_assembly_gen.asym_id_list 
1 1 A,C,D 
2 1 B,E   
# 
_pdbx_struct_oper_list.id                   1 
_pdbx_struct_oper_list.type                 'identity operation' 
_pdbx_struct_oper_list.name                 1_555 
_pdbx_struct_oper_list.symmetry_operation   x,y,z 
_pdbx_struct_oper_list.matrix[1][1]         1.0000000000 
_pdbx_struct_oper_list.matrix[1][2]         0.0000000000 
_pdbx_struct_oper_list.matrix[1][3]         0.0000000000 
_pdbx_struct_oper_list.vector[1]            0.0000000000 
_pdbx_struct_oper_list.matrix[2][1]         0.0000000000 
_pdbx_struct_oper_list.matrix[2][2]         1.0000000000 
_pdbx_struct_oper_list.matrix[2][3]         0.0000000000 
_pdbx_struct_oper_list.vector[2]            0.0000000000 
_pdbx_struct_oper_list.matrix[3][1]         0.0000000000 
_pdbx_struct_oper_list.matrix[3][2]         0.0000000000 
_pdbx_struct_oper_list.matrix[3][3]         1.0000000000 
_pdbx_struct_oper_list.vector[3]            0.0000000000 
# 
_pdbx_struct_special_symmetry.id              1 
_pdbx_struct_special_symmetry.PDB_model_num   1 
_pdbx_struct_special_symmetry.auth_asym_id    B 
_pdbx_struct_special_symmetry.auth_comp_id    PHE 
_pdbx_struct_special_symmetry.auth_seq_id     19 
_pdbx_struct_special_symmetry.PDB_ins_code    ? 
_pdbx_struct_special_symmetry.label_asym_id   B 
_pdbx_struct_special_symmetry.label_comp_id   PHE 
_pdbx_struct_special_symmetry.label_seq_id    19 
# 
loop_
_pdbx_audit_revision_history.ordinal 
_pdbx_audit_revision_history.data_content_type 
_pdbx_audit_revision_history.major_revision 
_pdbx_audit_revision_history.minor_revision 
_pdbx_audit_revision_history.revision_date 
1 'Structure model' 1 0 2009-04-07 
2 'Structure model' 1 1 2011-07-13 
3 'Structure model' 1 2 2022-04-13 
4 'Structure model' 1 3 2023-09-06 
# 
_pdbx_audit_revision_details.ordinal             1 
_pdbx_audit_revision_details.revision_ordinal    1 
_pdbx_audit_revision_details.data_content_type   'Structure model' 
_pdbx_audit_revision_details.provider            repository 
_pdbx_audit_revision_details.type                'Initial release' 
_pdbx_audit_revision_details.description         ? 
_pdbx_audit_revision_details.details             ? 
# 
loop_
_pdbx_audit_revision_group.ordinal 
_pdbx_audit_revision_group.revision_ordinal 
_pdbx_audit_revision_group.data_content_type 
_pdbx_audit_revision_group.group 
1 2 'Structure model' Advisory                    
2 2 'Structure model' 'Refinement description'    
3 2 'Structure model' 'Source and taxonomy'       
4 2 'Structure model' 'Version format compliance' 
5 3 'Structure model' 'Database references'       
6 3 'Structure model' 'Derived calculations'      
7 3 'Structure model' 'Structure summary'         
8 4 'Structure model' 'Data collection'           
9 4 'Structure model' 'Refinement description'    
# 
loop_
_pdbx_audit_revision_category.ordinal 
_pdbx_audit_revision_category.revision_ordinal 
_pdbx_audit_revision_category.data_content_type 
_pdbx_audit_revision_category.category 
1 3 'Structure model' audit_author                  
2 3 'Structure model' citation_author               
3 3 'Structure model' database_2                    
4 3 'Structure model' struct_site                   
5 4 'Structure model' chem_comp_atom                
6 4 'Structure model' chem_comp_bond                
7 4 'Structure model' pdbx_initial_refinement_model 
# 
loop_
_pdbx_audit_revision_item.ordinal 
_pdbx_audit_revision_item.revision_ordinal 
_pdbx_audit_revision_item.data_content_type 
_pdbx_audit_revision_item.item 
1 3 'Structure model' '_audit_author.identifier_ORCID'      
2 3 'Structure model' '_citation_author.identifier_ORCID'   
3 3 'Structure model' '_database_2.pdbx_DOI'                
4 3 'Structure model' '_database_2.pdbx_database_accession' 
5 3 'Structure model' '_struct_site.pdbx_auth_asym_id'      
6 3 'Structure model' '_struct_site.pdbx_auth_comp_id'      
7 3 'Structure model' '_struct_site.pdbx_auth_seq_id'       
# 
loop_
_pdbx_refine_tls.pdbx_refine_id 
_pdbx_refine_tls.id 
_pdbx_refine_tls.details 
_pdbx_refine_tls.method 
_pdbx_refine_tls.origin_x 
_pdbx_refine_tls.origin_y 
_pdbx_refine_tls.origin_z 
_pdbx_refine_tls.T[1][1] 
_pdbx_refine_tls.T[2][2] 
_pdbx_refine_tls.T[3][3] 
_pdbx_refine_tls.T[1][2] 
_pdbx_refine_tls.T[1][3] 
_pdbx_refine_tls.T[2][3] 
_pdbx_refine_tls.L[1][1] 
_pdbx_refine_tls.L[2][2] 
_pdbx_refine_tls.L[3][3] 
_pdbx_refine_tls.L[1][2] 
_pdbx_refine_tls.L[1][3] 
_pdbx_refine_tls.L[2][3] 
_pdbx_refine_tls.S[1][1] 
_pdbx_refine_tls.S[2][2] 
_pdbx_refine_tls.S[3][3] 
_pdbx_refine_tls.S[1][2] 
_pdbx_refine_tls.S[1][3] 
_pdbx_refine_tls.S[2][3] 
_pdbx_refine_tls.S[2][1] 
_pdbx_refine_tls.S[3][1] 
_pdbx_refine_tls.S[3][2] 
'X-RAY DIFFRACTION' 1 ? refined 4.5148  -7.6732 9.2543  0.0861 0.0951 0.1239 0.0658 -0.0220 0.0071 1.8483 4.8635 5.0119 1.4167  -0.1769 -0.9667 0.0442  0.0724 -0.1167 -0.0007 -0.0317 -0.1405 -0.2384 0.1801  0.1314  
'X-RAY DIFFRACTION' 2 ? refined -4.0523 7.5556  -9.2939 0.0243 0.0268 0.0443 0.0028 -0.0102 0.0297 1.4376 4.0003 3.5672 -0.8335 0.7561  0.2480  -0.1043 0.0265 0.0777  -0.0377 0.0590  -0.0397 0.2393  -0.1469 -0.0444 
# 
loop_
_pdbx_refine_tls_group.pdbx_refine_id 
_pdbx_refine_tls_group.id 
_pdbx_refine_tls_group.refine_tls_id 
_pdbx_refine_tls_group.beg_auth_asym_id 
_pdbx_refine_tls_group.beg_auth_seq_id 
_pdbx_refine_tls_group.end_auth_asym_id 
_pdbx_refine_tls_group.end_auth_seq_id 
_pdbx_refine_tls_group.selection_details 
_pdbx_refine_tls_group.beg_label_asym_id 
_pdbx_refine_tls_group.beg_label_seq_id 
_pdbx_refine_tls_group.end_label_asym_id 
_pdbx_refine_tls_group.end_label_seq_id 
_pdbx_refine_tls_group.selection 
'X-RAY DIFFRACTION' 1 1 A 3 A 103 ? . . . . ? 
'X-RAY DIFFRACTION' 2 2 B 3 B 103 ? . . . . ? 
# 
loop_
_software.name 
_software.classification 
_software.version 
_software.citation_id 
_software.pdbx_ordinal 
HKL-3000 'data collection' .        ? 1 
HKL-3000 phasing           .        ? 2 
MOLREP   phasing           .        ? 3 
REFMAC   refinement        5.5.0062 ? 4 
HKL-2000 'data reduction'  .        ? 5 
HKL-2000 'data scaling'    .        ? 6 
CCP4     phasing           .        ? 7 
# 
loop_
_pdbx_validate_torsion.id 
_pdbx_validate_torsion.PDB_model_num 
_pdbx_validate_torsion.auth_comp_id 
_pdbx_validate_torsion.auth_asym_id 
_pdbx_validate_torsion.auth_seq_id 
_pdbx_validate_torsion.PDB_ins_code 
_pdbx_validate_torsion.label_alt_id 
_pdbx_validate_torsion.phi 
_pdbx_validate_torsion.psi 
1 1 LEU A 65 ? ? -100.06 51.97  
2 1 HIS A 80 ? ? -160.14 -57.23 
3 1 ASN B 14 ? ? 178.47  173.69 
4 1 ASP B 57 ? ? -165.75 4.81   
5 1 LEU B 65 ? ? -96.72  46.52  
6 1 HIS B 80 ? ? 73.57   -78.53 
# 
loop_
_pdbx_unobs_or_zero_occ_atoms.id 
_pdbx_unobs_or_zero_occ_atoms.PDB_model_num 
_pdbx_unobs_or_zero_occ_atoms.polymer_flag 
_pdbx_unobs_or_zero_occ_atoms.occupancy_flag 
_pdbx_unobs_or_zero_occ_atoms.auth_asym_id 
_pdbx_unobs_or_zero_occ_atoms.auth_comp_id 
_pdbx_unobs_or_zero_occ_atoms.auth_seq_id 
_pdbx_unobs_or_zero_occ_atoms.PDB_ins_code 
_pdbx_unobs_or_zero_occ_atoms.auth_atom_id 
_pdbx_unobs_or_zero_occ_atoms.label_alt_id 
_pdbx_unobs_or_zero_occ_atoms.label_asym_id 
_pdbx_unobs_or_zero_occ_atoms.label_comp_id 
_pdbx_unobs_or_zero_occ_atoms.label_seq_id 
_pdbx_unobs_or_zero_occ_atoms.label_atom_id 
1  1 Y 1 A ASN 14 ? CG  ? A ASN 14 CG  
2  1 Y 1 A ASN 14 ? OD1 ? A ASN 14 OD1 
3  1 Y 1 A ASN 14 ? ND2 ? A ASN 14 ND2 
4  1 Y 1 A ILE 15 ? CG1 ? A ILE 15 CG1 
5  1 Y 1 A ILE 15 ? CG2 ? A ILE 15 CG2 
6  1 Y 1 A ILE 15 ? CD1 ? A ILE 15 CD1 
7  1 Y 1 A ASP 57 ? CG  ? A ASP 57 CG  
8  1 Y 1 A ASP 57 ? OD1 ? A ASP 57 OD1 
9  1 Y 1 A ASP 57 ? OD2 ? A ASP 57 OD2 
10 1 Y 1 A ASN 58 ? CG  ? A ASN 58 CG  
11 1 Y 1 A ASN 58 ? OD1 ? A ASN 58 OD1 
12 1 Y 1 A ASN 58 ? ND2 ? A ASN 58 ND2 
13 1 Y 1 A GLU 79 ? CG  ? A GLU 79 CG  
14 1 Y 1 A GLU 79 ? CD  ? A GLU 79 CD  
15 1 Y 1 A GLU 79 ? OE1 ? A GLU 79 OE1 
16 1 Y 1 A GLU 79 ? OE2 ? A GLU 79 OE2 
17 1 Y 1 A HIS 80 ? CG  ? A HIS 80 CG  
18 1 Y 1 A HIS 80 ? ND1 ? A HIS 80 ND1 
19 1 Y 1 A HIS 80 ? CD2 ? A HIS 80 CD2 
20 1 Y 1 A HIS 80 ? CE1 ? A HIS 80 CE1 
21 1 Y 1 A HIS 80 ? NE2 ? A HIS 80 NE2 
22 1 Y 1 B MET 43 ? CG  ? B MET 43 CG  
23 1 Y 1 B MET 43 ? SD  ? B MET 43 SD  
24 1 Y 1 B MET 43 ? CE  ? B MET 43 CE  
25 1 Y 1 B LYS 68 ? CG  ? B LYS 68 CG  
26 1 Y 1 B LYS 68 ? CD  ? B LYS 68 CD  
27 1 Y 1 B LYS 68 ? CE  ? B LYS 68 CE  
28 1 Y 1 B LYS 68 ? NZ  ? B LYS 68 NZ  
29 1 Y 1 B ARG 76 ? CG  ? B ARG 76 CG  
30 1 Y 1 B ARG 76 ? CD  ? B ARG 76 CD  
31 1 Y 1 B ARG 76 ? NE  ? B ARG 76 NE  
32 1 Y 1 B ARG 76 ? CZ  ? B ARG 76 CZ  
33 1 Y 1 B ARG 76 ? NH1 ? B ARG 76 NH1 
34 1 Y 1 B ARG 76 ? NH2 ? B ARG 76 NH2 
35 1 Y 1 B GLU 79 ? CD  ? B GLU 79 CD  
36 1 Y 1 B GLU 79 ? OE1 ? B GLU 79 OE1 
37 1 Y 1 B GLU 79 ? OE2 ? B GLU 79 OE2 
# 
loop_
_pdbx_unobs_or_zero_occ_residues.id 
_pdbx_unobs_or_zero_occ_residues.PDB_model_num 
_pdbx_unobs_or_zero_occ_residues.polymer_flag 
_pdbx_unobs_or_zero_occ_residues.occupancy_flag 
_pdbx_unobs_or_zero_occ_residues.auth_asym_id 
_pdbx_unobs_or_zero_occ_residues.auth_comp_id 
_pdbx_unobs_or_zero_occ_residues.auth_seq_id 
_pdbx_unobs_or_zero_occ_residues.PDB_ins_code 
_pdbx_unobs_or_zero_occ_residues.label_asym_id 
_pdbx_unobs_or_zero_occ_residues.label_comp_id 
_pdbx_unobs_or_zero_occ_residues.label_seq_id 
1  1 Y 1 A GLN 1   ? A GLN 1   
2  1 Y 1 A PRO 2   ? A PRO 2   
3  1 Y 1 A GLY 12  ? A GLY 12  
4  1 Y 1 A ALA 104 ? A ALA 104 
5  1 Y 1 A PRO 105 ? A PRO 105 
6  1 Y 1 A SER 106 ? A SER 106 
7  1 Y 1 B GLN 1   ? B GLN 1   
8  1 Y 1 B PRO 2   ? B PRO 2   
9  1 Y 1 B ALA 104 ? B ALA 104 
10 1 Y 1 B PRO 105 ? B PRO 105 
11 1 Y 1 B SER 106 ? B SER 106 
# 
loop_
_chem_comp_atom.comp_id 
_chem_comp_atom.atom_id 
_chem_comp_atom.type_symbol 
_chem_comp_atom.pdbx_aromatic_flag 
_chem_comp_atom.pdbx_stereo_config 
_chem_comp_atom.pdbx_ordinal 
ALA N    N N N 1   
ALA CA   C N S 2   
ALA C    C N N 3   
ALA O    O N N 4   
ALA CB   C N N 5   
ALA OXT  O N N 6   
ALA H    H N N 7   
ALA H2   H N N 8   
ALA HA   H N N 9   
ALA HB1  H N N 10  
ALA HB2  H N N 11  
ALA HB3  H N N 12  
ALA HXT  H N N 13  
ARG N    N N N 14  
ARG CA   C N S 15  
ARG C    C N N 16  
ARG O    O N N 17  
ARG CB   C N N 18  
ARG CG   C N N 19  
ARG CD   C N N 20  
ARG NE   N N N 21  
ARG CZ   C N N 22  
ARG NH1  N N N 23  
ARG NH2  N N N 24  
ARG OXT  O N N 25  
ARG H    H N N 26  
ARG H2   H N N 27  
ARG HA   H N N 28  
ARG HB2  H N N 29  
ARG HB3  H N N 30  
ARG HG2  H N N 31  
ARG HG3  H N N 32  
ARG HD2  H N N 33  
ARG HD3  H N N 34  
ARG HE   H N N 35  
ARG HH11 H N N 36  
ARG HH12 H N N 37  
ARG HH21 H N N 38  
ARG HH22 H N N 39  
ARG HXT  H N N 40  
ASN N    N N N 41  
ASN CA   C N S 42  
ASN C    C N N 43  
ASN O    O N N 44  
ASN CB   C N N 45  
ASN CG   C N N 46  
ASN OD1  O N N 47  
ASN ND2  N N N 48  
ASN OXT  O N N 49  
ASN H    H N N 50  
ASN H2   H N N 51  
ASN HA   H N N 52  
ASN HB2  H N N 53  
ASN HB3  H N N 54  
ASN HD21 H N N 55  
ASN HD22 H N N 56  
ASN HXT  H N N 57  
ASP N    N N N 58  
ASP CA   C N S 59  
ASP C    C N N 60  
ASP O    O N N 61  
ASP CB   C N N 62  
ASP CG   C N N 63  
ASP OD1  O N N 64  
ASP OD2  O N N 65  
ASP OXT  O N N 66  
ASP H    H N N 67  
ASP H2   H N N 68  
ASP HA   H N N 69  
ASP HB2  H N N 70  
ASP HB3  H N N 71  
ASP HD2  H N N 72  
ASP HXT  H N N 73  
GLN N    N N N 74  
GLN CA   C N S 75  
GLN C    C N N 76  
GLN O    O N N 77  
GLN CB   C N N 78  
GLN CG   C N N 79  
GLN CD   C N N 80  
GLN OE1  O N N 81  
GLN NE2  N N N 82  
GLN OXT  O N N 83  
GLN H    H N N 84  
GLN H2   H N N 85  
GLN HA   H N N 86  
GLN HB2  H N N 87  
GLN HB3  H N N 88  
GLN HG2  H N N 89  
GLN HG3  H N N 90  
GLN HE21 H N N 91  
GLN HE22 H N N 92  
GLN HXT  H N N 93  
GLU N    N N N 94  
GLU CA   C N S 95  
GLU C    C N N 96  
GLU O    O N N 97  
GLU CB   C N N 98  
GLU CG   C N N 99  
GLU CD   C N N 100 
GLU OE1  O N N 101 
GLU OE2  O N N 102 
GLU OXT  O N N 103 
GLU H    H N N 104 
GLU H2   H N N 105 
GLU HA   H N N 106 
GLU HB2  H N N 107 
GLU HB3  H N N 108 
GLU HG2  H N N 109 
GLU HG3  H N N 110 
GLU HE2  H N N 111 
GLU HXT  H N N 112 
GLY N    N N N 113 
GLY CA   C N N 114 
GLY C    C N N 115 
GLY O    O N N 116 
GLY OXT  O N N 117 
GLY H    H N N 118 
GLY H2   H N N 119 
GLY HA2  H N N 120 
GLY HA3  H N N 121 
GLY HXT  H N N 122 
HIS N    N N N 123 
HIS CA   C N S 124 
HIS C    C N N 125 
HIS O    O N N 126 
HIS CB   C N N 127 
HIS CG   C Y N 128 
HIS ND1  N Y N 129 
HIS CD2  C Y N 130 
HIS CE1  C Y N 131 
HIS NE2  N Y N 132 
HIS OXT  O N N 133 
HIS H    H N N 134 
HIS H2   H N N 135 
HIS HA   H N N 136 
HIS HB2  H N N 137 
HIS HB3  H N N 138 
HIS HD1  H N N 139 
HIS HD2  H N N 140 
HIS HE1  H N N 141 
HIS HE2  H N N 142 
HIS HXT  H N N 143 
HOH O    O N N 144 
HOH H1   H N N 145 
HOH H2   H N N 146 
ILE N    N N N 147 
ILE CA   C N S 148 
ILE C    C N N 149 
ILE O    O N N 150 
ILE CB   C N S 151 
ILE CG1  C N N 152 
ILE CG2  C N N 153 
ILE CD1  C N N 154 
ILE OXT  O N N 155 
ILE H    H N N 156 
ILE H2   H N N 157 
ILE HA   H N N 158 
ILE HB   H N N 159 
ILE HG12 H N N 160 
ILE HG13 H N N 161 
ILE HG21 H N N 162 
ILE HG22 H N N 163 
ILE HG23 H N N 164 
ILE HD11 H N N 165 
ILE HD12 H N N 166 
ILE HD13 H N N 167 
ILE HXT  H N N 168 
LEU N    N N N 169 
LEU CA   C N S 170 
LEU C    C N N 171 
LEU O    O N N 172 
LEU CB   C N N 173 
LEU CG   C N N 174 
LEU CD1  C N N 175 
LEU CD2  C N N 176 
LEU OXT  O N N 177 
LEU H    H N N 178 
LEU H2   H N N 179 
LEU HA   H N N 180 
LEU HB2  H N N 181 
LEU HB3  H N N 182 
LEU HG   H N N 183 
LEU HD11 H N N 184 
LEU HD12 H N N 185 
LEU HD13 H N N 186 
LEU HD21 H N N 187 
LEU HD22 H N N 188 
LEU HD23 H N N 189 
LEU HXT  H N N 190 
LYS N    N N N 191 
LYS CA   C N S 192 
LYS C    C N N 193 
LYS O    O N N 194 
LYS CB   C N N 195 
LYS CG   C N N 196 
LYS CD   C N N 197 
LYS CE   C N N 198 
LYS NZ   N N N 199 
LYS OXT  O N N 200 
LYS H    H N N 201 
LYS H2   H N N 202 
LYS HA   H N N 203 
LYS HB2  H N N 204 
LYS HB3  H N N 205 
LYS HG2  H N N 206 
LYS HG3  H N N 207 
LYS HD2  H N N 208 
LYS HD3  H N N 209 
LYS HE2  H N N 210 
LYS HE3  H N N 211 
LYS HZ1  H N N 212 
LYS HZ2  H N N 213 
LYS HZ3  H N N 214 
LYS HXT  H N N 215 
MET N    N N N 216 
MET CA   C N S 217 
MET C    C N N 218 
MET O    O N N 219 
MET CB   C N N 220 
MET CG   C N N 221 
MET SD   S N N 222 
MET CE   C N N 223 
MET OXT  O N N 224 
MET H    H N N 225 
MET H2   H N N 226 
MET HA   H N N 227 
MET HB2  H N N 228 
MET HB3  H N N 229 
MET HG2  H N N 230 
MET HG3  H N N 231 
MET HE1  H N N 232 
MET HE2  H N N 233 
MET HE3  H N N 234 
MET HXT  H N N 235 
PHE N    N N N 236 
PHE CA   C N S 237 
PHE C    C N N 238 
PHE O    O N N 239 
PHE CB   C N N 240 
PHE CG   C Y N 241 
PHE CD1  C Y N 242 
PHE CD2  C Y N 243 
PHE CE1  C Y N 244 
PHE CE2  C Y N 245 
PHE CZ   C Y N 246 
PHE OXT  O N N 247 
PHE H    H N N 248 
PHE H2   H N N 249 
PHE HA   H N N 250 
PHE HB2  H N N 251 
PHE HB3  H N N 252 
PHE HD1  H N N 253 
PHE HD2  H N N 254 
PHE HE1  H N N 255 
PHE HE2  H N N 256 
PHE HZ   H N N 257 
PHE HXT  H N N 258 
PO4 P    P N N 259 
PO4 O1   O N N 260 
PO4 O2   O N N 261 
PO4 O3   O N N 262 
PO4 O4   O N N 263 
PRO N    N N N 264 
PRO CA   C N S 265 
PRO C    C N N 266 
PRO O    O N N 267 
PRO CB   C N N 268 
PRO CG   C N N 269 
PRO CD   C N N 270 
PRO OXT  O N N 271 
PRO H    H N N 272 
PRO HA   H N N 273 
PRO HB2  H N N 274 
PRO HB3  H N N 275 
PRO HG2  H N N 276 
PRO HG3  H N N 277 
PRO HD2  H N N 278 
PRO HD3  H N N 279 
PRO HXT  H N N 280 
SER N    N N N 281 
SER CA   C N S 282 
SER C    C N N 283 
SER O    O N N 284 
SER CB   C N N 285 
SER OG   O N N 286 
SER OXT  O N N 287 
SER H    H N N 288 
SER H2   H N N 289 
SER HA   H N N 290 
SER HB2  H N N 291 
SER HB3  H N N 292 
SER HG   H N N 293 
SER HXT  H N N 294 
THR N    N N N 295 
THR CA   C N S 296 
THR C    C N N 297 
THR O    O N N 298 
THR CB   C N R 299 
THR OG1  O N N 300 
THR CG2  C N N 301 
THR OXT  O N N 302 
THR H    H N N 303 
THR H2   H N N 304 
THR HA   H N N 305 
THR HB   H N N 306 
THR HG1  H N N 307 
THR HG21 H N N 308 
THR HG22 H N N 309 
THR HG23 H N N 310 
THR HXT  H N N 311 
TYR N    N N N 312 
TYR CA   C N S 313 
TYR C    C N N 314 
TYR O    O N N 315 
TYR CB   C N N 316 
TYR CG   C Y N 317 
TYR CD1  C Y N 318 
TYR CD2  C Y N 319 
TYR CE1  C Y N 320 
TYR CE2  C Y N 321 
TYR CZ   C Y N 322 
TYR OH   O N N 323 
TYR OXT  O N N 324 
TYR H    H N N 325 
TYR H2   H N N 326 
TYR HA   H N N 327 
TYR HB2  H N N 328 
TYR HB3  H N N 329 
TYR HD1  H N N 330 
TYR HD2  H N N 331 
TYR HE1  H N N 332 
TYR HE2  H N N 333 
TYR HH   H N N 334 
TYR HXT  H N N 335 
VAL N    N N N 336 
VAL CA   C N S 337 
VAL C    C N N 338 
VAL O    O N N 339 
VAL CB   C N N 340 
VAL CG1  C N N 341 
VAL CG2  C N N 342 
VAL OXT  O N N 343 
VAL H    H N N 344 
VAL H2   H N N 345 
VAL HA   H N N 346 
VAL HB   H N N 347 
VAL HG11 H N N 348 
VAL HG12 H N N 349 
VAL HG13 H N N 350 
VAL HG21 H N N 351 
VAL HG22 H N N 352 
VAL HG23 H N N 353 
VAL HXT  H N N 354 
# 
loop_
_chem_comp_bond.comp_id 
_chem_comp_bond.atom_id_1 
_chem_comp_bond.atom_id_2 
_chem_comp_bond.value_order 
_chem_comp_bond.pdbx_aromatic_flag 
_chem_comp_bond.pdbx_stereo_config 
_chem_comp_bond.pdbx_ordinal 
ALA N   CA   sing N N 1   
ALA N   H    sing N N 2   
ALA N   H2   sing N N 3   
ALA CA  C    sing N N 4   
ALA CA  CB   sing N N 5   
ALA CA  HA   sing N N 6   
ALA C   O    doub N N 7   
ALA C   OXT  sing N N 8   
ALA CB  HB1  sing N N 9   
ALA CB  HB2  sing N N 10  
ALA CB  HB3  sing N N 11  
ALA OXT HXT  sing N N 12  
ARG N   CA   sing N N 13  
ARG N   H    sing N N 14  
ARG N   H2   sing N N 15  
ARG CA  C    sing N N 16  
ARG CA  CB   sing N N 17  
ARG CA  HA   sing N N 18  
ARG C   O    doub N N 19  
ARG C   OXT  sing N N 20  
ARG CB  CG   sing N N 21  
ARG CB  HB2  sing N N 22  
ARG CB  HB3  sing N N 23  
ARG CG  CD   sing N N 24  
ARG CG  HG2  sing N N 25  
ARG CG  HG3  sing N N 26  
ARG CD  NE   sing N N 27  
ARG CD  HD2  sing N N 28  
ARG CD  HD3  sing N N 29  
ARG NE  CZ   sing N N 30  
ARG NE  HE   sing N N 31  
ARG CZ  NH1  sing N N 32  
ARG CZ  NH2  doub N N 33  
ARG NH1 HH11 sing N N 34  
ARG NH1 HH12 sing N N 35  
ARG NH2 HH21 sing N N 36  
ARG NH2 HH22 sing N N 37  
ARG OXT HXT  sing N N 38  
ASN N   CA   sing N N 39  
ASN N   H    sing N N 40  
ASN N   H2   sing N N 41  
ASN CA  C    sing N N 42  
ASN CA  CB   sing N N 43  
ASN CA  HA   sing N N 44  
ASN C   O    doub N N 45  
ASN C   OXT  sing N N 46  
ASN CB  CG   sing N N 47  
ASN CB  HB2  sing N N 48  
ASN CB  HB3  sing N N 49  
ASN CG  OD1  doub N N 50  
ASN CG  ND2  sing N N 51  
ASN ND2 HD21 sing N N 52  
ASN ND2 HD22 sing N N 53  
ASN OXT HXT  sing N N 54  
ASP N   CA   sing N N 55  
ASP N   H    sing N N 56  
ASP N   H2   sing N N 57  
ASP CA  C    sing N N 58  
ASP CA  CB   sing N N 59  
ASP CA  HA   sing N N 60  
ASP C   O    doub N N 61  
ASP C   OXT  sing N N 62  
ASP CB  CG   sing N N 63  
ASP CB  HB2  sing N N 64  
ASP CB  HB3  sing N N 65  
ASP CG  OD1  doub N N 66  
ASP CG  OD2  sing N N 67  
ASP OD2 HD2  sing N N 68  
ASP OXT HXT  sing N N 69  
GLN N   CA   sing N N 70  
GLN N   H    sing N N 71  
GLN N   H2   sing N N 72  
GLN CA  C    sing N N 73  
GLN CA  CB   sing N N 74  
GLN CA  HA   sing N N 75  
GLN C   O    doub N N 76  
GLN C   OXT  sing N N 77  
GLN CB  CG   sing N N 78  
GLN CB  HB2  sing N N 79  
GLN CB  HB3  sing N N 80  
GLN CG  CD   sing N N 81  
GLN CG  HG2  sing N N 82  
GLN CG  HG3  sing N N 83  
GLN CD  OE1  doub N N 84  
GLN CD  NE2  sing N N 85  
GLN NE2 HE21 sing N N 86  
GLN NE2 HE22 sing N N 87  
GLN OXT HXT  sing N N 88  
GLU N   CA   sing N N 89  
GLU N   H    sing N N 90  
GLU N   H2   sing N N 91  
GLU CA  C    sing N N 92  
GLU CA  CB   sing N N 93  
GLU CA  HA   sing N N 94  
GLU C   O    doub N N 95  
GLU C   OXT  sing N N 96  
GLU CB  CG   sing N N 97  
GLU CB  HB2  sing N N 98  
GLU CB  HB3  sing N N 99  
GLU CG  CD   sing N N 100 
GLU CG  HG2  sing N N 101 
GLU CG  HG3  sing N N 102 
GLU CD  OE1  doub N N 103 
GLU CD  OE2  sing N N 104 
GLU OE2 HE2  sing N N 105 
GLU OXT HXT  sing N N 106 
GLY N   CA   sing N N 107 
GLY N   H    sing N N 108 
GLY N   H2   sing N N 109 
GLY CA  C    sing N N 110 
GLY CA  HA2  sing N N 111 
GLY CA  HA3  sing N N 112 
GLY C   O    doub N N 113 
GLY C   OXT  sing N N 114 
GLY OXT HXT  sing N N 115 
HIS N   CA   sing N N 116 
HIS N   H    sing N N 117 
HIS N   H2   sing N N 118 
HIS CA  C    sing N N 119 
HIS CA  CB   sing N N 120 
HIS CA  HA   sing N N 121 
HIS C   O    doub N N 122 
HIS C   OXT  sing N N 123 
HIS CB  CG   sing N N 124 
HIS CB  HB2  sing N N 125 
HIS CB  HB3  sing N N 126 
HIS CG  ND1  sing Y N 127 
HIS CG  CD2  doub Y N 128 
HIS ND1 CE1  doub Y N 129 
HIS ND1 HD1  sing N N 130 
HIS CD2 NE2  sing Y N 131 
HIS CD2 HD2  sing N N 132 
HIS CE1 NE2  sing Y N 133 
HIS CE1 HE1  sing N N 134 
HIS NE2 HE2  sing N N 135 
HIS OXT HXT  sing N N 136 
HOH O   H1   sing N N 137 
HOH O   H2   sing N N 138 
ILE N   CA   sing N N 139 
ILE N   H    sing N N 140 
ILE N   H2   sing N N 141 
ILE CA  C    sing N N 142 
ILE CA  CB   sing N N 143 
ILE CA  HA   sing N N 144 
ILE C   O    doub N N 145 
ILE C   OXT  sing N N 146 
ILE CB  CG1  sing N N 147 
ILE CB  CG2  sing N N 148 
ILE CB  HB   sing N N 149 
ILE CG1 CD1  sing N N 150 
ILE CG1 HG12 sing N N 151 
ILE CG1 HG13 sing N N 152 
ILE CG2 HG21 sing N N 153 
ILE CG2 HG22 sing N N 154 
ILE CG2 HG23 sing N N 155 
ILE CD1 HD11 sing N N 156 
ILE CD1 HD12 sing N N 157 
ILE CD1 HD13 sing N N 158 
ILE OXT HXT  sing N N 159 
LEU N   CA   sing N N 160 
LEU N   H    sing N N 161 
LEU N   H2   sing N N 162 
LEU CA  C    sing N N 163 
LEU CA  CB   sing N N 164 
LEU CA  HA   sing N N 165 
LEU C   O    doub N N 166 
LEU C   OXT  sing N N 167 
LEU CB  CG   sing N N 168 
LEU CB  HB2  sing N N 169 
LEU CB  HB3  sing N N 170 
LEU CG  CD1  sing N N 171 
LEU CG  CD2  sing N N 172 
LEU CG  HG   sing N N 173 
LEU CD1 HD11 sing N N 174 
LEU CD1 HD12 sing N N 175 
LEU CD1 HD13 sing N N 176 
LEU CD2 HD21 sing N N 177 
LEU CD2 HD22 sing N N 178 
LEU CD2 HD23 sing N N 179 
LEU OXT HXT  sing N N 180 
LYS N   CA   sing N N 181 
LYS N   H    sing N N 182 
LYS N   H2   sing N N 183 
LYS CA  C    sing N N 184 
LYS CA  CB   sing N N 185 
LYS CA  HA   sing N N 186 
LYS C   O    doub N N 187 
LYS C   OXT  sing N N 188 
LYS CB  CG   sing N N 189 
LYS CB  HB2  sing N N 190 
LYS CB  HB3  sing N N 191 
LYS CG  CD   sing N N 192 
LYS CG  HG2  sing N N 193 
LYS CG  HG3  sing N N 194 
LYS CD  CE   sing N N 195 
LYS CD  HD2  sing N N 196 
LYS CD  HD3  sing N N 197 
LYS CE  NZ   sing N N 198 
LYS CE  HE2  sing N N 199 
LYS CE  HE3  sing N N 200 
LYS NZ  HZ1  sing N N 201 
LYS NZ  HZ2  sing N N 202 
LYS NZ  HZ3  sing N N 203 
LYS OXT HXT  sing N N 204 
MET N   CA   sing N N 205 
MET N   H    sing N N 206 
MET N   H2   sing N N 207 
MET CA  C    sing N N 208 
MET CA  CB   sing N N 209 
MET CA  HA   sing N N 210 
MET C   O    doub N N 211 
MET C   OXT  sing N N 212 
MET CB  CG   sing N N 213 
MET CB  HB2  sing N N 214 
MET CB  HB3  sing N N 215 
MET CG  SD   sing N N 216 
MET CG  HG2  sing N N 217 
MET CG  HG3  sing N N 218 
MET SD  CE   sing N N 219 
MET CE  HE1  sing N N 220 
MET CE  HE2  sing N N 221 
MET CE  HE3  sing N N 222 
MET OXT HXT  sing N N 223 
PHE N   CA   sing N N 224 
PHE N   H    sing N N 225 
PHE N   H2   sing N N 226 
PHE CA  C    sing N N 227 
PHE CA  CB   sing N N 228 
PHE CA  HA   sing N N 229 
PHE C   O    doub N N 230 
PHE C   OXT  sing N N 231 
PHE CB  CG   sing N N 232 
PHE CB  HB2  sing N N 233 
PHE CB  HB3  sing N N 234 
PHE CG  CD1  doub Y N 235 
PHE CG  CD2  sing Y N 236 
PHE CD1 CE1  sing Y N 237 
PHE CD1 HD1  sing N N 238 
PHE CD2 CE2  doub Y N 239 
PHE CD2 HD2  sing N N 240 
PHE CE1 CZ   doub Y N 241 
PHE CE1 HE1  sing N N 242 
PHE CE2 CZ   sing Y N 243 
PHE CE2 HE2  sing N N 244 
PHE CZ  HZ   sing N N 245 
PHE OXT HXT  sing N N 246 
PO4 P   O1   doub N N 247 
PO4 P   O2   sing N N 248 
PO4 P   O3   sing N N 249 
PO4 P   O4   sing N N 250 
PRO N   CA   sing N N 251 
PRO N   CD   sing N N 252 
PRO N   H    sing N N 253 
PRO CA  C    sing N N 254 
PRO CA  CB   sing N N 255 
PRO CA  HA   sing N N 256 
PRO C   O    doub N N 257 
PRO C   OXT  sing N N 258 
PRO CB  CG   sing N N 259 
PRO CB  HB2  sing N N 260 
PRO CB  HB3  sing N N 261 
PRO CG  CD   sing N N 262 
PRO CG  HG2  sing N N 263 
PRO CG  HG3  sing N N 264 
PRO CD  HD2  sing N N 265 
PRO CD  HD3  sing N N 266 
PRO OXT HXT  sing N N 267 
SER N   CA   sing N N 268 
SER N   H    sing N N 269 
SER N   H2   sing N N 270 
SER CA  C    sing N N 271 
SER CA  CB   sing N N 272 
SER CA  HA   sing N N 273 
SER C   O    doub N N 274 
SER C   OXT  sing N N 275 
SER CB  OG   sing N N 276 
SER CB  HB2  sing N N 277 
SER CB  HB3  sing N N 278 
SER OG  HG   sing N N 279 
SER OXT HXT  sing N N 280 
THR N   CA   sing N N 281 
THR N   H    sing N N 282 
THR N   H2   sing N N 283 
THR CA  C    sing N N 284 
THR CA  CB   sing N N 285 
THR CA  HA   sing N N 286 
THR C   O    doub N N 287 
THR C   OXT  sing N N 288 
THR CB  OG1  sing N N 289 
THR CB  CG2  sing N N 290 
THR CB  HB   sing N N 291 
THR OG1 HG1  sing N N 292 
THR CG2 HG21 sing N N 293 
THR CG2 HG22 sing N N 294 
THR CG2 HG23 sing N N 295 
THR OXT HXT  sing N N 296 
TYR N   CA   sing N N 297 
TYR N   H    sing N N 298 
TYR N   H2   sing N N 299 
TYR CA  C    sing N N 300 
TYR CA  CB   sing N N 301 
TYR CA  HA   sing N N 302 
TYR C   O    doub N N 303 
TYR C   OXT  sing N N 304 
TYR CB  CG   sing N N 305 
TYR CB  HB2  sing N N 306 
TYR CB  HB3  sing N N 307 
TYR CG  CD1  doub Y N 308 
TYR CG  CD2  sing Y N 309 
TYR CD1 CE1  sing Y N 310 
TYR CD1 HD1  sing N N 311 
TYR CD2 CE2  doub Y N 312 
TYR CD2 HD2  sing N N 313 
TYR CE1 CZ   doub Y N 314 
TYR CE1 HE1  sing N N 315 
TYR CE2 CZ   sing Y N 316 
TYR CE2 HE2  sing N N 317 
TYR CZ  OH   sing N N 318 
TYR OH  HH   sing N N 319 
TYR OXT HXT  sing N N 320 
VAL N   CA   sing N N 321 
VAL N   H    sing N N 322 
VAL N   H2   sing N N 323 
VAL CA  C    sing N N 324 
VAL CA  CB   sing N N 325 
VAL CA  HA   sing N N 326 
VAL C   O    doub N N 327 
VAL C   OXT  sing N N 328 
VAL CB  CG1  sing N N 329 
VAL CB  CG2  sing N N 330 
VAL CB  HB   sing N N 331 
VAL CG1 HG11 sing N N 332 
VAL CG1 HG12 sing N N 333 
VAL CG1 HG13 sing N N 334 
VAL CG2 HG21 sing N N 335 
VAL CG2 HG22 sing N N 336 
VAL CG2 HG23 sing N N 337 
VAL OXT HXT  sing N N 338 
# 
loop_
_pdbx_entity_nonpoly.entity_id 
_pdbx_entity_nonpoly.name 
_pdbx_entity_nonpoly.comp_id 
2 'PHOSPHATE ION' PO4 
3 water           HOH 
# 
_pdbx_initial_refinement_model.id               1 
_pdbx_initial_refinement_model.entity_id_list   ? 
_pdbx_initial_refinement_model.type             'experimental model' 
_pdbx_initial_refinement_model.source_name      PDB 
_pdbx_initial_refinement_model.accession_code   2FF4 
_pdbx_initial_refinement_model.details          'PDB entry 2FF4' 
# 
